data_5PZV
#
_entry.id   5PZV
#
_cell.length_a   67.618
_cell.length_b   83.409
_cell.length_c   277.065
_cell.angle_alpha   90.000
_cell.angle_beta   90.000
_cell.angle_gamma   90.000
#
_symmetry.space_group_name_H-M   'P 21 21 21'
#
loop_
_entity.id
_entity.type
_entity.pdbx_description
1 polymer 'Fructose-1,6-bisphosphatase 1'
2 non-polymer N-[(4-bromopyridin-2-yl)carbamoyl]-4-chlorobenzene-1-sulfonamide
3 water water
#
_entity_poly.entity_id   1
_entity_poly.type   'polypeptide(L)'
_entity_poly.pdbx_seq_one_letter_code
;MADQAPFDTDVNTLTRFVMEEGRKARGTGELTQLLNSLCTAVKAISSAVRKAGIAHLYGIAGSTNVTGDQVKKLDVLSND
LVMNMLKSSFATCVLVSEEDKHAIIVEPEKRGKYVVCFDPLDGSSNIDCLVSVGTIFGIYRKKSTDEPSEKDALQPGRNL
VAAGYALYGSATMLVLAMDCGVNCFMLDPAIGEFILVDKDVKIKKKGKIYSLNEGYAKDFDPAVTEYIQRKKFPPDNSAP
YGARYVGSMVADVHRTLVYGGIFLYPANKKSPNGKLRLLYECNPMAYVMEKAGGMATTGKEAVLDVIPTDIHQRAPVILG
SPDDVLEFLKVYEKHSAQ
;
_entity_poly.pdbx_strand_id   A,B,C,D
#
loop_
_chem_comp.id
_chem_comp.type
_chem_comp.name
_chem_comp.formula
94G non-polymer N-[(4-bromopyridin-2-yl)carbamoyl]-4-chlorobenzene-1-sulfonamide 'C12 H9 Br Cl N3 O3 S'
#
# COMPACT_ATOMS: atom_id res chain seq x y z
N ASP A 10 -4.45 -25.39 1.35
CA ASP A 10 -3.58 -24.67 2.27
C ASP A 10 -2.87 -23.57 1.51
N VAL A 11 -2.89 -22.35 2.05
CA VAL A 11 -2.13 -21.28 1.45
C VAL A 11 -0.65 -21.59 1.61
N ASN A 12 0.16 -21.06 0.71
CA ASN A 12 1.59 -21.23 0.83
C ASN A 12 2.27 -19.97 0.37
N THR A 13 3.32 -19.58 1.09
CA THR A 13 4.13 -18.41 0.79
C THR A 13 5.53 -18.84 0.41
N LEU A 14 6.29 -17.88 -0.12
CA LEU A 14 7.65 -18.14 -0.57
C LEU A 14 8.54 -18.61 0.56
N THR A 15 8.57 -17.84 1.65
CA THR A 15 9.47 -18.16 2.75
C THR A 15 9.10 -19.50 3.39
N ARG A 16 7.81 -19.74 3.56
CA ARG A 16 7.35 -21.02 4.10
C ARG A 16 7.70 -22.17 3.17
N PHE A 17 7.48 -22.00 1.86
CA PHE A 17 7.85 -23.01 0.89
C PHE A 17 9.34 -23.34 0.95
N VAL A 18 10.19 -22.32 0.98
CA VAL A 18 11.63 -22.55 0.98
C VAL A 18 12.06 -23.25 2.26
N MET A 19 11.45 -22.87 3.39
CA MET A 19 11.77 -23.50 4.68
C MET A 19 11.47 -24.99 4.66
N GLU A 20 10.28 -25.36 4.19
CA GLU A 20 9.89 -26.77 4.17
C GLU A 20 10.78 -27.57 3.24
N GLU A 21 11.06 -27.03 2.04
CA GLU A 21 11.95 -27.74 1.12
C GLU A 21 13.35 -27.86 1.72
N GLY A 22 13.79 -26.81 2.42
CA GLY A 22 15.08 -26.86 3.09
C GLY A 22 15.10 -27.85 4.23
N ARG A 23 14.02 -27.92 5.00
CA ARG A 23 13.94 -28.92 6.05
C ARG A 23 13.88 -30.32 5.48
N LYS A 24 13.26 -30.48 4.31
CA LYS A 24 13.31 -31.77 3.62
C LYS A 24 14.75 -32.14 3.31
N ALA A 25 15.49 -31.21 2.72
CA ALA A 25 16.88 -31.42 2.35
C ALA A 25 17.81 -31.43 3.55
N ARG A 26 17.33 -31.03 4.73
CA ARG A 26 18.15 -31.02 5.95
C ARG A 26 19.41 -30.19 5.79
N GLY A 27 19.29 -29.05 5.08
CA GLY A 27 20.40 -28.15 4.90
C GLY A 27 20.66 -27.29 6.12
N THR A 28 21.71 -26.47 6.03
CA THR A 28 22.10 -25.60 7.13
C THR A 28 21.19 -24.38 7.30
N GLY A 29 20.34 -24.06 6.33
CA GLY A 29 19.56 -22.85 6.44
C GLY A 29 20.18 -21.64 5.76
N GLU A 30 21.39 -21.76 5.23
CA GLU A 30 22.01 -20.61 4.59
C GLU A 30 21.28 -20.23 3.32
N LEU A 31 20.89 -21.23 2.51
CA LEU A 31 20.16 -20.93 1.28
C LEU A 31 18.81 -20.32 1.58
N THR A 32 18.14 -20.81 2.63
CA THR A 32 16.87 -20.22 3.01
C THR A 32 17.05 -18.76 3.39
N GLN A 33 18.10 -18.46 4.16
CA GLN A 33 18.38 -17.09 4.57
C GLN A 33 18.67 -16.20 3.36
N LEU A 34 19.46 -16.70 2.42
CA LEU A 34 19.75 -15.97 1.19
C LEU A 34 18.46 -15.63 0.45
N LEU A 35 17.62 -16.63 0.20
CA LEU A 35 16.41 -16.40 -0.59
C LEU A 35 15.43 -15.47 0.11
N ASN A 36 15.33 -15.58 1.44
CA ASN A 36 14.45 -14.68 2.16
C ASN A 36 14.96 -13.24 2.07
N SER A 37 16.28 -13.04 2.17
CA SER A 37 16.86 -11.70 1.99
C SER A 37 16.61 -11.17 0.59
N LEU A 38 16.75 -12.03 -0.43
CA LEU A 38 16.46 -11.61 -1.79
C LEU A 38 15.00 -11.21 -1.95
N CYS A 39 14.10 -12.00 -1.38
CA CYS A 39 12.66 -11.70 -1.39
C CYS A 39 12.38 -10.32 -0.82
N THR A 40 13.04 -9.95 0.28
CA THR A 40 12.91 -8.61 0.82
C THR A 40 13.38 -7.56 -0.18
N ALA A 41 14.52 -7.79 -0.84
CA ALA A 41 14.99 -6.83 -1.83
C ALA A 41 13.99 -6.69 -2.97
N VAL A 42 13.42 -7.82 -3.41
CA VAL A 42 12.47 -7.81 -4.53
C VAL A 42 11.22 -7.03 -4.18
N LYS A 43 10.73 -7.19 -2.95
CA LYS A 43 9.57 -6.40 -2.52
C LYS A 43 9.90 -4.91 -2.50
N ALA A 44 11.11 -4.58 -2.06
CA ALA A 44 11.52 -3.17 -2.01
C ALA A 44 11.69 -2.61 -3.41
N ILE A 45 12.30 -3.38 -4.31
CA ILE A 45 12.44 -2.96 -5.70
C ILE A 45 11.08 -2.75 -6.33
N SER A 46 10.14 -3.67 -6.06
CA SER A 46 8.79 -3.56 -6.58
C SER A 46 8.13 -2.26 -6.15
N SER A 47 8.19 -1.96 -4.86
CA SER A 47 7.62 -0.72 -4.32
C SER A 47 8.18 0.51 -5.03
N ALA A 48 9.50 0.56 -5.21
CA ALA A 48 10.11 1.71 -5.88
C ALA A 48 9.75 1.75 -7.36
N VAL A 49 9.69 0.59 -8.01
CA VAL A 49 9.33 0.53 -9.44
C VAL A 49 7.92 1.06 -9.66
N ARG A 50 6.96 0.64 -8.81
CA ARG A 50 5.60 1.17 -8.88
C ARG A 50 5.50 2.63 -8.41
N LYS A 51 6.62 3.25 -8.03
CA LYS A 51 6.69 4.70 -7.77
C LYS A 51 6.00 5.10 -6.47
N ALA A 52 5.97 4.21 -5.48
CA ALA A 52 5.55 4.62 -4.15
C ALA A 52 6.42 5.78 -3.67
N GLY A 53 5.79 6.86 -3.22
CA GLY A 53 6.51 8.00 -2.72
C GLY A 53 6.97 8.99 -3.77
N ILE A 54 6.57 8.82 -5.03
CA ILE A 54 7.04 9.74 -6.05
C ILE A 54 6.54 11.16 -5.78
N ALA A 55 5.43 11.28 -5.05
CA ALA A 55 4.92 12.62 -4.75
C ALA A 55 5.98 13.49 -4.07
N HIS A 56 6.88 12.88 -3.27
CA HIS A 56 7.91 13.69 -2.62
C HIS A 56 8.91 14.24 -3.63
N LEU A 57 9.18 13.46 -4.68
CA LEU A 57 10.08 13.92 -5.73
C LEU A 57 9.53 15.13 -6.44
N TYR A 58 8.21 15.27 -6.47
CA TYR A 58 7.59 16.36 -7.18
C TYR A 58 7.11 17.47 -6.25
N GLY A 59 7.57 17.49 -5.00
CA GLY A 59 7.41 18.64 -4.14
C GLY A 59 6.20 18.65 -3.22
N ILE A 60 5.60 17.49 -2.95
CA ILE A 60 4.43 17.46 -2.08
C ILE A 60 4.77 18.03 -0.71
N ALA A 61 6.00 17.83 -0.25
CA ALA A 61 6.42 18.32 1.05
C ALA A 61 7.38 19.51 0.94
N GLY A 62 7.37 20.19 -0.20
CA GLY A 62 8.28 21.28 -0.48
C GLY A 62 9.53 20.74 -1.16
N VAL A 71 15.43 9.80 -5.39
CA VAL A 71 16.42 10.62 -6.09
C VAL A 71 17.48 9.76 -6.81
N LYS A 72 17.75 8.57 -6.30
CA LYS A 72 18.56 7.63 -7.05
C LYS A 72 17.79 7.10 -8.26
N LYS A 73 18.51 6.79 -9.34
CA LYS A 73 17.88 6.16 -10.48
C LYS A 73 17.48 4.73 -10.10
N LEU A 74 16.45 4.21 -10.75
CA LEU A 74 15.86 2.93 -10.31
C LEU A 74 16.84 1.77 -10.39
N ASP A 75 17.75 1.76 -11.36
CA ASP A 75 18.68 0.64 -11.43
C ASP A 75 19.81 0.74 -10.39
N VAL A 76 20.20 1.96 -10.01
CA VAL A 76 21.16 2.12 -8.91
C VAL A 76 20.54 1.68 -7.60
N LEU A 77 19.31 2.14 -7.32
CA LEU A 77 18.63 1.74 -6.10
C LEU A 77 18.45 0.22 -6.03
N SER A 78 17.98 -0.38 -7.12
CA SER A 78 17.82 -1.84 -7.17
C SER A 78 19.12 -2.55 -6.82
N ASN A 79 20.22 -2.14 -7.47
CA ASN A 79 21.52 -2.77 -7.20
C ASN A 79 21.88 -2.65 -5.72
N ASP A 80 21.73 -1.47 -5.14
CA ASP A 80 22.03 -1.28 -3.73
C ASP A 80 21.14 -2.14 -2.85
N LEU A 81 19.86 -2.28 -3.22
CA LEU A 81 18.94 -3.10 -2.44
C LEU A 81 19.35 -4.57 -2.47
N VAL A 82 19.64 -5.09 -3.66
CA VAL A 82 20.07 -6.50 -3.77
C VAL A 82 21.41 -6.68 -3.10
N MET A 83 22.36 -5.77 -3.34
CA MET A 83 23.69 -5.88 -2.73
C MET A 83 23.61 -5.94 -1.23
N ASN A 84 22.92 -4.96 -0.62
CA ASN A 84 22.93 -4.88 0.83
C ASN A 84 22.21 -6.05 1.48
N MET A 85 21.07 -6.47 0.91
CA MET A 85 20.34 -7.56 1.53
C MET A 85 21.13 -8.87 1.45
N LEU A 86 21.87 -9.06 0.36
CA LEU A 86 22.66 -10.28 0.20
C LEU A 86 23.88 -10.30 1.12
N LYS A 87 24.61 -9.19 1.22
CA LYS A 87 25.74 -9.14 2.16
C LYS A 87 25.26 -9.42 3.58
N SER A 88 24.18 -8.78 4.01
CA SER A 88 23.69 -8.94 5.37
C SER A 88 22.95 -10.25 5.60
N SER A 89 22.81 -11.09 4.59
CA SER A 89 22.17 -12.39 4.77
C SER A 89 23.10 -13.41 5.43
N PHE A 90 24.41 -13.13 5.46
CA PHE A 90 25.47 -14.03 5.94
C PHE A 90 25.53 -15.34 5.15
N ALA A 91 25.00 -15.36 3.93
CA ALA A 91 24.95 -16.58 3.15
C ALA A 91 25.79 -16.52 1.87
N THR A 92 26.43 -15.40 1.58
CA THR A 92 27.13 -15.17 0.31
C THR A 92 28.59 -14.81 0.55
N CYS A 93 29.41 -15.01 -0.49
CA CYS A 93 30.81 -14.57 -0.43
C CYS A 93 31.24 -13.79 -1.67
N VAL A 94 30.63 -14.07 -2.82
CA VAL A 94 30.95 -13.36 -4.06
C VAL A 94 29.66 -12.93 -4.73
N LEU A 95 29.60 -11.67 -5.13
CA LEU A 95 28.40 -11.10 -5.75
C LEU A 95 28.80 -10.48 -7.09
N VAL A 96 28.15 -10.94 -8.15
CA VAL A 96 28.34 -10.41 -9.49
C VAL A 96 27.06 -9.72 -9.86
N SER A 97 27.16 -8.46 -10.23
CA SER A 97 26.05 -7.63 -10.63
C SER A 97 26.32 -7.06 -12.01
N GLU A 98 25.26 -7.03 -12.84
CA GLU A 98 25.31 -6.30 -14.11
C GLU A 98 25.83 -4.87 -13.91
N GLU A 99 25.61 -4.30 -12.74
CA GLU A 99 25.98 -2.91 -12.52
C GLU A 99 27.44 -2.71 -12.13
N ASP A 100 28.20 -3.76 -11.83
CA ASP A 100 29.53 -3.57 -11.28
C ASP A 100 30.57 -4.30 -12.11
N LYS A 101 31.66 -3.59 -12.44
CA LYS A 101 32.68 -4.16 -13.32
C LYS A 101 33.36 -5.39 -12.70
N HIS A 102 33.68 -5.33 -11.42
CA HIS A 102 34.30 -6.45 -10.75
C HIS A 102 33.31 -7.11 -9.78
N ALA A 103 33.53 -8.40 -9.57
CA ALA A 103 32.79 -9.12 -8.54
C ALA A 103 33.05 -8.49 -7.18
N ILE A 104 32.00 -8.42 -6.37
CA ILE A 104 32.10 -7.93 -5.00
C ILE A 104 32.38 -9.10 -4.08
N ILE A 105 33.42 -8.98 -3.27
CA ILE A 105 33.81 -10.01 -2.34
C ILE A 105 33.23 -9.61 -0.99
N VAL A 106 32.41 -10.48 -0.40
CA VAL A 106 31.74 -10.15 0.85
C VAL A 106 32.76 -10.07 1.97
N GLU A 107 32.54 -9.15 2.90
CA GLU A 107 33.44 -8.95 4.02
C GLU A 107 33.54 -10.22 4.86
N PRO A 108 34.71 -10.48 5.45
CA PRO A 108 34.94 -11.78 6.10
C PRO A 108 33.94 -12.12 7.18
N GLU A 109 33.51 -11.12 7.95
CA GLU A 109 32.56 -11.35 9.05
C GLU A 109 31.20 -11.82 8.51
N LYS A 110 30.87 -11.48 7.26
CA LYS A 110 29.54 -11.75 6.71
C LYS A 110 29.55 -12.84 5.64
N ARG A 111 30.67 -13.56 5.48
CA ARG A 111 30.76 -14.48 4.36
C ARG A 111 29.95 -15.75 4.61
N GLY A 112 29.22 -16.17 3.59
CA GLY A 112 28.64 -17.50 3.55
C GLY A 112 29.17 -18.23 2.34
N LYS A 113 28.54 -19.34 1.95
CA LYS A 113 29.17 -20.20 0.96
C LYS A 113 28.65 -19.97 -0.46
N TYR A 114 27.74 -19.02 -0.67
CA TYR A 114 27.09 -18.89 -1.96
C TYR A 114 27.64 -17.72 -2.79
N VAL A 115 27.66 -17.92 -4.11
CA VAL A 115 27.95 -16.90 -5.10
C VAL A 115 26.66 -16.59 -5.82
N VAL A 116 26.32 -15.31 -5.96
CA VAL A 116 25.08 -14.90 -6.60
C VAL A 116 25.44 -13.94 -7.72
N CYS A 117 24.92 -14.22 -8.92
CA CYS A 117 25.01 -13.35 -10.06
C CYS A 117 23.62 -12.80 -10.35
N PHE A 118 23.49 -11.49 -10.54
CA PHE A 118 22.16 -10.97 -10.72
C PHE A 118 22.14 -9.74 -11.61
N ASP A 119 21.01 -9.55 -12.26
CA ASP A 119 20.69 -8.29 -12.91
C ASP A 119 19.61 -7.64 -12.08
N PRO A 120 19.94 -6.59 -11.32
CA PRO A 120 18.99 -6.07 -10.34
C PRO A 120 17.76 -5.42 -10.94
N LEU A 121 17.87 -4.78 -12.11
CA LEU A 121 16.69 -4.21 -12.77
C LEU A 121 16.87 -4.29 -14.28
N ASP A 122 16.54 -5.45 -14.83
CA ASP A 122 16.66 -5.67 -16.27
C ASP A 122 15.54 -4.99 -17.03
N GLY A 123 15.89 -4.40 -18.17
CA GLY A 123 14.95 -3.63 -18.96
C GLY A 123 14.77 -2.21 -18.53
N SER A 124 15.56 -1.74 -17.54
CA SER A 124 15.37 -0.41 -16.98
C SER A 124 15.69 0.72 -17.97
N SER A 125 16.42 0.42 -19.07
CA SER A 125 16.77 1.48 -20.02
C SER A 125 15.54 2.09 -20.69
N ASN A 126 14.46 1.32 -20.82
CA ASN A 126 13.22 1.79 -21.42
C ASN A 126 12.12 2.01 -20.38
N ILE A 127 12.48 2.08 -19.09
CA ILE A 127 11.46 2.18 -18.05
C ILE A 127 10.63 3.45 -18.14
N ASP A 128 11.13 4.47 -18.86
CA ASP A 128 10.41 5.73 -19.05
C ASP A 128 9.05 5.55 -19.71
N CYS A 129 8.86 4.47 -20.48
CA CYS A 129 7.56 4.19 -21.06
C CYS A 129 6.79 3.12 -20.28
N LEU A 130 7.22 2.81 -19.05
CA LEU A 130 6.53 1.92 -18.12
C LEU A 130 6.45 0.49 -18.62
N VAL A 131 7.37 0.11 -19.51
CA VAL A 131 7.52 -1.29 -19.88
C VAL A 131 7.80 -2.11 -18.62
N SER A 132 7.34 -3.36 -18.63
CA SER A 132 7.75 -4.32 -17.62
C SER A 132 9.27 -4.34 -17.48
N VAL A 133 9.74 -4.48 -16.25
CA VAL A 133 11.13 -4.69 -15.93
C VAL A 133 11.21 -5.86 -14.94
N GLY A 134 12.43 -6.25 -14.60
CA GLY A 134 12.62 -7.42 -13.76
C GLY A 134 13.97 -7.49 -13.07
N THR A 135 14.05 -8.44 -12.14
CA THR A 135 15.28 -8.80 -11.43
C THR A 135 15.58 -10.26 -11.74
N ILE A 136 16.81 -10.55 -12.15
CA ILE A 136 17.26 -11.90 -12.49
C ILE A 136 18.37 -12.33 -11.54
N PHE A 137 18.35 -13.58 -11.10
CA PHE A 137 19.39 -14.03 -10.19
C PHE A 137 19.73 -15.50 -10.46
N GLY A 138 20.98 -15.84 -10.20
CA GLY A 138 21.44 -17.21 -10.26
C GLY A 138 22.32 -17.44 -9.05
N ILE A 139 22.20 -18.61 -8.43
CA ILE A 139 22.86 -18.90 -7.16
C ILE A 139 23.75 -20.13 -7.33
N TYR A 140 25.04 -19.96 -7.02
CA TYR A 140 26.02 -21.02 -7.06
C TYR A 140 26.61 -21.25 -5.68
N ARG A 141 27.04 -22.48 -5.45
CA ARG A 141 27.88 -22.79 -4.30
C ARG A 141 29.34 -22.53 -4.65
N LYS A 142 30.05 -21.87 -3.73
CA LYS A 142 31.48 -21.69 -3.88
C LYS A 142 32.14 -23.07 -3.94
N LYS A 143 32.89 -23.32 -5.01
CA LYS A 143 33.42 -24.65 -5.27
C LYS A 143 34.83 -24.85 -4.78
N SER A 144 35.63 -23.80 -4.72
CA SER A 144 37.02 -23.95 -4.36
C SER A 144 37.23 -23.66 -2.88
N THR A 145 38.34 -24.16 -2.35
CA THR A 145 38.73 -23.92 -0.98
C THR A 145 39.56 -22.65 -0.83
N ASP A 146 39.81 -21.95 -1.94
CA ASP A 146 40.56 -20.71 -1.93
C ASP A 146 39.75 -19.60 -1.24
N GLU A 147 40.45 -18.54 -0.88
CA GLU A 147 39.75 -17.34 -0.40
C GLU A 147 38.89 -16.80 -1.54
N PRO A 148 37.69 -16.29 -1.26
CA PRO A 148 36.76 -15.93 -2.34
C PRO A 148 37.32 -14.88 -3.31
N SER A 149 37.00 -15.09 -4.59
CA SER A 149 37.46 -14.24 -5.67
C SER A 149 36.48 -14.31 -6.82
N GLU A 150 36.71 -13.45 -7.82
CA GLU A 150 35.85 -13.38 -9.00
C GLU A 150 35.76 -14.73 -9.71
N LYS A 151 36.79 -15.55 -9.61
CA LYS A 151 36.82 -16.84 -10.30
C LYS A 151 35.73 -17.77 -9.79
N ASP A 152 35.21 -17.53 -8.59
CA ASP A 152 34.15 -18.38 -8.06
C ASP A 152 32.86 -18.25 -8.84
N ALA A 153 32.69 -17.15 -9.58
CA ALA A 153 31.52 -16.93 -10.42
C ALA A 153 31.68 -17.50 -11.81
N LEU A 154 32.85 -18.04 -12.14
CA LEU A 154 33.13 -18.62 -13.46
C LEU A 154 32.76 -20.10 -13.44
N GLN A 155 31.46 -20.35 -13.27
CA GLN A 155 30.90 -21.68 -13.30
C GLN A 155 29.88 -21.80 -14.44
N PRO A 156 29.79 -22.94 -15.11
CA PRO A 156 28.71 -23.15 -16.06
C PRO A 156 27.35 -23.18 -15.36
N GLY A 157 26.32 -22.75 -16.07
CA GLY A 157 24.98 -22.74 -15.51
C GLY A 157 24.53 -24.10 -15.00
N ARG A 158 25.11 -25.18 -15.55
CA ARG A 158 24.83 -26.53 -15.07
C ARG A 158 25.04 -26.64 -13.56
N ASN A 159 25.90 -25.79 -12.98
CA ASN A 159 26.20 -25.84 -11.55
C ASN A 159 25.22 -25.06 -10.69
N LEU A 160 24.22 -24.43 -11.28
CA LEU A 160 23.30 -23.60 -10.50
C LEU A 160 22.61 -24.41 -9.42
N VAL A 161 22.53 -23.83 -8.23
CA VAL A 161 21.78 -24.38 -7.10
C VAL A 161 20.33 -23.94 -7.16
N ALA A 162 20.11 -22.68 -7.52
CA ALA A 162 18.79 -22.09 -7.65
C ALA A 162 18.93 -20.91 -8.61
N ALA A 163 17.82 -20.56 -9.26
CA ALA A 163 17.81 -19.43 -10.17
C ALA A 163 16.38 -18.98 -10.35
N GLY A 164 16.22 -17.75 -10.81
CA GLY A 164 14.88 -17.29 -11.12
C GLY A 164 14.86 -15.80 -11.37
N TYR A 165 13.66 -15.26 -11.27
CA TYR A 165 13.49 -13.86 -11.61
C TYR A 165 12.22 -13.31 -10.97
N ALA A 166 12.19 -12.01 -10.80
CA ALA A 166 11.00 -11.27 -10.45
C ALA A 166 10.59 -10.44 -11.64
N LEU A 167 9.32 -10.53 -12.03
CA LEU A 167 8.77 -9.71 -13.11
C LEU A 167 7.89 -8.64 -12.50
N TYR A 168 8.25 -7.37 -12.72
CA TYR A 168 7.46 -6.22 -12.28
C TYR A 168 6.58 -5.78 -13.45
N GLY A 169 5.48 -6.52 -13.65
CA GLY A 169 4.56 -6.25 -14.73
C GLY A 169 3.24 -5.70 -14.25
N SER A 170 2.14 -6.19 -14.82
CA SER A 170 0.82 -5.80 -14.31
C SER A 170 0.69 -6.17 -12.84
N ALA A 171 1.23 -7.33 -12.46
CA ALA A 171 1.46 -7.66 -11.06
C ALA A 171 2.92 -8.08 -10.94
N THR A 172 3.40 -8.20 -9.71
CA THR A 172 4.78 -8.61 -9.44
C THR A 172 4.80 -10.09 -9.09
N MET A 173 5.62 -10.85 -9.81
CA MET A 173 5.70 -12.28 -9.64
C MET A 173 7.15 -12.72 -9.53
N LEU A 174 7.40 -13.62 -8.60
CA LEU A 174 8.70 -14.26 -8.46
C LEU A 174 8.57 -15.69 -8.98
N VAL A 175 9.41 -16.03 -9.97
CA VAL A 175 9.51 -17.38 -10.52
C VAL A 175 10.81 -17.98 -9.97
N LEU A 176 10.72 -19.12 -9.27
CA LEU A 176 11.85 -19.74 -8.57
C LEU A 176 12.06 -21.16 -9.05
N ALA A 177 13.27 -21.44 -9.53
CA ALA A 177 13.65 -22.74 -10.03
C ALA A 177 14.69 -23.37 -9.12
N MET A 178 14.44 -24.61 -8.70
CA MET A 178 15.41 -25.41 -7.97
C MET A 178 15.30 -26.84 -8.51
N ASP A 179 16.03 -27.78 -7.90
CA ASP A 179 15.97 -29.16 -8.37
C ASP A 179 14.53 -29.68 -8.43
N CYS A 180 13.71 -29.28 -7.47
CA CYS A 180 12.33 -29.75 -7.43
C CYS A 180 11.45 -29.17 -8.53
N GLY A 181 11.95 -28.27 -9.39
CA GLY A 181 11.16 -27.70 -10.47
C GLY A 181 10.94 -26.19 -10.37
N VAL A 182 9.96 -25.67 -11.10
CA VAL A 182 9.70 -24.23 -11.18
C VAL A 182 8.40 -23.89 -10.47
N ASN A 183 8.45 -22.88 -9.60
CA ASN A 183 7.27 -22.44 -8.86
C ASN A 183 7.14 -20.93 -8.94
N CYS A 184 5.90 -20.44 -9.01
CA CYS A 184 5.60 -19.02 -9.25
C CYS A 184 4.83 -18.43 -8.08
N PHE A 185 5.30 -17.30 -7.60
CA PHE A 185 4.76 -16.66 -6.41
C PHE A 185 4.29 -15.27 -6.80
N MET A 186 3.05 -14.95 -6.48
CA MET A 186 2.51 -13.64 -6.76
C MET A 186 2.66 -12.76 -5.53
N LEU A 187 3.27 -11.60 -5.71
CA LEU A 187 3.37 -10.64 -4.63
C LEU A 187 2.00 -9.98 -4.45
N ASP A 188 1.43 -10.17 -3.27
CA ASP A 188 0.21 -9.53 -2.79
C ASP A 188 0.69 -8.28 -2.08
N PRO A 189 0.59 -7.13 -2.74
CA PRO A 189 1.12 -5.89 -2.14
C PRO A 189 0.34 -5.41 -0.93
N ALA A 190 -0.88 -5.91 -0.71
CA ALA A 190 -1.61 -5.49 0.49
C ALA A 190 -0.87 -5.89 1.76
N ILE A 191 -0.16 -7.03 1.75
CA ILE A 191 0.47 -7.58 2.94
C ILE A 191 1.95 -7.87 2.78
N GLY A 192 2.54 -7.63 1.61
CA GLY A 192 3.95 -7.96 1.37
C GLY A 192 4.30 -9.43 1.47
N GLU A 193 3.51 -10.28 0.83
CA GLU A 193 3.79 -11.71 0.84
C GLU A 193 3.73 -12.25 -0.58
N PHE A 194 4.72 -13.08 -0.91
CA PHE A 194 4.71 -13.84 -2.14
C PHE A 194 3.86 -15.08 -1.95
N ILE A 195 2.77 -15.18 -2.69
CA ILE A 195 1.81 -16.27 -2.56
C ILE A 195 2.10 -17.28 -3.65
N LEU A 196 2.23 -18.56 -3.28
CA LEU A 196 2.43 -19.60 -4.28
C LEU A 196 1.15 -19.77 -5.10
N VAL A 197 1.21 -19.46 -6.39
CA VAL A 197 0.02 -19.51 -7.23
C VAL A 197 0.11 -20.51 -8.36
N ASP A 198 1.30 -20.95 -8.79
CA ASP A 198 1.46 -21.95 -9.86
C ASP A 198 2.58 -22.91 -9.50
N LYS A 199 2.23 -24.17 -9.23
CA LYS A 199 3.19 -25.15 -8.73
C LYS A 199 3.74 -26.02 -9.86
N ASP A 200 5.02 -26.36 -9.74
CA ASP A 200 5.69 -27.29 -10.65
C ASP A 200 5.33 -26.96 -12.10
N VAL A 201 5.71 -25.77 -12.50
CA VAL A 201 5.30 -25.20 -13.78
C VAL A 201 6.08 -25.86 -14.90
N LYS A 202 5.37 -26.17 -15.99
CA LYS A 202 5.95 -26.72 -17.21
C LYS A 202 5.52 -25.91 -18.42
N ILE A 203 6.42 -25.81 -19.40
CA ILE A 203 6.17 -25.05 -20.61
C ILE A 203 5.46 -25.95 -21.63
N LYS A 204 4.65 -25.34 -22.50
CA LYS A 204 4.03 -26.08 -23.58
C LYS A 204 5.10 -26.76 -24.44
N LYS A 205 4.79 -27.95 -24.95
CA LYS A 205 5.75 -28.69 -25.77
C LYS A 205 6.03 -27.96 -27.09
N LYS A 206 5.02 -27.34 -27.67
CA LYS A 206 5.16 -26.54 -28.86
C LYS A 206 4.23 -25.35 -28.71
N GLY A 207 4.73 -24.16 -29.03
CA GLY A 207 3.97 -22.93 -28.91
C GLY A 207 3.56 -22.37 -30.25
N LYS A 208 3.04 -21.13 -30.21
CA LYS A 208 2.57 -20.47 -31.42
C LYS A 208 3.03 -19.02 -31.52
N ILE A 209 4.06 -18.64 -30.77
CA ILE A 209 4.55 -17.25 -30.75
C ILE A 209 6.07 -17.25 -30.83
N TYR A 210 6.62 -16.38 -31.66
CA TYR A 210 8.06 -16.17 -31.69
C TYR A 210 8.37 -14.74 -31.25
N SER A 211 9.54 -14.56 -30.65
CA SER A 211 9.90 -13.32 -29.97
C SER A 211 11.34 -12.97 -30.30
N LEU A 212 11.54 -11.88 -31.04
CA LEU A 212 12.86 -11.35 -31.32
C LEU A 212 12.68 -9.96 -31.93
N ASN A 213 13.77 -9.21 -31.98
CA ASN A 213 13.77 -7.88 -32.59
C ASN A 213 13.96 -8.03 -34.10
N GLU A 214 12.86 -8.04 -34.86
CA GLU A 214 12.95 -8.16 -36.31
C GLU A 214 13.40 -6.88 -37.02
N GLY A 215 13.52 -5.76 -36.31
CA GLY A 215 14.03 -4.55 -36.92
C GLY A 215 15.47 -4.66 -37.39
N TYR A 216 16.23 -5.58 -36.83
CA TYR A 216 17.62 -5.78 -37.20
C TYR A 216 17.78 -6.96 -38.16
N ALA A 217 16.75 -7.18 -38.97
CA ALA A 217 16.71 -8.30 -39.91
C ALA A 217 17.87 -8.26 -40.91
N LYS A 218 18.36 -7.07 -41.27
CA LYS A 218 19.43 -7.00 -42.26
C LYS A 218 20.71 -7.64 -41.73
N ASP A 219 20.83 -7.81 -40.42
CA ASP A 219 22.01 -8.41 -39.79
C ASP A 219 21.81 -9.88 -39.41
N PHE A 220 20.66 -10.47 -39.72
CA PHE A 220 20.37 -11.82 -39.26
C PHE A 220 21.36 -12.83 -39.82
N ASP A 221 21.71 -13.81 -38.99
CA ASP A 221 22.32 -15.04 -39.46
C ASP A 221 21.37 -15.74 -40.42
N PRO A 222 21.87 -16.37 -41.48
CA PRO A 222 20.97 -17.02 -42.44
C PRO A 222 20.02 -18.04 -41.83
N ALA A 223 20.46 -18.74 -40.78
CA ALA A 223 19.57 -19.70 -40.11
C ALA A 223 18.40 -18.97 -39.46
N VAL A 224 18.68 -17.84 -38.81
CA VAL A 224 17.64 -17.05 -38.16
C VAL A 224 16.67 -16.50 -39.20
N THR A 225 17.18 -16.02 -40.34
CA THR A 225 16.29 -15.56 -41.40
C THR A 225 15.37 -16.69 -41.87
N GLU A 226 15.94 -17.88 -42.10
CA GLU A 226 15.12 -19.00 -42.60
C GLU A 226 14.05 -19.40 -41.60
N TYR A 227 14.41 -19.53 -40.32
CA TYR A 227 13.41 -19.96 -39.34
C TYR A 227 12.28 -18.95 -39.21
N ILE A 228 12.60 -17.65 -39.14
CA ILE A 228 11.57 -16.64 -39.00
C ILE A 228 10.65 -16.62 -40.22
N GLN A 229 11.23 -16.84 -41.41
CA GLN A 229 10.42 -17.01 -42.61
C GLN A 229 9.49 -18.22 -42.48
N ARG A 230 9.98 -19.31 -41.89
CA ARG A 230 9.14 -20.48 -41.76
C ARG A 230 8.00 -20.26 -40.77
N LYS A 231 8.19 -19.41 -39.76
CA LYS A 231 7.11 -19.10 -38.83
C LYS A 231 6.03 -18.26 -39.49
N LYS A 232 6.41 -17.35 -40.40
CA LYS A 232 5.42 -16.48 -41.03
C LYS A 232 4.75 -17.14 -42.23
N PHE A 233 5.48 -17.99 -42.95
CA PHE A 233 4.97 -18.66 -44.15
C PHE A 233 5.18 -20.15 -43.96
N PRO A 234 4.34 -20.80 -43.18
CA PRO A 234 4.56 -22.22 -42.90
C PRO A 234 4.41 -23.03 -44.17
N PRO A 235 5.40 -23.85 -44.51
CA PRO A 235 5.31 -24.64 -45.75
C PRO A 235 4.31 -25.77 -45.70
N ASP A 236 3.86 -26.17 -44.51
CA ASP A 236 2.98 -27.32 -44.34
C ASP A 236 1.53 -26.94 -44.12
N ASN A 237 1.11 -25.76 -44.54
CA ASN A 237 -0.27 -25.30 -44.44
C ASN A 237 -0.71 -25.12 -42.98
N SER A 238 0.22 -25.02 -42.04
CA SER A 238 -0.14 -24.70 -40.67
C SER A 238 -0.35 -23.19 -40.51
N ALA A 239 -0.84 -22.81 -39.34
CA ALA A 239 -1.07 -21.40 -39.06
C ALA A 239 0.26 -20.69 -38.81
N PRO A 240 0.43 -19.47 -39.33
CA PRO A 240 1.64 -18.70 -39.00
C PRO A 240 1.64 -18.38 -37.51
N TYR A 241 2.85 -18.35 -36.95
CA TYR A 241 2.99 -17.96 -35.56
C TYR A 241 2.70 -16.48 -35.39
N GLY A 242 2.15 -16.12 -34.23
CA GLY A 242 2.09 -14.72 -33.85
C GLY A 242 3.45 -14.22 -33.35
N ALA A 243 3.62 -12.90 -33.42
CA ALA A 243 4.85 -12.25 -33.01
C ALA A 243 4.59 -11.37 -31.78
N ARG A 244 5.49 -11.44 -30.79
CA ARG A 244 5.47 -10.59 -29.61
C ARG A 244 6.90 -10.27 -29.25
N TYR A 245 7.20 -9.00 -29.00
CA TYR A 245 8.54 -8.63 -28.54
C TYR A 245 8.42 -7.39 -27.67
N VAL A 246 8.39 -7.60 -26.36
CA VAL A 246 8.33 -6.49 -25.42
C VAL A 246 9.66 -5.74 -25.41
N GLY A 247 10.77 -6.47 -25.57
CA GLY A 247 12.08 -5.87 -25.43
C GLY A 247 12.61 -5.81 -24.02
N SER A 248 11.88 -6.35 -23.06
CA SER A 248 12.38 -6.54 -21.70
C SER A 248 12.49 -8.04 -21.48
N MET A 249 13.71 -8.53 -21.27
CA MET A 249 13.96 -9.97 -21.33
C MET A 249 13.06 -10.74 -20.35
N VAL A 250 12.87 -10.21 -19.14
CA VAL A 250 12.03 -10.90 -18.16
C VAL A 250 10.60 -11.03 -18.68
N ALA A 251 10.06 -9.99 -19.30
CA ALA A 251 8.68 -10.04 -19.79
C ALA A 251 8.53 -11.06 -20.92
N ASP A 252 9.45 -11.05 -21.89
CA ASP A 252 9.40 -12.00 -23.00
C ASP A 252 9.64 -13.44 -22.54
N VAL A 253 10.58 -13.63 -21.61
CA VAL A 253 10.84 -14.99 -21.13
C VAL A 253 9.64 -15.52 -20.36
N HIS A 254 9.02 -14.66 -19.53
CA HIS A 254 7.86 -15.11 -18.77
C HIS A 254 6.70 -15.48 -19.69
N ARG A 255 6.40 -14.61 -20.67
CA ARG A 255 5.36 -14.95 -21.64
C ARG A 255 5.68 -16.26 -22.35
N THR A 256 6.97 -16.47 -22.68
CA THR A 256 7.38 -17.73 -23.29
C THR A 256 7.07 -18.89 -22.37
N LEU A 257 7.39 -18.74 -21.07
CA LEU A 257 7.14 -19.81 -20.11
C LEU A 257 5.66 -20.10 -19.99
N VAL A 258 4.83 -19.06 -19.93
CA VAL A 258 3.42 -19.22 -19.62
C VAL A 258 2.62 -19.68 -20.84
N TYR A 259 2.90 -19.13 -22.01
CA TYR A 259 2.13 -19.42 -23.21
C TYR A 259 2.83 -20.32 -24.21
N GLY A 260 4.08 -20.69 -23.97
CA GLY A 260 4.85 -21.48 -24.92
C GLY A 260 5.40 -20.61 -26.04
N GLY A 261 6.19 -21.24 -26.90
CA GLY A 261 6.80 -20.54 -28.02
C GLY A 261 8.30 -20.40 -27.92
N ILE A 262 8.89 -19.38 -28.54
CA ILE A 262 10.33 -19.29 -28.66
C ILE A 262 10.78 -17.84 -28.51
N PHE A 263 11.89 -17.65 -27.81
CA PHE A 263 12.49 -16.34 -27.62
C PHE A 263 13.91 -16.38 -28.16
N LEU A 264 14.25 -15.39 -28.97
CA LEU A 264 15.53 -15.39 -29.64
C LEU A 264 16.20 -14.03 -29.45
N TYR A 265 17.45 -14.06 -29.02
CA TYR A 265 18.37 -12.95 -29.19
C TYR A 265 19.64 -13.60 -29.72
N PRO A 266 19.66 -13.94 -31.00
CA PRO A 266 20.72 -14.80 -31.52
C PRO A 266 21.98 -14.02 -31.88
N ALA A 267 23.03 -14.78 -32.14
CA ALA A 267 24.25 -14.18 -32.64
C ALA A 267 23.98 -13.63 -34.04
N ASN A 268 24.71 -12.58 -34.41
CA ASN A 268 24.60 -12.06 -35.76
C ASN A 268 25.98 -11.61 -36.20
N LYS A 269 26.03 -10.95 -37.36
CA LYS A 269 27.29 -10.51 -37.92
C LYS A 269 27.93 -9.42 -37.07
N LYS A 270 27.13 -8.42 -36.65
CA LYS A 270 27.64 -7.34 -35.81
C LYS A 270 27.90 -7.76 -34.37
N SER A 271 27.27 -8.83 -33.90
CA SER A 271 27.36 -9.27 -32.50
C SER A 271 27.61 -10.77 -32.51
N PRO A 272 28.83 -11.20 -32.83
CA PRO A 272 29.11 -12.64 -32.97
C PRO A 272 28.89 -13.46 -31.71
N ASN A 273 28.79 -12.83 -30.55
CA ASN A 273 28.49 -13.58 -29.34
C ASN A 273 27.12 -13.23 -28.74
N GLY A 274 26.23 -12.64 -29.52
CA GLY A 274 24.97 -12.21 -28.96
C GLY A 274 25.12 -10.91 -28.18
N LYS A 275 24.02 -10.52 -27.54
CA LYS A 275 23.98 -9.32 -26.72
C LYS A 275 23.71 -9.57 -25.24
N LEU A 276 22.87 -10.54 -24.91
CA LEU A 276 22.54 -10.81 -23.52
C LEU A 276 23.74 -11.39 -22.77
N ARG A 277 23.78 -11.16 -21.47
CA ARG A 277 24.92 -11.55 -20.64
C ARG A 277 24.73 -12.96 -20.09
N LEU A 278 25.81 -13.76 -20.16
CA LEU A 278 25.72 -15.17 -19.78
C LEU A 278 25.39 -15.38 -18.31
N LEU A 279 26.11 -14.70 -17.42
CA LEU A 279 26.08 -15.10 -16.01
C LEU A 279 24.75 -14.76 -15.34
N TYR A 280 24.24 -13.55 -15.55
CA TYR A 280 23.09 -13.06 -14.80
C TYR A 280 21.90 -12.73 -15.68
N GLU A 281 21.95 -13.06 -16.97
CA GLU A 281 20.77 -13.00 -17.80
C GLU A 281 20.49 -14.36 -18.43
N CYS A 282 21.45 -14.92 -19.19
CA CYS A 282 21.18 -16.15 -19.94
C CYS A 282 21.10 -17.38 -19.03
N ASN A 283 22.11 -17.61 -18.20
CA ASN A 283 22.11 -18.82 -17.38
C ASN A 283 20.87 -18.96 -16.50
N PRO A 284 20.45 -17.94 -15.74
CA PRO A 284 19.23 -18.13 -14.94
C PRO A 284 18.01 -18.45 -15.80
N MET A 285 17.81 -17.72 -16.91
CA MET A 285 16.68 -18.01 -17.77
C MET A 285 16.79 -19.39 -18.41
N ALA A 286 18.00 -19.80 -18.79
CA ALA A 286 18.18 -21.17 -19.27
C ALA A 286 17.85 -22.18 -18.18
N TYR A 287 18.29 -21.92 -16.95
CA TYR A 287 18.02 -22.84 -15.86
C TYR A 287 16.52 -22.99 -15.64
N VAL A 288 15.79 -21.88 -15.66
CA VAL A 288 14.34 -21.91 -15.47
C VAL A 288 13.68 -22.72 -16.60
N MET A 289 14.06 -22.44 -17.84
CA MET A 289 13.49 -23.17 -18.98
C MET A 289 13.72 -24.66 -18.83
N GLU A 290 14.93 -25.05 -18.46
CA GLU A 290 15.26 -26.46 -18.36
C GLU A 290 14.50 -27.13 -17.24
N LYS A 291 14.36 -26.47 -16.09
CA LYS A 291 13.54 -27.05 -15.03
C LYS A 291 12.06 -27.11 -15.39
N ALA A 292 11.61 -26.31 -16.35
CA ALA A 292 10.22 -26.33 -16.78
C ALA A 292 9.97 -27.23 -18.00
N GLY A 293 10.93 -28.04 -18.41
CA GLY A 293 10.77 -28.86 -19.60
C GLY A 293 11.02 -28.15 -20.92
N GLY A 294 11.60 -26.95 -20.91
CA GLY A 294 11.94 -26.25 -22.13
C GLY A 294 13.39 -26.45 -22.50
N MET A 295 13.84 -25.64 -23.47
CA MET A 295 15.22 -25.71 -23.94
C MET A 295 15.83 -24.32 -24.03
N ALA A 296 17.16 -24.27 -23.96
CA ALA A 296 17.89 -23.02 -24.10
C ALA A 296 19.25 -23.31 -24.69
N THR A 297 19.51 -22.78 -25.89
CA THR A 297 20.74 -23.04 -26.60
C THR A 297 21.32 -21.75 -27.15
N THR A 298 22.65 -21.75 -27.33
CA THR A 298 23.33 -20.68 -28.04
C THR A 298 23.31 -20.86 -29.55
N GLY A 299 22.82 -22.00 -30.03
CA GLY A 299 23.03 -22.40 -31.41
C GLY A 299 24.05 -23.52 -31.47
N LYS A 300 25.18 -23.34 -30.79
CA LYS A 300 26.23 -24.35 -30.80
C LYS A 300 26.07 -25.36 -29.67
N GLU A 301 25.47 -24.97 -28.55
CA GLU A 301 25.39 -25.83 -27.38
C GLU A 301 24.35 -25.30 -26.40
N ALA A 302 24.08 -26.11 -25.38
CA ALA A 302 23.22 -25.67 -24.30
C ALA A 302 23.84 -24.49 -23.58
N VAL A 303 23.02 -23.46 -23.33
CA VAL A 303 23.46 -22.29 -22.61
C VAL A 303 24.11 -22.71 -21.30
N LEU A 304 23.46 -23.64 -20.58
CA LEU A 304 23.97 -24.06 -19.28
C LEU A 304 25.30 -24.79 -19.39
N ASP A 305 25.69 -25.23 -20.59
CA ASP A 305 26.97 -25.92 -20.74
C ASP A 305 28.11 -24.98 -21.11
N VAL A 306 27.81 -23.75 -21.52
CA VAL A 306 28.86 -22.80 -21.83
C VAL A 306 29.67 -22.57 -20.57
N ILE A 307 31.00 -22.66 -20.69
CA ILE A 307 31.91 -22.41 -19.59
C ILE A 307 32.40 -20.97 -19.71
N PRO A 308 31.98 -20.06 -18.84
CA PRO A 308 32.38 -18.67 -19.00
C PRO A 308 33.84 -18.45 -18.64
N THR A 309 34.42 -17.41 -19.24
CA THR A 309 35.77 -16.98 -18.93
C THR A 309 35.79 -15.55 -18.42
N ASP A 310 34.67 -14.83 -18.52
CA ASP A 310 34.55 -13.45 -18.10
C ASP A 310 33.14 -13.24 -17.56
N ILE A 311 33.04 -12.67 -16.36
CA ILE A 311 31.74 -12.58 -15.71
C ILE A 311 30.76 -11.73 -16.51
N HIS A 312 31.25 -10.83 -17.36
CA HIS A 312 30.35 -9.99 -18.15
C HIS A 312 30.30 -10.43 -19.61
N GLN A 313 30.71 -11.66 -19.91
CA GLN A 313 30.69 -12.10 -21.30
C GLN A 313 29.26 -12.31 -21.77
N ARG A 314 29.07 -12.13 -23.07
CA ARG A 314 27.77 -12.28 -23.68
C ARG A 314 27.62 -13.68 -24.26
N ALA A 315 26.38 -14.10 -24.45
CA ALA A 315 26.08 -15.35 -25.10
C ALA A 315 24.82 -15.14 -25.91
N PRO A 316 24.74 -15.72 -27.10
CA PRO A 316 23.46 -15.76 -27.82
C PRO A 316 22.54 -16.75 -27.13
N VAL A 317 21.25 -16.49 -27.22
CA VAL A 317 20.29 -17.35 -26.55
C VAL A 317 19.02 -17.49 -27.40
N ILE A 318 18.62 -18.73 -27.59
CA ILE A 318 17.34 -19.12 -28.17
C ILE A 318 16.73 -20.07 -27.16
N LEU A 319 15.54 -19.75 -26.66
CA LEU A 319 14.97 -20.57 -25.60
C LEU A 319 13.45 -20.64 -25.74
N GLY A 320 12.86 -21.66 -25.11
CA GLY A 320 11.41 -21.81 -25.10
C GLY A 320 10.92 -23.23 -25.22
N SER A 321 9.79 -23.41 -25.89
CA SER A 321 9.22 -24.74 -26.02
C SER A 321 10.20 -25.66 -26.75
N PRO A 322 10.32 -26.92 -26.33
CA PRO A 322 11.34 -27.79 -26.95
C PRO A 322 11.10 -28.06 -28.44
N ASP A 323 9.86 -28.29 -28.88
CA ASP A 323 9.62 -28.51 -30.29
C ASP A 323 10.06 -27.30 -31.12
N ASP A 324 9.77 -26.09 -30.63
CA ASP A 324 10.13 -24.89 -31.38
C ASP A 324 11.63 -24.68 -31.39
N VAL A 325 12.29 -24.97 -30.26
CA VAL A 325 13.73 -24.79 -30.21
C VAL A 325 14.43 -25.85 -31.05
N LEU A 326 13.93 -27.09 -31.01
CA LEU A 326 14.51 -28.13 -31.84
C LEU A 326 14.39 -27.79 -33.31
N GLU A 327 13.24 -27.26 -33.71
CA GLU A 327 13.04 -26.85 -35.10
C GLU A 327 14.05 -25.78 -35.50
N PHE A 328 14.35 -24.85 -34.58
CA PHE A 328 15.37 -23.84 -34.87
C PHE A 328 16.75 -24.46 -35.05
N LEU A 329 17.12 -25.42 -34.19
CA LEU A 329 18.45 -26.00 -34.30
C LEU A 329 18.60 -26.81 -35.58
N LYS A 330 17.50 -27.40 -36.05
CA LYS A 330 17.49 -28.09 -37.34
C LYS A 330 17.85 -27.11 -38.46
N VAL A 331 17.21 -25.94 -38.47
CA VAL A 331 17.58 -24.93 -39.46
C VAL A 331 19.03 -24.50 -39.26
N TYR A 332 19.44 -24.30 -38.00
CA TYR A 332 20.78 -23.81 -37.71
C TYR A 332 21.85 -24.81 -38.19
N GLU A 333 21.65 -26.09 -37.89
CA GLU A 333 22.59 -27.11 -38.36
C GLU A 333 22.52 -27.29 -39.87
N LYS A 334 21.33 -27.14 -40.46
CA LYS A 334 21.21 -27.22 -41.92
C LYS A 334 22.11 -26.20 -42.59
N HIS A 335 22.19 -25.00 -42.03
CA HIS A 335 23.10 -23.98 -42.52
C HIS A 335 24.49 -24.12 -41.90
N SER A 336 24.77 -25.25 -41.26
CA SER A 336 26.04 -25.55 -40.61
C SER A 336 26.41 -24.55 -39.52
N ASP B 10 6.01 23.44 -7.85
CA ASP B 10 4.79 23.12 -7.14
C ASP B 10 4.22 21.77 -7.59
N VAL B 11 3.88 20.94 -6.61
CA VAL B 11 3.24 19.68 -6.92
C VAL B 11 1.84 19.95 -7.45
N ASN B 12 1.37 19.05 -8.31
CA ASN B 12 0.01 19.14 -8.79
C ASN B 12 -0.54 17.73 -8.97
N THR B 13 -1.82 17.57 -8.64
CA THR B 13 -2.54 16.33 -8.73
C THR B 13 -3.55 16.40 -9.85
N LEU B 14 -4.05 15.24 -10.24
CA LEU B 14 -5.02 15.16 -11.33
C LEU B 14 -6.30 15.93 -10.99
N THR B 15 -6.87 15.67 -9.81
CA THR B 15 -8.12 16.32 -9.46
C THR B 15 -7.94 17.84 -9.31
N ARG B 16 -6.85 18.28 -8.68
CA ARG B 16 -6.60 19.72 -8.60
C ARG B 16 -6.34 20.32 -9.98
N PHE B 17 -5.56 19.63 -10.81
CA PHE B 17 -5.35 20.08 -12.18
C PHE B 17 -6.68 20.21 -12.91
N VAL B 18 -7.53 19.19 -12.82
CA VAL B 18 -8.80 19.21 -13.56
C VAL B 18 -9.74 20.27 -13.01
N MET B 19 -9.78 20.43 -11.67
CA MET B 19 -10.60 21.49 -11.08
C MET B 19 -10.16 22.86 -11.55
N GLU B 20 -8.85 23.12 -11.60
CA GLU B 20 -8.40 24.42 -12.05
C GLU B 20 -8.84 24.68 -13.48
N GLU B 21 -8.67 23.69 -14.36
CA GLU B 21 -9.12 23.85 -15.75
C GLU B 21 -10.62 24.03 -15.83
N GLY B 22 -11.38 23.31 -14.99
CA GLY B 22 -12.82 23.48 -15.00
C GLY B 22 -13.26 24.85 -14.51
N ARG B 23 -12.62 25.34 -13.44
CA ARG B 23 -12.93 26.67 -12.94
C ARG B 23 -12.52 27.77 -13.91
N LYS B 24 -11.43 27.57 -14.66
CA LYS B 24 -11.07 28.52 -15.70
C LYS B 24 -12.14 28.60 -16.78
N ALA B 25 -12.59 27.45 -17.28
CA ALA B 25 -13.58 27.38 -18.36
C ALA B 25 -14.98 27.78 -17.93
N ARG B 26 -15.20 27.96 -16.63
CA ARG B 26 -16.52 28.35 -16.12
C ARG B 26 -17.59 27.31 -16.48
N GLY B 27 -17.21 26.04 -16.49
CA GLY B 27 -18.17 24.99 -16.75
C GLY B 27 -19.01 24.68 -15.53
N THR B 28 -19.95 23.77 -15.70
CA THR B 28 -20.85 23.43 -14.61
C THR B 28 -20.21 22.54 -13.54
N GLY B 29 -19.07 21.92 -13.81
CA GLY B 29 -18.48 20.96 -12.90
C GLY B 29 -18.77 19.51 -13.21
N GLU B 30 -19.62 19.24 -14.19
CA GLU B 30 -20.00 17.86 -14.52
C GLU B 30 -18.80 17.07 -15.06
N LEU B 31 -18.01 17.69 -15.92
CA LEU B 31 -16.84 17.00 -16.46
C LEU B 31 -15.84 16.69 -15.35
N THR B 32 -15.65 17.64 -14.43
CA THR B 32 -14.74 17.41 -13.32
C THR B 32 -15.19 16.21 -12.48
N GLN B 33 -16.50 16.14 -12.20
CA GLN B 33 -17.06 15.00 -11.45
C GLN B 33 -16.86 13.70 -12.19
N LEU B 34 -17.07 13.73 -13.51
CA LEU B 34 -16.82 12.58 -14.37
C LEU B 34 -15.36 12.13 -14.27
N LEU B 35 -14.43 13.06 -14.46
CA LEU B 35 -13.01 12.70 -14.46
C LEU B 35 -12.53 12.26 -13.08
N ASN B 36 -13.08 12.85 -12.01
CA ASN B 36 -12.73 12.40 -10.67
C ASN B 36 -13.23 10.99 -10.40
N SER B 37 -14.45 10.68 -10.85
CA SER B 37 -14.99 9.34 -10.67
C SER B 37 -14.17 8.33 -11.43
N LEU B 38 -13.77 8.69 -12.66
CA LEU B 38 -12.95 7.82 -13.47
C LEU B 38 -11.61 7.55 -12.80
N CYS B 39 -11.02 8.59 -12.23
CA CYS B 39 -9.77 8.49 -11.48
C CYS B 39 -9.89 7.51 -10.31
N THR B 40 -10.97 7.59 -9.55
CA THR B 40 -11.22 6.65 -8.48
C THR B 40 -11.32 5.23 -9.03
N ALA B 41 -12.08 5.05 -10.10
CA ALA B 41 -12.21 3.74 -10.72
C ALA B 41 -10.85 3.21 -11.18
N VAL B 42 -10.01 4.09 -11.75
CA VAL B 42 -8.70 3.66 -12.23
C VAL B 42 -7.80 3.21 -11.07
N LYS B 43 -7.84 3.93 -9.94
CA LYS B 43 -7.06 3.50 -8.78
C LYS B 43 -7.52 2.14 -8.29
N ALA B 44 -8.82 1.90 -8.31
CA ALA B 44 -9.33 0.61 -7.88
C ALA B 44 -8.91 -0.48 -8.85
N ILE B 45 -8.96 -0.19 -10.14
CA ILE B 45 -8.50 -1.18 -11.12
C ILE B 45 -7.02 -1.48 -10.93
N SER B 46 -6.21 -0.44 -10.74
CA SER B 46 -4.78 -0.63 -10.50
C SER B 46 -4.54 -1.56 -9.31
N SER B 47 -5.21 -1.30 -8.20
CA SER B 47 -5.07 -2.12 -7.01
C SER B 47 -5.37 -3.59 -7.31
N ALA B 48 -6.46 -3.86 -8.02
CA ALA B 48 -6.79 -5.24 -8.36
C ALA B 48 -5.79 -5.84 -9.34
N VAL B 49 -5.32 -5.05 -10.30
CA VAL B 49 -4.40 -5.59 -11.30
C VAL B 49 -3.09 -5.99 -10.65
N ARG B 50 -2.57 -5.15 -9.74
CA ARG B 50 -1.37 -5.49 -8.99
C ARG B 50 -1.63 -6.59 -7.96
N LYS B 51 -2.85 -7.13 -7.92
CA LYS B 51 -3.20 -8.32 -7.13
C LYS B 51 -3.24 -8.05 -5.63
N ALA B 52 -3.61 -6.84 -5.24
CA ALA B 52 -3.88 -6.60 -3.83
C ALA B 52 -4.96 -7.57 -3.35
N GLY B 53 -4.68 -8.29 -2.27
CA GLY B 53 -5.63 -9.21 -1.69
C GLY B 53 -5.68 -10.59 -2.30
N ILE B 54 -4.76 -10.94 -3.21
CA ILE B 54 -4.85 -12.25 -3.84
C ILE B 54 -4.63 -13.35 -2.83
N ALA B 55 -3.91 -13.07 -1.74
CA ALA B 55 -3.71 -14.05 -0.69
C ALA B 55 -5.04 -14.55 -0.16
N HIS B 56 -6.07 -13.69 -0.15
CA HIS B 56 -7.40 -14.14 0.26
C HIS B 56 -7.99 -15.14 -0.71
N LEU B 57 -7.68 -14.98 -2.00
CA LEU B 57 -8.18 -15.92 -3.00
C LEU B 57 -7.55 -17.30 -2.84
N TYR B 58 -6.34 -17.36 -2.29
CA TYR B 58 -5.63 -18.63 -2.13
C TYR B 58 -5.72 -19.15 -0.70
N GLY B 59 -6.64 -18.63 0.09
CA GLY B 59 -6.99 -19.27 1.32
C GLY B 59 -6.25 -18.80 2.55
N ILE B 60 -5.73 -17.56 2.57
CA ILE B 60 -4.99 -17.14 3.76
C ILE B 60 -5.90 -17.20 4.98
N ALA B 61 -7.20 -16.96 4.81
CA ALA B 61 -8.17 -17.04 5.90
C ALA B 61 -9.11 -18.25 5.77
N GLY B 62 -8.70 -19.29 5.03
CA GLY B 62 -9.53 -20.45 4.82
C GLY B 62 -10.41 -20.38 3.58
N LYS B 73 -12.87 -12.71 -14.25
CA LYS B 73 -13.08 -11.83 -13.10
C LYS B 73 -12.52 -10.43 -13.25
N LEU B 74 -11.24 -10.31 -13.58
CA LEU B 74 -10.60 -9.00 -13.55
C LEU B 74 -11.21 -8.04 -14.57
N ASP B 75 -11.53 -8.54 -15.78
CA ASP B 75 -12.13 -7.60 -16.73
C ASP B 75 -13.60 -7.34 -16.38
N VAL B 76 -14.26 -8.29 -15.72
CA VAL B 76 -15.60 -8.06 -15.19
C VAL B 76 -15.56 -7.03 -14.07
N LEU B 77 -14.64 -7.19 -13.12
CA LEU B 77 -14.50 -6.23 -12.03
C LEU B 77 -14.20 -4.83 -12.56
N SER B 78 -13.25 -4.73 -13.50
CA SER B 78 -12.90 -3.44 -14.11
C SER B 78 -14.12 -2.78 -14.73
N ASN B 79 -14.86 -3.52 -15.55
CA ASN B 79 -16.08 -2.98 -16.13
C ASN B 79 -17.04 -2.48 -15.06
N ASP B 80 -17.24 -3.28 -14.02
CA ASP B 80 -18.15 -2.88 -12.94
C ASP B 80 -17.67 -1.62 -12.24
N LEU B 81 -16.36 -1.48 -12.05
CA LEU B 81 -15.84 -0.29 -11.39
C LEU B 81 -16.10 0.97 -12.21
N VAL B 82 -15.78 0.94 -13.51
CA VAL B 82 -16.00 2.10 -14.36
C VAL B 82 -17.49 2.39 -14.52
N MET B 83 -18.29 1.35 -14.78
CA MET B 83 -19.72 1.53 -14.92
C MET B 83 -20.30 2.21 -13.68
N ASN B 84 -19.99 1.66 -12.51
CA ASN B 84 -20.62 2.18 -11.30
C ASN B 84 -20.14 3.58 -10.95
N MET B 85 -18.85 3.83 -11.09
CA MET B 85 -18.34 5.16 -10.75
C MET B 85 -18.86 6.19 -11.74
N LEU B 86 -19.00 5.84 -13.03
CA LEU B 86 -19.52 6.80 -14.00
C LEU B 86 -21.01 7.04 -13.78
N LYS B 87 -21.78 5.99 -13.53
CA LYS B 87 -23.19 6.18 -13.21
C LYS B 87 -23.36 7.07 -11.98
N SER B 88 -22.64 6.76 -10.92
CA SER B 88 -22.82 7.53 -9.69
C SER B 88 -22.20 8.93 -9.81
N SER B 89 -21.57 9.25 -10.94
CA SER B 89 -21.03 10.58 -11.11
C SER B 89 -22.10 11.62 -11.41
N PHE B 90 -23.29 11.19 -11.83
CA PHE B 90 -24.36 12.08 -12.27
C PHE B 90 -23.93 12.93 -13.48
N ALA B 91 -22.94 12.47 -14.23
CA ALA B 91 -22.42 13.23 -15.36
C ALA B 91 -22.66 12.58 -16.71
N THR B 92 -23.19 11.36 -16.76
CA THR B 92 -23.28 10.62 -18.00
C THR B 92 -24.70 10.17 -18.27
N CYS B 93 -24.97 9.89 -19.54
CA CYS B 93 -26.27 9.38 -19.95
C CYS B 93 -26.15 8.13 -20.82
N VAL B 94 -25.03 7.95 -21.54
CA VAL B 94 -24.80 6.75 -22.35
C VAL B 94 -23.39 6.22 -22.09
N LEU B 95 -23.28 4.92 -21.85
CA LEU B 95 -22.00 4.28 -21.54
C LEU B 95 -21.77 3.14 -22.52
N VAL B 96 -20.65 3.17 -23.22
CA VAL B 96 -20.26 2.11 -24.13
C VAL B 96 -19.00 1.47 -23.58
N SER B 97 -19.05 0.16 -23.39
CA SER B 97 -17.94 -0.61 -22.88
C SER B 97 -17.62 -1.73 -23.85
N GLU B 98 -16.32 -2.00 -24.00
CA GLU B 98 -15.89 -3.22 -24.69
C GLU B 98 -16.58 -4.45 -24.11
N GLU B 99 -16.92 -4.41 -22.83
CA GLU B 99 -17.46 -5.59 -22.15
C GLU B 99 -18.96 -5.78 -22.40
N ASP B 100 -19.65 -4.80 -22.97
CA ASP B 100 -21.11 -4.82 -23.02
C ASP B 100 -21.60 -4.77 -24.46
N LYS B 101 -22.50 -5.69 -24.79
CA LYS B 101 -22.93 -5.86 -26.17
C LYS B 101 -23.68 -4.63 -26.68
N HIS B 102 -24.56 -4.08 -25.86
CA HIS B 102 -25.33 -2.89 -26.19
C HIS B 102 -24.91 -1.72 -25.31
N ALA B 103 -25.19 -0.52 -25.78
CA ALA B 103 -24.96 0.67 -24.97
C ALA B 103 -25.76 0.60 -23.68
N ILE B 104 -25.15 1.06 -22.60
CA ILE B 104 -25.83 1.17 -21.32
C ILE B 104 -26.44 2.57 -21.25
N ILE B 105 -27.74 2.63 -20.97
CA ILE B 105 -28.44 3.91 -20.81
C ILE B 105 -28.59 4.18 -19.32
N VAL B 106 -28.08 5.33 -18.87
CA VAL B 106 -28.14 5.67 -17.46
C VAL B 106 -29.58 5.99 -17.07
N GLU B 107 -29.97 5.56 -15.86
CA GLU B 107 -31.32 5.82 -15.37
C GLU B 107 -31.54 7.33 -15.21
N PRO B 108 -32.78 7.79 -15.40
CA PRO B 108 -33.01 9.24 -15.47
C PRO B 108 -32.48 10.00 -14.26
N GLU B 109 -32.58 9.40 -13.07
CA GLU B 109 -32.17 10.09 -11.84
C GLU B 109 -30.67 10.41 -11.82
N LYS B 110 -29.83 9.63 -12.50
CA LYS B 110 -28.39 9.83 -12.43
C LYS B 110 -27.81 10.42 -13.72
N ARG B 111 -28.65 10.89 -14.64
CA ARG B 111 -28.18 11.32 -15.95
C ARG B 111 -27.48 12.68 -15.89
N GLY B 112 -26.30 12.75 -16.51
CA GLY B 112 -25.64 14.00 -16.84
C GLY B 112 -25.49 14.06 -18.36
N LYS B 113 -24.68 14.96 -18.89
CA LYS B 113 -24.76 15.25 -20.32
C LYS B 113 -23.73 14.53 -21.17
N TYR B 114 -22.88 13.70 -20.60
CA TYR B 114 -21.75 13.14 -21.34
C TYR B 114 -21.98 11.69 -21.75
N VAL B 115 -21.39 11.33 -22.89
CA VAL B 115 -21.31 9.97 -23.37
C VAL B 115 -19.87 9.50 -23.20
N VAL B 116 -19.68 8.33 -22.60
CA VAL B 116 -18.34 7.80 -22.37
C VAL B 116 -18.26 6.40 -23.00
N CYS B 117 -17.26 6.22 -23.85
CA CYS B 117 -16.94 4.92 -24.43
C CYS B 117 -15.65 4.47 -23.80
N PHE B 118 -15.59 3.23 -23.31
CA PHE B 118 -14.38 2.85 -22.61
C PHE B 118 -14.08 1.37 -22.80
N ASP B 119 -12.79 1.06 -22.71
CA ASP B 119 -12.32 -0.30 -22.58
C ASP B 119 -11.75 -0.45 -21.18
N PRO B 120 -12.46 -1.11 -20.26
CA PRO B 120 -12.05 -1.07 -18.84
C PRO B 120 -10.74 -1.78 -18.57
N LEU B 121 -10.43 -2.83 -19.32
CA LEU B 121 -9.13 -3.49 -19.12
C LEU B 121 -8.69 -4.03 -20.49
N ASP B 122 -8.04 -3.16 -21.26
CA ASP B 122 -7.53 -3.55 -22.57
C ASP B 122 -6.29 -4.40 -22.40
N GLY B 123 -6.20 -5.44 -23.22
CA GLY B 123 -5.10 -6.38 -23.13
C GLY B 123 -5.28 -7.45 -22.08
N SER B 124 -6.45 -7.51 -21.43
CA SER B 124 -6.66 -8.45 -20.34
C SER B 124 -6.63 -9.91 -20.79
N SER B 125 -6.78 -10.16 -22.11
CA SER B 125 -6.77 -11.53 -22.58
C SER B 125 -5.43 -12.21 -22.34
N ASN B 126 -4.34 -11.42 -22.30
CA ASN B 126 -2.99 -11.94 -22.05
C ASN B 126 -2.51 -11.61 -20.65
N ILE B 127 -3.42 -11.25 -19.73
CA ILE B 127 -3.00 -10.85 -18.40
C ILE B 127 -2.39 -12.02 -17.62
N ASP B 128 -2.64 -13.26 -18.07
CA ASP B 128 -2.07 -14.43 -17.39
C ASP B 128 -0.55 -14.40 -17.38
N CYS B 129 0.09 -13.71 -18.34
CA CYS B 129 1.53 -13.58 -18.36
C CYS B 129 2.01 -12.23 -17.85
N LEU B 130 1.13 -11.48 -17.16
CA LEU B 130 1.46 -10.23 -16.49
C LEU B 130 1.89 -9.12 -17.45
N VAL B 131 1.50 -9.24 -18.72
CA VAL B 131 1.70 -8.16 -19.67
C VAL B 131 1.07 -6.87 -19.12
N SER B 132 1.63 -5.73 -19.53
CA SER B 132 0.97 -4.46 -19.30
C SER B 132 -0.47 -4.52 -19.77
N VAL B 133 -1.37 -3.92 -18.99
CA VAL B 133 -2.76 -3.74 -19.41
C VAL B 133 -3.16 -2.30 -19.15
N GLY B 134 -4.34 -1.92 -19.63
CA GLY B 134 -4.74 -0.53 -19.52
C GLY B 134 -6.24 -0.33 -19.60
N THR B 135 -6.64 0.89 -19.26
CA THR B 135 -8.01 1.36 -19.39
C THR B 135 -8.01 2.48 -20.42
N ILE B 136 -8.91 2.42 -21.39
CA ILE B 136 -9.04 3.45 -22.43
C ILE B 136 -10.41 4.07 -22.30
N PHE B 137 -10.48 5.40 -22.44
CA PHE B 137 -11.74 6.12 -22.33
C PHE B 137 -11.74 7.28 -23.30
N GLY B 138 -12.94 7.61 -23.79
CA GLY B 138 -13.24 8.76 -24.62
C GLY B 138 -14.55 9.36 -24.16
N ILE B 139 -14.62 10.69 -24.16
CA ILE B 139 -15.77 11.39 -23.61
C ILE B 139 -16.35 12.29 -24.68
N TYR B 140 -17.64 12.15 -24.95
CA TYR B 140 -18.37 13.03 -25.85
C TYR B 140 -19.48 13.74 -25.07
N ARG B 141 -19.83 14.94 -25.52
CA ARG B 141 -21.04 15.60 -25.04
C ARG B 141 -22.23 15.16 -25.89
N LYS B 142 -23.35 14.82 -25.24
CA LYS B 142 -24.58 14.54 -25.97
C LYS B 142 -25.05 15.78 -26.70
N LYS B 143 -25.29 15.66 -28.00
CA LYS B 143 -25.52 16.83 -28.83
C LYS B 143 -27.00 17.16 -28.99
N SER B 144 -27.87 16.17 -28.96
CA SER B 144 -29.29 16.36 -29.25
C SER B 144 -30.14 16.39 -27.98
N THR B 145 -31.36 16.92 -28.13
CA THR B 145 -32.36 16.94 -27.08
C THR B 145 -33.21 15.68 -27.08
N ASP B 146 -32.89 14.73 -27.94
CA ASP B 146 -33.61 13.47 -27.98
C ASP B 146 -33.37 12.68 -26.70
N GLU B 147 -34.19 11.67 -26.50
CA GLU B 147 -33.96 10.70 -25.44
C GLU B 147 -32.61 10.01 -25.65
N PRO B 148 -31.83 9.81 -24.60
CA PRO B 148 -30.51 9.19 -24.77
C PRO B 148 -30.63 7.77 -25.33
N SER B 149 -29.75 7.44 -26.27
CA SER B 149 -29.83 6.15 -26.94
C SER B 149 -28.45 5.75 -27.42
N GLU B 150 -28.35 4.50 -27.89
CA GLU B 150 -27.08 3.98 -28.38
C GLU B 150 -26.51 4.85 -29.48
N LYS B 151 -27.36 5.45 -30.31
CA LYS B 151 -26.89 6.28 -31.40
C LYS B 151 -26.18 7.56 -30.93
N ASP B 152 -26.38 7.97 -29.68
CA ASP B 152 -25.64 9.13 -29.23
C ASP B 152 -24.14 8.89 -29.19
N ALA B 153 -23.71 7.63 -29.15
CA ALA B 153 -22.29 7.30 -29.17
C ALA B 153 -21.72 7.22 -30.58
N LEU B 154 -22.56 7.34 -31.60
CA LEU B 154 -22.10 7.24 -32.99
C LEU B 154 -21.66 8.62 -33.48
N GLN B 155 -20.59 9.11 -32.85
CA GLN B 155 -19.97 10.39 -33.21
C GLN B 155 -18.53 10.20 -33.66
N PRO B 156 -18.07 10.97 -34.65
CA PRO B 156 -16.65 10.90 -35.03
C PRO B 156 -15.76 11.33 -33.86
N GLY B 157 -14.57 10.75 -33.81
CA GLY B 157 -13.63 11.07 -32.75
C GLY B 157 -13.31 12.56 -32.66
N ARG B 158 -13.45 13.30 -33.78
CA ARG B 158 -13.29 14.75 -33.76
C ARG B 158 -14.16 15.42 -32.71
N ASN B 159 -15.29 14.78 -32.34
CA ASN B 159 -16.21 15.37 -31.39
C ASN B 159 -15.80 15.13 -29.94
N LEU B 160 -14.72 14.39 -29.71
CA LEU B 160 -14.31 14.08 -28.35
C LEU B 160 -14.09 15.36 -27.55
N VAL B 161 -14.59 15.35 -26.32
CA VAL B 161 -14.33 16.42 -25.37
C VAL B 161 -13.04 16.12 -24.60
N ALA B 162 -12.81 14.84 -24.34
CA ALA B 162 -11.64 14.40 -23.60
C ALA B 162 -11.44 12.93 -23.90
N ALA B 163 -10.19 12.48 -23.77
CA ALA B 163 -9.87 11.08 -23.93
C ALA B 163 -8.54 10.82 -23.26
N GLY B 164 -8.27 9.55 -23.00
CA GLY B 164 -6.96 9.17 -22.48
C GLY B 164 -6.95 7.71 -22.10
N TYR B 165 -5.97 7.37 -21.27
CA TYR B 165 -5.83 5.98 -20.88
C TYR B 165 -5.06 5.92 -19.56
N ALA B 166 -5.26 4.82 -18.86
CA ALA B 166 -4.45 4.47 -17.72
C ALA B 166 -3.65 3.24 -18.10
N LEU B 167 -2.35 3.32 -17.89
CA LEU B 167 -1.46 2.20 -18.18
C LEU B 167 -1.04 1.59 -16.86
N TYR B 168 -1.33 0.30 -16.67
CA TYR B 168 -0.86 -0.46 -15.50
C TYR B 168 0.36 -1.24 -15.96
N GLY B 169 1.48 -0.53 -16.07
CA GLY B 169 2.72 -1.16 -16.49
C GLY B 169 3.61 -1.40 -15.30
N SER B 170 4.91 -1.10 -15.46
CA SER B 170 5.81 -1.15 -14.31
C SER B 170 5.33 -0.21 -13.21
N ALA B 171 4.79 0.95 -13.61
CA ALA B 171 4.05 1.82 -12.71
C ALA B 171 2.70 2.11 -13.36
N THR B 172 1.81 2.75 -12.60
CA THR B 172 0.51 3.13 -13.11
C THR B 172 0.52 4.61 -13.49
N MET B 173 0.14 4.91 -14.73
CA MET B 173 0.09 6.27 -15.22
C MET B 173 -1.22 6.51 -15.93
N LEU B 174 -1.81 7.69 -15.70
CA LEU B 174 -2.97 8.17 -16.40
C LEU B 174 -2.55 9.26 -17.37
N VAL B 175 -2.88 9.07 -18.64
CA VAL B 175 -2.60 10.06 -19.68
C VAL B 175 -3.92 10.70 -20.07
N LEU B 176 -4.02 12.01 -19.91
CA LEU B 176 -5.27 12.74 -20.12
C LEU B 176 -5.07 13.79 -21.20
N ALA B 177 -5.91 13.72 -22.23
CA ALA B 177 -5.86 14.63 -23.36
C ALA B 177 -7.13 15.47 -23.38
N MET B 178 -6.97 16.78 -23.42
CA MET B 178 -8.09 17.70 -23.56
C MET B 178 -7.66 18.78 -24.54
N ASP B 179 -8.52 19.79 -24.73
CA ASP B 179 -8.20 20.85 -25.68
C ASP B 179 -6.85 21.48 -25.38
N CYS B 180 -6.53 21.64 -24.09
CA CYS B 180 -5.28 22.25 -23.62
C CYS B 180 -4.06 21.36 -23.84
N GLY B 181 -4.22 20.17 -24.39
CA GLY B 181 -3.07 19.31 -24.64
C GLY B 181 -3.10 18.00 -23.88
N VAL B 182 -1.94 17.35 -23.78
CA VAL B 182 -1.84 16.04 -23.16
C VAL B 182 -1.04 16.17 -21.88
N ASN B 183 -1.55 15.60 -20.79
CA ASN B 183 -0.86 15.61 -19.51
C ASN B 183 -0.81 14.20 -18.92
N CYS B 184 0.31 13.87 -18.27
CA CYS B 184 0.61 12.53 -17.77
C CYS B 184 0.75 12.56 -16.26
N PHE B 185 0.01 11.69 -15.59
CA PHE B 185 -0.07 11.65 -14.14
C PHE B 185 0.41 10.29 -13.65
N MET B 186 1.38 10.29 -12.73
CA MET B 186 1.88 9.07 -12.14
C MET B 186 1.10 8.75 -10.87
N LEU B 187 0.53 7.55 -10.81
CA LEU B 187 -0.14 7.14 -9.58
C LEU B 187 0.90 6.83 -8.51
N ASP B 188 0.84 7.55 -7.40
CA ASP B 188 1.69 7.24 -6.26
C ASP B 188 0.88 6.30 -5.38
N PRO B 189 1.18 5.01 -5.38
CA PRO B 189 0.35 4.08 -4.60
C PRO B 189 0.49 4.27 -3.08
N ALA B 190 1.54 4.95 -2.61
CA ALA B 190 1.67 5.19 -1.18
C ALA B 190 0.54 6.06 -0.63
N ILE B 191 0.07 7.02 -1.40
CA ILE B 191 -0.96 7.96 -0.97
C ILE B 191 -2.17 7.94 -1.88
N GLY B 192 -2.19 7.10 -2.91
CA GLY B 192 -3.33 7.04 -3.80
C GLY B 192 -3.66 8.35 -4.50
N GLU B 193 -2.64 9.00 -5.05
CA GLU B 193 -2.81 10.24 -5.79
C GLU B 193 -2.11 10.15 -7.13
N PHE B 194 -2.79 10.62 -8.19
CA PHE B 194 -2.15 10.83 -9.48
C PHE B 194 -1.38 12.14 -9.44
N ILE B 195 -0.05 12.07 -9.61
CA ILE B 195 0.85 13.21 -9.55
C ILE B 195 1.16 13.65 -10.98
N LEU B 196 1.02 14.94 -11.26
CA LEU B 196 1.39 15.44 -12.59
C LEU B 196 2.91 15.37 -12.76
N VAL B 197 3.39 14.55 -13.70
CA VAL B 197 4.82 14.39 -13.92
C VAL B 197 5.27 14.85 -15.28
N ASP B 198 4.38 14.98 -16.26
CA ASP B 198 4.72 15.45 -17.60
C ASP B 198 3.62 16.37 -18.10
N LYS B 199 3.94 17.66 -18.22
CA LYS B 199 2.96 18.67 -18.58
C LYS B 199 3.06 18.94 -20.08
N ASP B 200 1.91 19.12 -20.72
CA ASP B 200 1.82 19.51 -22.13
C ASP B 200 2.77 18.71 -23.03
N VAL B 201 2.51 17.41 -23.09
CA VAL B 201 3.38 16.45 -23.76
C VAL B 201 3.23 16.55 -25.27
N LYS B 202 4.34 16.48 -26.00
CA LYS B 202 4.34 16.40 -27.45
C LYS B 202 5.18 15.21 -27.89
N ILE B 203 4.76 14.56 -28.95
CA ILE B 203 5.45 13.38 -29.45
C ILE B 203 6.57 13.83 -30.38
N LYS B 204 7.64 13.04 -30.44
CA LYS B 204 8.73 13.32 -31.37
C LYS B 204 8.21 13.41 -32.79
N LYS B 205 8.81 14.31 -33.57
CA LYS B 205 8.40 14.43 -34.96
C LYS B 205 8.72 13.17 -35.74
N LYS B 206 9.81 12.49 -35.39
CA LYS B 206 10.20 11.22 -36.01
C LYS B 206 10.79 10.28 -34.98
N GLY B 207 10.42 9.01 -35.07
CA GLY B 207 10.86 8.01 -34.13
C GLY B 207 11.85 7.03 -34.75
N LYS B 208 12.15 5.99 -33.98
CA LYS B 208 13.10 4.96 -34.39
C LYS B 208 12.55 3.56 -34.11
N ILE B 209 11.27 3.43 -33.83
CA ILE B 209 10.68 2.15 -33.49
C ILE B 209 9.38 1.98 -34.26
N TYR B 210 9.18 0.80 -34.86
CA TYR B 210 7.90 0.46 -35.45
C TYR B 210 7.29 -0.71 -34.69
N SER B 211 5.98 -0.72 -34.62
CA SER B 211 5.29 -1.61 -33.70
C SER B 211 4.09 -2.22 -34.41
N LEU B 212 4.15 -3.52 -34.68
CA LEU B 212 3.02 -4.25 -35.22
C LEU B 212 3.34 -5.73 -35.13
N ASN B 213 2.31 -6.56 -35.26
CA ASN B 213 2.42 -8.02 -35.22
C ASN B 213 2.84 -8.52 -36.60
N GLU B 214 4.13 -8.79 -36.77
CA GLU B 214 4.64 -9.31 -38.04
C GLU B 214 4.31 -10.78 -38.25
N GLY B 215 3.68 -11.44 -37.29
CA GLY B 215 3.18 -12.78 -37.54
C GLY B 215 2.17 -12.84 -38.66
N TYR B 216 1.53 -11.72 -38.99
CA TYR B 216 0.55 -11.66 -40.06
C TYR B 216 1.15 -11.19 -41.38
N ALA B 217 2.46 -11.39 -41.57
CA ALA B 217 3.13 -10.88 -42.76
C ALA B 217 2.52 -11.43 -44.03
N LYS B 218 2.04 -12.68 -43.99
CA LYS B 218 1.44 -13.32 -45.15
C LYS B 218 0.15 -12.63 -45.59
N ASP B 219 -0.54 -11.93 -44.68
CA ASP B 219 -1.83 -11.32 -44.98
C ASP B 219 -1.73 -9.83 -45.25
N PHE B 220 -0.53 -9.26 -45.15
CA PHE B 220 -0.35 -7.81 -45.23
C PHE B 220 -0.81 -7.25 -46.57
N ASP B 221 -1.39 -6.06 -46.51
CA ASP B 221 -1.52 -5.23 -47.68
C ASP B 221 -0.12 -4.96 -48.24
N PRO B 222 0.04 -4.92 -49.56
CA PRO B 222 1.36 -4.61 -50.13
C PRO B 222 1.93 -3.30 -49.61
N ALA B 223 1.08 -2.31 -49.31
CA ALA B 223 1.60 -1.05 -48.77
C ALA B 223 2.27 -1.26 -47.42
N VAL B 224 1.64 -2.03 -46.54
CA VAL B 224 2.25 -2.33 -45.24
C VAL B 224 3.54 -3.13 -45.43
N THR B 225 3.52 -4.10 -46.35
CA THR B 225 4.72 -4.89 -46.61
C THR B 225 5.89 -3.98 -47.00
N GLU B 226 5.63 -3.05 -47.93
CA GLU B 226 6.69 -2.16 -48.42
C GLU B 226 7.22 -1.27 -47.30
N TYR B 227 6.31 -0.72 -46.50
CA TYR B 227 6.70 0.18 -45.43
C TYR B 227 7.60 -0.52 -44.42
N ILE B 228 7.24 -1.74 -44.02
CA ILE B 228 8.04 -2.46 -43.03
C ILE B 228 9.42 -2.75 -43.60
N GLN B 229 9.49 -3.08 -44.89
CA GLN B 229 10.77 -3.29 -45.54
C GLN B 229 11.64 -2.04 -45.47
N ARG B 230 11.01 -0.86 -45.61
CA ARG B 230 11.75 0.39 -45.50
C ARG B 230 12.29 0.60 -44.09
N LYS B 231 11.59 0.08 -43.07
CA LYS B 231 12.08 0.21 -41.71
C LYS B 231 13.27 -0.69 -41.48
N LYS B 232 13.31 -1.86 -42.10
CA LYS B 232 14.43 -2.75 -41.88
C LYS B 232 15.61 -2.42 -42.80
N PHE B 233 15.32 -1.91 -44.00
CA PHE B 233 16.32 -1.60 -45.01
C PHE B 233 16.10 -0.16 -45.50
N PRO B 234 16.58 0.84 -44.76
CA PRO B 234 16.25 2.25 -45.08
C PRO B 234 16.80 2.69 -46.42
N PRO B 235 15.99 3.34 -47.25
CA PRO B 235 16.46 3.77 -48.57
C PRO B 235 17.45 4.91 -48.54
N ASP B 236 17.52 5.66 -47.43
CA ASP B 236 18.41 6.80 -47.31
C ASP B 236 19.61 6.56 -46.40
N ASN B 237 20.05 5.30 -46.27
CA ASN B 237 21.24 4.95 -45.50
C ASN B 237 21.16 5.32 -44.02
N SER B 238 19.98 5.56 -43.48
CA SER B 238 19.87 5.73 -42.04
C SER B 238 19.82 4.36 -41.37
N ALA B 239 19.85 4.35 -40.03
CA ALA B 239 19.83 3.09 -39.28
C ALA B 239 18.45 2.44 -39.37
N PRO B 240 18.38 1.12 -39.47
CA PRO B 240 17.07 0.46 -39.44
C PRO B 240 16.37 0.72 -38.11
N TYR B 241 15.05 0.81 -38.18
CA TYR B 241 14.22 0.99 -36.98
C TYR B 241 14.26 -0.23 -36.08
N GLY B 242 14.16 0.01 -34.77
CA GLY B 242 13.90 -1.08 -33.86
C GLY B 242 12.45 -1.52 -33.90
N ALA B 243 12.22 -2.77 -33.52
CA ALA B 243 10.88 -3.35 -33.47
C ALA B 243 10.52 -3.65 -32.02
N ARG B 244 9.29 -3.30 -31.64
CA ARG B 244 8.72 -3.60 -30.33
C ARG B 244 7.25 -3.91 -30.55
N TYR B 245 6.75 -4.99 -29.97
CA TYR B 245 5.32 -5.28 -30.06
C TYR B 245 4.92 -6.01 -28.78
N VAL B 246 4.35 -5.26 -27.83
CA VAL B 246 3.86 -5.87 -26.61
C VAL B 246 2.62 -6.71 -26.88
N GLY B 247 1.77 -6.28 -27.80
CA GLY B 247 0.50 -6.95 -27.99
C GLY B 247 -0.59 -6.46 -27.06
N SER B 248 -0.30 -5.48 -26.22
CA SER B 248 -1.29 -4.73 -25.46
C SER B 248 -1.29 -3.30 -26.00
N MET B 249 -2.42 -2.88 -26.57
CA MET B 249 -2.46 -1.62 -27.30
C MET B 249 -2.01 -0.43 -26.45
N VAL B 250 -2.50 -0.34 -25.21
CA VAL B 250 -2.14 0.80 -24.36
C VAL B 250 -0.63 0.85 -24.13
N ALA B 251 -0.01 -0.31 -23.89
CA ALA B 251 1.43 -0.33 -23.69
C ALA B 251 2.16 0.11 -24.97
N ASP B 252 1.75 -0.42 -26.12
CA ASP B 252 2.44 -0.08 -27.37
C ASP B 252 2.23 1.39 -27.73
N VAL B 253 1.02 1.90 -27.55
CA VAL B 253 0.74 3.30 -27.88
C VAL B 253 1.48 4.23 -26.93
N HIS B 254 1.52 3.88 -25.64
CA HIS B 254 2.23 4.73 -24.69
C HIS B 254 3.71 4.80 -25.02
N ARG B 255 4.32 3.65 -25.30
CA ARG B 255 5.73 3.68 -25.71
C ARG B 255 5.91 4.57 -26.93
N THR B 256 4.98 4.50 -27.88
CA THR B 256 5.04 5.36 -29.06
C THR B 256 4.97 6.83 -28.67
N LEU B 257 4.09 7.17 -27.72
CA LEU B 257 4.00 8.56 -27.26
C LEU B 257 5.30 9.04 -26.62
N VAL B 258 5.92 8.20 -25.81
CA VAL B 258 7.06 8.61 -24.99
C VAL B 258 8.34 8.67 -25.82
N TYR B 259 8.59 7.65 -26.65
CA TYR B 259 9.84 7.54 -27.40
C TYR B 259 9.70 7.87 -28.87
N GLY B 260 8.48 8.06 -29.38
CA GLY B 260 8.27 8.29 -30.79
C GLY B 260 8.25 6.99 -31.59
N GLY B 261 7.95 7.11 -32.86
CA GLY B 261 7.87 5.95 -33.73
C GLY B 261 6.45 5.76 -34.22
N ILE B 262 6.13 4.52 -34.57
CA ILE B 262 4.88 4.25 -35.26
C ILE B 262 4.27 2.93 -34.81
N PHE B 263 2.96 2.94 -34.65
CA PHE B 263 2.19 1.79 -34.22
C PHE B 263 1.18 1.50 -35.32
N LEU B 264 1.07 0.23 -35.72
CA LEU B 264 0.19 -0.15 -36.81
C LEU B 264 -0.63 -1.35 -36.38
N TYR B 265 -1.94 -1.28 -36.61
CA TYR B 265 -2.80 -2.46 -36.64
C TYR B 265 -3.61 -2.38 -37.92
N PRO B 266 -3.02 -2.80 -39.03
CA PRO B 266 -3.67 -2.70 -40.33
C PRO B 266 -4.57 -3.89 -40.57
N ALA B 267 -5.29 -3.90 -41.69
CA ALA B 267 -6.12 -5.04 -42.05
C ALA B 267 -5.27 -6.30 -42.30
N ASN B 268 -5.90 -7.46 -42.10
CA ASN B 268 -5.33 -8.76 -42.44
C ASN B 268 -6.46 -9.65 -42.96
N LYS B 269 -6.19 -10.95 -43.12
CA LYS B 269 -7.23 -11.85 -43.62
C LYS B 269 -8.38 -11.96 -42.64
N LYS B 270 -8.07 -12.11 -41.35
CA LYS B 270 -9.08 -12.19 -40.31
C LYS B 270 -9.78 -10.87 -40.07
N SER B 271 -9.18 -9.75 -40.44
CA SER B 271 -9.67 -8.42 -40.10
C SER B 271 -9.60 -7.47 -41.29
N PRO B 272 -10.49 -7.61 -42.28
CA PRO B 272 -10.46 -6.69 -43.42
C PRO B 272 -10.80 -5.25 -43.06
N ASN B 273 -11.36 -5.00 -41.88
CA ASN B 273 -11.59 -3.66 -41.35
C ASN B 273 -10.68 -3.38 -40.17
N GLY B 274 -9.59 -4.12 -40.05
CA GLY B 274 -8.75 -4.04 -38.88
C GLY B 274 -9.35 -4.85 -37.76
N LYS B 275 -8.68 -4.84 -36.62
CA LYS B 275 -9.16 -5.59 -35.48
C LYS B 275 -9.55 -4.71 -34.31
N LEU B 276 -8.86 -3.59 -34.10
CA LEU B 276 -9.14 -2.72 -32.98
C LEU B 276 -10.49 -2.02 -33.14
N ARG B 277 -11.09 -1.69 -32.01
CA ARG B 277 -12.44 -1.12 -31.99
C ARG B 277 -12.35 0.40 -32.09
N LEU B 278 -13.18 0.99 -32.96
CA LEU B 278 -13.06 2.40 -33.28
C LEU B 278 -13.40 3.29 -32.08
N LEU B 279 -14.51 3.00 -31.39
CA LEU B 279 -15.06 3.94 -30.43
C LEU B 279 -14.21 4.06 -29.17
N TYR B 280 -13.75 2.95 -28.62
CA TYR B 280 -13.11 2.97 -27.31
C TYR B 280 -11.68 2.47 -27.36
N GLU B 281 -11.14 2.22 -28.54
CA GLU B 281 -9.71 1.94 -28.70
C GLU B 281 -9.06 2.92 -29.66
N CYS B 282 -9.54 2.99 -30.91
CA CYS B 282 -8.87 3.83 -31.91
C CYS B 282 -9.07 5.32 -31.63
N ASN B 283 -10.32 5.76 -31.47
CA ASN B 283 -10.57 7.19 -31.31
C ASN B 283 -9.84 7.82 -30.13
N PRO B 284 -9.89 7.26 -28.91
CA PRO B 284 -9.16 7.92 -27.80
C PRO B 284 -7.66 8.07 -28.07
N MET B 285 -7.00 7.00 -28.52
CA MET B 285 -5.57 7.08 -28.80
C MET B 285 -5.29 8.03 -29.95
N ALA B 286 -6.16 8.02 -30.96
CA ALA B 286 -6.03 8.98 -32.06
C ALA B 286 -6.10 10.40 -31.51
N TYR B 287 -7.02 10.63 -30.58
CA TYR B 287 -7.16 11.94 -29.94
C TYR B 287 -5.91 12.28 -29.15
N VAL B 288 -5.42 11.32 -28.35
CA VAL B 288 -4.17 11.54 -27.61
C VAL B 288 -3.05 11.87 -28.56
N MET B 289 -2.92 11.08 -29.64
CA MET B 289 -1.86 11.35 -30.61
C MET B 289 -1.98 12.74 -31.21
N GLU B 290 -3.18 13.10 -31.70
CA GLU B 290 -3.31 14.38 -32.37
C GLU B 290 -3.09 15.54 -31.42
N LYS B 291 -3.65 15.47 -30.21
CA LYS B 291 -3.39 16.54 -29.25
C LYS B 291 -1.93 16.60 -28.84
N ALA B 292 -1.16 15.53 -29.09
CA ALA B 292 0.27 15.53 -28.81
C ALA B 292 1.11 15.88 -30.03
N GLY B 293 0.50 16.34 -31.11
CA GLY B 293 1.23 16.61 -32.34
C GLY B 293 1.54 15.39 -33.18
N GLY B 294 0.92 14.25 -32.92
CA GLY B 294 1.10 13.06 -33.74
C GLY B 294 -0.02 12.94 -34.75
N MET B 295 -0.07 11.76 -35.37
CA MET B 295 -1.09 11.50 -36.38
C MET B 295 -1.72 10.13 -36.17
N ALA B 296 -2.93 9.96 -36.69
CA ALA B 296 -3.66 8.70 -36.58
C ALA B 296 -4.56 8.52 -37.80
N THR B 297 -4.28 7.50 -38.59
CA THR B 297 -4.96 7.28 -39.86
C THR B 297 -5.39 5.83 -39.97
N THR B 298 -6.45 5.62 -40.76
CA THR B 298 -6.85 4.30 -41.24
C THR B 298 -6.13 3.90 -42.51
N GLY B 299 -5.36 4.81 -43.10
CA GLY B 299 -4.89 4.63 -44.45
C GLY B 299 -5.67 5.52 -45.40
N LYS B 300 -6.98 5.49 -45.29
CA LYS B 300 -7.86 6.24 -46.18
C LYS B 300 -8.18 7.63 -45.63
N GLU B 301 -8.18 7.80 -44.31
CA GLU B 301 -8.61 9.04 -43.68
C GLU B 301 -8.10 9.08 -42.24
N ALA B 302 -8.22 10.25 -41.62
CA ALA B 302 -7.89 10.35 -40.21
C ALA B 302 -8.82 9.46 -39.40
N VAL B 303 -8.27 8.80 -38.36
CA VAL B 303 -9.14 8.00 -37.49
C VAL B 303 -10.29 8.86 -36.96
N LEU B 304 -9.97 10.07 -36.46
CA LEU B 304 -10.95 10.92 -35.81
C LEU B 304 -12.06 11.41 -36.75
N ASP B 305 -11.89 11.25 -38.07
CA ASP B 305 -12.89 11.64 -39.05
C ASP B 305 -13.81 10.50 -39.46
N VAL B 306 -13.50 9.26 -39.07
CA VAL B 306 -14.39 8.14 -39.38
C VAL B 306 -15.72 8.37 -38.68
N ILE B 307 -16.81 8.18 -39.43
CA ILE B 307 -18.17 8.29 -38.91
C ILE B 307 -18.67 6.88 -38.57
N PRO B 308 -18.81 6.54 -37.30
CA PRO B 308 -19.21 5.16 -36.97
C PRO B 308 -20.68 4.92 -37.21
N THR B 309 -21.00 3.66 -37.50
CA THR B 309 -22.37 3.19 -37.64
C THR B 309 -22.70 2.06 -36.68
N ASP B 310 -21.71 1.55 -35.93
CA ASP B 310 -21.92 0.49 -34.96
C ASP B 310 -20.96 0.73 -33.81
N ILE B 311 -21.46 0.62 -32.57
CA ILE B 311 -20.61 0.98 -31.43
C ILE B 311 -19.40 0.06 -31.29
N HIS B 312 -19.48 -1.17 -31.80
CA HIS B 312 -18.34 -2.09 -31.70
C HIS B 312 -17.59 -2.26 -33.01
N GLN B 313 -17.72 -1.32 -33.93
CA GLN B 313 -17.10 -1.51 -35.24
C GLN B 313 -15.58 -1.38 -35.14
N ARG B 314 -14.90 -2.06 -36.05
CA ARG B 314 -13.44 -2.07 -36.10
C ARG B 314 -12.94 -1.03 -37.09
N ALA B 315 -11.68 -0.64 -36.89
CA ALA B 315 -11.00 0.26 -37.78
C ALA B 315 -9.53 -0.11 -37.80
N PRO B 316 -8.88 -0.06 -38.95
CA PRO B 316 -7.42 -0.16 -38.96
C PRO B 316 -6.83 1.13 -38.41
N VAL B 317 -5.64 1.04 -37.85
CA VAL B 317 -5.04 2.21 -37.25
C VAL B 317 -3.53 2.17 -37.44
N ILE B 318 -2.98 3.28 -37.92
CA ILE B 318 -1.56 3.57 -37.97
C ILE B 318 -1.40 4.90 -37.28
N LEU B 319 -0.57 4.96 -36.26
CA LEU B 319 -0.52 6.21 -35.51
C LEU B 319 0.90 6.45 -34.99
N GLY B 320 1.16 7.70 -34.65
CA GLY B 320 2.42 7.98 -33.98
C GLY B 320 3.08 9.26 -34.42
N SER B 321 4.41 9.24 -34.47
CA SER B 321 5.16 10.42 -34.87
C SER B 321 4.75 10.85 -36.26
N PRO B 322 4.61 12.16 -36.50
CA PRO B 322 4.03 12.60 -37.79
C PRO B 322 4.86 12.24 -39.00
N ASP B 323 6.18 12.44 -38.96
CA ASP B 323 7.02 12.05 -40.09
C ASP B 323 6.85 10.57 -40.42
N ASP B 324 6.76 9.72 -39.38
CA ASP B 324 6.63 8.29 -39.58
C ASP B 324 5.29 7.92 -40.20
N VAL B 325 4.21 8.57 -39.74
CA VAL B 325 2.89 8.28 -40.29
C VAL B 325 2.78 8.79 -41.72
N LEU B 326 3.30 9.98 -41.98
CA LEU B 326 3.29 10.52 -43.34
C LEU B 326 4.08 9.61 -44.29
N GLU B 327 5.23 9.10 -43.83
CA GLU B 327 5.97 8.16 -44.64
C GLU B 327 5.16 6.91 -44.93
N PHE B 328 4.40 6.42 -43.94
CA PHE B 328 3.52 5.30 -44.23
C PHE B 328 2.44 5.71 -45.23
N LEU B 329 1.85 6.89 -45.04
CA LEU B 329 0.80 7.33 -45.98
C LEU B 329 1.35 7.62 -47.35
N LYS B 330 2.61 8.07 -47.43
CA LYS B 330 3.22 8.22 -48.75
C LYS B 330 3.29 6.88 -49.45
N VAL B 331 3.70 5.84 -48.72
CA VAL B 331 3.74 4.48 -49.27
C VAL B 331 2.34 3.99 -49.64
N TYR B 332 1.36 4.20 -48.75
CA TYR B 332 0.00 3.71 -48.99
C TYR B 332 -0.59 4.32 -50.26
N GLU B 333 -0.39 5.61 -50.47
CA GLU B 333 -0.90 6.27 -51.68
C GLU B 333 -0.22 5.75 -52.94
N LYS B 334 1.05 5.37 -52.85
CA LYS B 334 1.73 4.79 -54.00
C LYS B 334 1.01 3.55 -54.49
N HIS B 335 0.51 2.73 -53.57
CA HIS B 335 -0.29 1.57 -53.92
C HIS B 335 -1.75 1.94 -54.07
N SER B 336 -2.04 3.24 -54.19
CA SER B 336 -3.38 3.78 -54.31
C SER B 336 -4.21 3.45 -53.07
N ASP C 10 23.63 -2.72 10.24
CA ASP C 10 22.99 -3.63 9.29
C ASP C 10 21.50 -3.81 9.58
N VAL C 11 20.71 -3.75 8.51
CA VAL C 11 19.28 -3.92 8.62
C VAL C 11 18.96 -5.35 9.08
N ASN C 12 17.85 -5.50 9.81
CA ASN C 12 17.39 -6.83 10.20
C ASN C 12 15.86 -6.86 10.19
N THR C 13 15.32 -7.98 9.72
CA THR C 13 13.89 -8.22 9.60
C THR C 13 13.45 -9.28 10.58
N LEU C 14 12.13 -9.37 10.76
CA LEU C 14 11.59 -10.33 11.73
C LEU C 14 11.99 -11.76 11.37
N THR C 15 11.75 -12.17 10.13
CA THR C 15 12.06 -13.53 9.74
C THR C 15 13.56 -13.82 9.78
N ARG C 16 14.38 -12.89 9.31
CA ARG C 16 15.82 -13.10 9.36
C ARG C 16 16.32 -13.19 10.81
N PHE C 17 15.86 -12.28 11.67
CA PHE C 17 16.22 -12.34 13.08
C PHE C 17 15.86 -13.68 13.69
N VAL C 18 14.64 -14.15 13.42
CA VAL C 18 14.21 -15.39 14.06
C VAL C 18 15.00 -16.57 13.53
N MET C 19 15.25 -16.61 12.21
CA MET C 19 16.03 -17.71 11.62
C MET C 19 17.41 -17.79 12.25
N GLU C 20 18.08 -16.64 12.38
CA GLU C 20 19.42 -16.59 12.97
C GLU C 20 19.41 -17.11 14.40
N GLU C 21 18.40 -16.74 15.19
CA GLU C 21 18.29 -17.27 16.54
C GLU C 21 18.04 -18.78 16.54
N GLY C 22 17.25 -19.26 15.58
CA GLY C 22 16.97 -20.68 15.51
C GLY C 22 18.19 -21.48 15.12
N ARG C 23 18.97 -20.97 14.17
CA ARG C 23 20.19 -21.66 13.77
C ARG C 23 21.20 -21.68 14.89
N LYS C 24 21.25 -20.62 15.71
CA LYS C 24 22.07 -20.66 16.91
C LYS C 24 21.60 -21.77 17.86
N ALA C 25 20.29 -21.86 18.10
CA ALA C 25 19.76 -22.87 18.99
C ALA C 25 19.75 -24.27 18.38
N ARG C 26 19.99 -24.40 17.06
CA ARG C 26 20.03 -25.69 16.39
C ARG C 26 18.72 -26.45 16.60
N GLY C 27 17.62 -25.71 16.64
CA GLY C 27 16.32 -26.30 16.76
C GLY C 27 15.88 -26.87 15.44
N THR C 28 14.72 -27.53 15.48
CA THR C 28 14.17 -28.25 14.35
C THR C 28 13.61 -27.35 13.27
N GLY C 29 13.40 -26.07 13.56
CA GLY C 29 12.77 -25.16 12.63
C GLY C 29 11.28 -24.98 12.78
N GLU C 30 10.62 -25.74 13.65
CA GLU C 30 9.17 -25.61 13.80
C GLU C 30 8.79 -24.25 14.36
N LEU C 31 9.53 -23.76 15.36
CA LEU C 31 9.20 -22.47 15.94
C LEU C 31 9.39 -21.34 14.93
N THR C 32 10.44 -21.41 14.11
CA THR C 32 10.65 -20.40 13.09
C THR C 32 9.48 -20.36 12.12
N GLN C 33 8.99 -21.54 11.72
CA GLN C 33 7.85 -21.66 10.84
C GLN C 33 6.58 -21.10 11.48
N LEU C 34 6.36 -21.43 12.76
CA LEU C 34 5.21 -20.87 13.47
C LEU C 34 5.26 -19.35 13.46
N LEU C 35 6.41 -18.79 13.85
CA LEU C 35 6.56 -17.35 13.94
C LEU C 35 6.46 -16.69 12.56
N ASN C 36 6.98 -17.35 11.51
CA ASN C 36 6.80 -16.78 10.18
C ASN C 36 5.33 -16.78 9.79
N SER C 37 4.61 -17.86 10.10
CA SER C 37 3.18 -17.92 9.83
C SER C 37 2.41 -16.84 10.60
N LEU C 38 2.75 -16.66 11.88
CA LEU C 38 2.13 -15.62 12.70
C LEU C 38 2.38 -14.24 12.13
N CYS C 39 3.62 -13.98 11.68
CA CYS C 39 3.97 -12.71 11.07
C CYS C 39 3.09 -12.42 9.86
N THR C 40 2.89 -13.42 9.00
CA THR C 40 2.02 -13.24 7.84
C THR C 40 0.62 -12.87 8.26
N ALA C 41 0.05 -13.62 9.22
CA ALA C 41 -1.30 -13.32 9.66
C ALA C 41 -1.41 -11.91 10.23
N VAL C 42 -0.41 -11.47 11.00
CA VAL C 42 -0.45 -10.12 11.57
C VAL C 42 -0.46 -9.05 10.48
N LYS C 43 0.37 -9.22 9.43
CA LYS C 43 0.34 -8.28 8.31
C LYS C 43 -1.02 -8.26 7.63
N ALA C 44 -1.66 -9.42 7.51
CA ALA C 44 -3.00 -9.44 6.95
C ALA C 44 -4.00 -8.78 7.89
N ILE C 45 -3.84 -9.00 9.19
CA ILE C 45 -4.71 -8.33 10.16
C ILE C 45 -4.49 -6.82 10.08
N SER C 46 -3.23 -6.38 10.03
CA SER C 46 -2.96 -4.95 9.93
C SER C 46 -3.65 -4.35 8.71
N SER C 47 -3.53 -5.03 7.57
CA SER C 47 -4.15 -4.54 6.34
C SER C 47 -5.66 -4.37 6.49
N ALA C 48 -6.34 -5.37 7.06
CA ALA C 48 -7.79 -5.27 7.26
C ALA C 48 -8.12 -4.21 8.32
N VAL C 49 -7.33 -4.13 9.38
CA VAL C 49 -7.61 -3.16 10.42
C VAL C 49 -7.54 -1.75 9.86
N ARG C 50 -6.54 -1.46 9.03
CA ARG C 50 -6.42 -0.15 8.38
C ARG C 50 -7.45 0.08 7.27
N LYS C 51 -8.36 -0.88 7.05
CA LYS C 51 -9.53 -0.72 6.18
C LYS C 51 -9.16 -0.73 4.69
N ALA C 52 -8.08 -1.41 4.31
CA ALA C 52 -7.80 -1.63 2.89
C ALA C 52 -8.99 -2.29 2.22
N GLY C 53 -9.44 -1.73 1.11
CA GLY C 53 -10.55 -2.34 0.40
C GLY C 53 -11.93 -2.02 0.94
N ILE C 54 -12.05 -1.14 1.94
CA ILE C 54 -13.36 -0.80 2.49
C ILE C 54 -14.25 -0.14 1.43
N ALA C 55 -13.66 0.48 0.41
CA ALA C 55 -14.46 1.05 -0.66
C ALA C 55 -15.34 0.00 -1.32
N HIS C 56 -14.87 -1.25 -1.39
CA HIS C 56 -15.69 -2.29 -1.98
C HIS C 56 -16.89 -2.62 -1.11
N LEU C 57 -16.74 -2.52 0.21
CA LEU C 57 -17.86 -2.74 1.12
C LEU C 57 -18.90 -1.64 0.99
N TYR C 58 -18.49 -0.43 0.59
CA TYR C 58 -19.40 0.71 0.49
C TYR C 58 -19.83 0.98 -0.95
N GLY C 59 -19.64 0.02 -1.86
CA GLY C 59 -20.29 0.05 -3.15
C GLY C 59 -19.53 0.61 -4.34
N ILE C 60 -18.19 0.67 -4.27
CA ILE C 60 -17.39 1.21 -5.37
C ILE C 60 -17.63 0.43 -6.67
N ALA C 61 -17.90 -0.87 -6.57
CA ALA C 61 -18.15 -1.71 -7.73
C ALA C 61 -19.62 -2.01 -7.89
N GLY C 62 -20.48 -1.17 -7.32
CA GLY C 62 -21.93 -1.35 -7.37
C GLY C 62 -22.47 -2.15 -6.19
N LYS C 72 -17.20 -10.56 6.62
CA LYS C 72 -16.76 -10.97 7.95
C LYS C 72 -16.58 -9.76 8.87
N LYS C 73 -16.98 -9.92 10.13
CA LYS C 73 -16.56 -8.97 11.14
C LYS C 73 -15.04 -9.08 11.29
N LEU C 74 -14.43 -7.97 11.71
CA LEU C 74 -12.97 -7.89 11.73
C LEU C 74 -12.38 -8.86 12.75
N ASP C 75 -13.04 -9.06 13.88
CA ASP C 75 -12.47 -9.98 14.84
C ASP C 75 -12.71 -11.42 14.41
N VAL C 76 -13.77 -11.67 13.66
CA VAL C 76 -13.96 -12.98 13.03
C VAL C 76 -12.88 -13.22 11.97
N LEU C 77 -12.67 -12.22 11.11
CA LEU C 77 -11.63 -12.34 10.08
C LEU C 77 -10.25 -12.52 10.71
N SER C 78 -9.92 -11.68 11.71
CA SER C 78 -8.64 -11.81 12.38
C SER C 78 -8.42 -13.22 12.91
N ASN C 79 -9.42 -13.75 13.60
CA ASN C 79 -9.34 -15.11 14.10
C ASN C 79 -9.08 -16.12 13.00
N ASP C 80 -9.79 -15.99 11.87
CA ASP C 80 -9.56 -16.92 10.76
C ASP C 80 -8.14 -16.81 10.24
N LEU C 81 -7.59 -15.60 10.19
CA LEU C 81 -6.23 -15.41 9.69
C LEU C 81 -5.23 -16.11 10.59
N VAL C 82 -5.35 -15.92 11.90
CA VAL C 82 -4.42 -16.58 12.80
C VAL C 82 -4.64 -18.10 12.79
N MET C 83 -5.91 -18.53 12.87
CA MET C 83 -6.21 -19.96 12.93
C MET C 83 -5.64 -20.66 11.72
N ASN C 84 -5.93 -20.12 10.54
CA ASN C 84 -5.58 -20.78 9.30
C ASN C 84 -4.07 -20.78 9.10
N MET C 85 -3.41 -19.67 9.44
CA MET C 85 -1.96 -19.60 9.27
C MET C 85 -1.24 -20.52 10.24
N LEU C 86 -1.79 -20.66 11.45
CA LEU C 86 -1.14 -21.52 12.44
C LEU C 86 -1.31 -22.99 12.10
N LYS C 87 -2.51 -23.40 11.68
CA LYS C 87 -2.73 -24.78 11.28
C LYS C 87 -1.81 -25.17 10.13
N SER C 88 -1.73 -24.33 9.11
CA SER C 88 -0.98 -24.61 7.91
C SER C 88 0.53 -24.47 8.11
N SER C 89 0.97 -24.02 9.29
CA SER C 89 2.38 -23.94 9.62
C SER C 89 2.98 -25.30 9.94
N PHE C 90 2.15 -26.29 10.21
CA PHE C 90 2.57 -27.63 10.64
C PHE C 90 3.38 -27.61 11.94
N ALA C 91 3.25 -26.57 12.76
CA ALA C 91 4.03 -26.45 13.99
C ALA C 91 3.17 -26.46 15.25
N THR C 92 1.85 -26.53 15.14
CA THR C 92 0.97 -26.42 16.30
C THR C 92 0.09 -27.66 16.43
N CYS C 93 -0.40 -27.90 17.65
CA CYS C 93 -1.33 -29.01 17.86
C CYS C 93 -2.59 -28.58 18.61
N VAL C 94 -2.50 -27.54 19.45
CA VAL C 94 -3.66 -27.02 20.16
C VAL C 94 -3.61 -25.51 20.07
N LEU C 95 -4.75 -24.89 19.75
CA LEU C 95 -4.86 -23.44 19.62
C LEU C 95 -6.00 -22.96 20.50
N VAL C 96 -5.72 -21.99 21.36
CA VAL C 96 -6.75 -21.34 22.19
C VAL C 96 -6.87 -19.90 21.72
N SER C 97 -8.08 -19.50 21.35
CA SER C 97 -8.36 -18.17 20.85
C SER C 97 -9.45 -17.52 21.70
N GLU C 98 -9.27 -16.22 21.98
CA GLU C 98 -10.32 -15.46 22.63
C GLU C 98 -11.66 -15.62 21.93
N GLU C 99 -11.63 -15.84 20.63
CA GLU C 99 -12.84 -15.91 19.82
C GLU C 99 -13.56 -17.25 19.89
N ASP C 100 -12.95 -18.28 20.48
CA ASP C 100 -13.48 -19.65 20.40
C ASP C 100 -13.72 -20.23 21.78
N LYS C 101 -14.91 -20.79 21.97
CA LYS C 101 -15.29 -21.24 23.32
C LYS C 101 -14.36 -22.36 23.79
N HIS C 102 -14.05 -23.31 22.92
CA HIS C 102 -13.17 -24.43 23.25
C HIS C 102 -11.86 -24.34 22.48
N ALA C 103 -10.84 -24.99 23.06
CA ALA C 103 -9.57 -25.16 22.40
C ALA C 103 -9.76 -25.85 21.06
N ILE C 104 -9.07 -25.37 20.04
CA ILE C 104 -9.12 -25.98 18.71
C ILE C 104 -7.96 -26.98 18.62
N ILE C 105 -8.28 -28.20 18.22
CA ILE C 105 -7.29 -29.26 18.09
C ILE C 105 -6.95 -29.40 16.62
N VAL C 106 -5.66 -29.30 16.30
CA VAL C 106 -5.22 -29.40 14.91
C VAL C 106 -5.41 -30.83 14.40
N GLU C 107 -5.82 -30.96 13.15
CA GLU C 107 -5.97 -32.27 12.56
C GLU C 107 -4.62 -32.97 12.54
N PRO C 108 -4.59 -34.31 12.65
CA PRO C 108 -3.29 -35.00 12.87
C PRO C 108 -2.26 -34.76 11.77
N GLU C 109 -2.68 -34.62 10.50
CA GLU C 109 -1.71 -34.42 9.42
C GLU C 109 -0.91 -33.14 9.59
N LYS C 110 -1.48 -32.15 10.27
CA LYS C 110 -0.83 -30.85 10.40
C LYS C 110 -0.31 -30.60 11.81
N ARG C 111 -0.26 -31.62 12.67
CA ARG C 111 0.13 -31.38 14.06
C ARG C 111 1.62 -31.14 14.18
N GLY C 112 1.96 -30.10 14.93
CA GLY C 112 3.33 -29.88 15.36
C GLY C 112 3.37 -29.89 16.88
N LYS C 113 4.44 -29.38 17.45
CA LYS C 113 4.67 -29.59 18.87
C LYS C 113 4.23 -28.44 19.76
N TYR C 114 3.74 -27.33 19.18
CA TYR C 114 3.48 -26.13 19.96
C TYR C 114 2.00 -25.90 20.23
N VAL C 115 1.73 -25.31 21.40
CA VAL C 115 0.42 -24.83 21.82
C VAL C 115 0.46 -23.31 21.76
N VAL C 116 -0.55 -22.69 21.17
CA VAL C 116 -0.60 -21.23 21.03
C VAL C 116 -1.91 -20.71 21.59
N CYS C 117 -1.81 -19.76 22.51
CA CYS C 117 -2.97 -19.05 23.03
C CYS C 117 -2.91 -17.62 22.50
N PHE C 118 -4.01 -17.14 21.92
CA PHE C 118 -3.93 -15.82 21.32
C PHE C 118 -5.26 -15.09 21.38
N ASP C 119 -5.17 -13.77 21.42
CA ASP C 119 -6.32 -12.90 21.20
C ASP C 119 -6.14 -12.26 19.83
N PRO C 120 -6.91 -12.66 18.82
CA PRO C 120 -6.62 -12.22 17.45
C PRO C 120 -6.81 -10.73 17.22
N LEU C 121 -7.77 -10.11 17.88
CA LEU C 121 -7.95 -8.66 17.78
C LEU C 121 -8.42 -8.17 19.14
N ASP C 122 -7.46 -7.87 20.01
CA ASP C 122 -7.80 -7.39 21.34
C ASP C 122 -8.16 -5.92 21.28
N GLY C 123 -9.17 -5.55 22.05
CA GLY C 123 -9.67 -4.20 22.03
C GLY C 123 -10.65 -3.90 20.93
N SER C 124 -11.02 -4.89 20.12
CA SER C 124 -11.88 -4.64 18.98
C SER C 124 -13.27 -4.15 19.37
N SER C 125 -13.68 -4.32 20.63
CA SER C 125 -15.01 -3.88 21.03
C SER C 125 -15.16 -2.36 20.89
N ASN C 126 -14.06 -1.61 20.98
CA ASN C 126 -14.08 -0.16 20.84
C ASN C 126 -13.50 0.31 19.51
N ILE C 127 -13.35 -0.59 18.53
CA ILE C 127 -12.72 -0.19 17.27
C ILE C 127 -13.57 0.83 16.52
N ASP C 128 -14.85 0.96 16.87
CA ASP C 128 -15.72 1.95 16.24
C ASP C 128 -15.20 3.36 16.43
N CYS C 129 -14.42 3.61 17.48
CA CYS C 129 -13.79 4.91 17.66
C CYS C 129 -12.33 4.91 17.23
N LEU C 130 -11.88 3.85 16.54
CA LEU C 130 -10.53 3.75 15.99
C LEU C 130 -9.44 3.74 17.07
N VAL C 131 -9.81 3.34 18.28
CA VAL C 131 -8.80 3.11 19.29
C VAL C 131 -7.79 2.09 18.76
N SER C 132 -6.53 2.25 19.15
CA SER C 132 -5.53 1.23 18.86
C SER C 132 -6.05 -0.13 19.25
N VAL C 133 -5.78 -1.13 18.41
CA VAL C 133 -6.13 -2.53 18.71
C VAL C 133 -4.87 -3.37 18.52
N GLY C 134 -4.97 -4.66 18.87
CA GLY C 134 -3.79 -5.49 18.83
C GLY C 134 -4.08 -6.97 18.84
N THR C 135 -3.02 -7.73 18.55
CA THR C 135 -3.00 -9.20 18.59
C THR C 135 -2.02 -9.63 19.67
N ILE C 136 -2.44 -10.52 20.56
CA ILE C 136 -1.60 -11.01 21.65
C ILE C 136 -1.44 -12.51 21.48
N PHE C 137 -0.24 -13.02 21.73
CA PHE C 137 -0.02 -14.45 21.58
C PHE C 137 0.97 -14.96 22.61
N GLY C 138 0.77 -16.22 23.00
CA GLY C 138 1.70 -16.89 23.87
C GLY C 138 1.91 -18.27 23.29
N ILE C 139 3.15 -18.75 23.31
CA ILE C 139 3.54 -20.00 22.66
C ILE C 139 4.14 -20.92 23.70
N TYR C 140 3.60 -22.13 23.80
CA TYR C 140 4.08 -23.19 24.67
C TYR C 140 4.47 -24.42 23.87
N ARG C 141 5.41 -25.18 24.40
CA ARG C 141 5.63 -26.55 23.92
C ARG C 141 4.64 -27.48 24.63
N LYS C 142 3.98 -28.34 23.87
CA LYS C 142 3.09 -29.33 24.45
C LYS C 142 3.87 -30.18 25.43
N LYS C 143 3.37 -30.28 26.66
CA LYS C 143 4.15 -30.87 27.73
C LYS C 143 3.86 -32.35 27.91
N SER C 144 2.63 -32.77 27.74
CA SER C 144 2.29 -34.16 28.01
C SER C 144 2.24 -34.95 26.71
N THR C 145 2.37 -36.26 26.82
CA THR C 145 2.32 -37.14 25.67
C THR C 145 0.90 -37.60 25.34
N ASP C 146 -0.10 -37.16 26.08
CA ASP C 146 -1.47 -37.53 25.78
C ASP C 146 -1.89 -36.98 24.41
N GLU C 147 -3.01 -37.51 23.91
CA GLU C 147 -3.60 -36.96 22.70
C GLU C 147 -3.84 -35.47 22.90
N PRO C 148 -3.64 -34.65 21.87
CA PRO C 148 -3.78 -33.21 22.08
C PRO C 148 -5.20 -32.89 22.52
N SER C 149 -5.29 -32.04 23.52
CA SER C 149 -6.58 -31.70 24.07
C SER C 149 -6.47 -30.31 24.67
N GLU C 150 -7.63 -29.82 25.11
CA GLU C 150 -7.69 -28.51 25.74
C GLU C 150 -6.72 -28.42 26.92
N LYS C 151 -6.45 -29.54 27.61
CA LYS C 151 -5.57 -29.50 28.78
C LYS C 151 -4.16 -29.05 28.44
N ASP C 152 -3.72 -29.19 27.19
CA ASP C 152 -2.35 -28.80 26.86
C ASP C 152 -2.11 -27.30 26.98
N ALA C 153 -3.15 -26.49 26.98
CA ALA C 153 -3.00 -25.05 27.13
C ALA C 153 -3.03 -24.58 28.58
N LEU C 154 -3.25 -25.49 29.54
CA LEU C 154 -3.33 -25.09 30.94
C LEU C 154 -1.96 -25.15 31.60
N GLN C 155 -1.04 -24.39 31.07
CA GLN C 155 0.29 -24.31 31.62
C GLN C 155 0.51 -22.93 32.18
N PRO C 156 1.25 -22.81 33.29
CA PRO C 156 1.61 -21.48 33.79
C PRO C 156 2.51 -20.72 32.83
N GLY C 157 2.36 -19.39 32.84
CA GLY C 157 3.13 -18.55 31.93
C GLY C 157 4.64 -18.73 32.04
N ARG C 158 5.13 -19.20 33.19
CA ARG C 158 6.54 -19.51 33.37
C ARG C 158 7.07 -20.45 32.28
N ASN C 159 6.19 -21.28 31.72
CA ASN C 159 6.57 -22.25 30.71
C ASN C 159 6.61 -21.66 29.31
N LEU C 160 6.30 -20.38 29.14
CA LEU C 160 6.27 -19.80 27.81
C LEU C 160 7.62 -19.93 27.11
N VAL C 161 7.58 -20.33 25.84
CA VAL C 161 8.75 -20.35 24.98
C VAL C 161 8.92 -19.01 24.26
N ALA C 162 7.81 -18.42 23.85
CA ALA C 162 7.80 -17.15 23.16
C ALA C 162 6.43 -16.52 23.37
N ALA C 163 6.40 -15.19 23.36
CA ALA C 163 5.16 -14.46 23.53
C ALA C 163 5.37 -13.07 22.96
N GLY C 164 4.27 -12.40 22.70
CA GLY C 164 4.39 -11.02 22.26
C GLY C 164 3.05 -10.51 21.80
N TYR C 165 3.11 -9.44 21.03
CA TYR C 165 1.90 -8.78 20.58
C TYR C 165 2.24 -7.93 19.37
N ALA C 166 1.22 -7.69 18.55
CA ALA C 166 1.27 -6.69 17.48
C ALA C 166 0.29 -5.57 17.83
N LEU C 167 0.76 -4.33 17.78
CA LEU C 167 -0.06 -3.15 18.06
C LEU C 167 -0.36 -2.46 16.75
N TYR C 168 -1.65 -2.33 16.45
CA TYR C 168 -2.13 -1.59 15.27
C TYR C 168 -2.51 -0.21 15.79
N GLY C 169 -1.49 0.63 15.99
CA GLY C 169 -1.70 1.99 16.47
C GLY C 169 -1.45 2.97 15.34
N SER C 170 -0.75 4.08 15.64
CA SER C 170 -0.37 5.00 14.57
C SER C 170 0.44 4.29 13.49
N ALA C 171 1.34 3.39 13.89
CA ALA C 171 1.95 2.41 13.01
C ALA C 171 1.77 1.03 13.61
N THR C 172 2.08 0.01 12.84
CA THR C 172 1.97 -1.36 13.32
C THR C 172 3.33 -1.83 13.79
N MET C 173 3.40 -2.34 15.03
CA MET C 173 4.64 -2.86 15.58
C MET C 173 4.40 -4.22 16.20
N LEU C 174 5.33 -5.14 15.96
CA LEU C 174 5.29 -6.47 16.58
C LEU C 174 6.37 -6.49 17.65
N VAL C 175 5.99 -6.80 18.87
CA VAL C 175 6.91 -6.92 20.00
C VAL C 175 7.03 -8.39 20.33
N LEU C 176 8.25 -8.91 20.32
CA LEU C 176 8.53 -10.33 20.48
C LEU C 176 9.46 -10.56 21.66
N ALA C 177 9.04 -11.38 22.61
CA ALA C 177 9.83 -11.73 23.77
C ALA C 177 10.20 -13.21 23.71
N MET C 178 11.49 -13.51 23.84
CA MET C 178 11.99 -14.87 23.95
C MET C 178 13.08 -14.87 24.99
N ASP C 179 13.76 -16.01 25.14
CA ASP C 179 14.83 -16.12 26.12
C ASP C 179 15.89 -15.02 25.94
N CYS C 180 16.22 -14.68 24.68
CA CYS C 180 17.24 -13.68 24.42
C CYS C 180 16.80 -12.27 24.73
N GLY C 181 15.55 -12.07 25.16
CA GLY C 181 15.08 -10.73 25.50
C GLY C 181 13.92 -10.27 24.63
N VAL C 182 13.65 -8.96 24.62
CA VAL C 182 12.51 -8.40 23.91
C VAL C 182 13.01 -7.59 22.73
N ASN C 183 12.44 -7.82 21.56
CA ASN C 183 12.81 -7.09 20.36
C ASN C 183 11.55 -6.58 19.69
N CYS C 184 11.64 -5.38 19.08
CA CYS C 184 10.50 -4.67 18.51
C CYS C 184 10.70 -4.41 17.02
N PHE C 185 9.71 -4.82 16.23
CA PHE C 185 9.79 -4.77 14.78
C PHE C 185 8.66 -3.88 14.27
N MET C 186 9.02 -2.87 13.50
CA MET C 186 8.03 -1.99 12.91
C MET C 186 7.64 -2.52 11.54
N LEU C 187 6.35 -2.63 11.29
CA LEU C 187 5.88 -3.03 9.98
C LEU C 187 6.06 -1.88 9.00
N ASP C 188 6.83 -2.12 7.94
CA ASP C 188 6.93 -1.15 6.85
C ASP C 188 5.87 -1.50 5.81
N PRO C 189 4.75 -0.78 5.77
CA PRO C 189 3.66 -1.18 4.86
C PRO C 189 3.99 -1.02 3.38
N ALA C 190 4.99 -0.20 3.03
CA ALA C 190 5.38 -0.09 1.63
C ALA C 190 5.86 -1.44 1.09
N ILE C 191 6.52 -2.25 1.92
CA ILE C 191 7.11 -3.50 1.47
C ILE C 191 6.62 -4.70 2.26
N GLY C 192 5.77 -4.51 3.26
CA GLY C 192 5.31 -5.63 4.07
C GLY C 192 6.39 -6.37 4.82
N GLU C 193 7.27 -5.65 5.49
CA GLU C 193 8.35 -6.27 6.25
C GLU C 193 8.40 -5.68 7.64
N PHE C 194 8.52 -6.54 8.65
CA PHE C 194 8.78 -6.10 10.00
C PHE C 194 10.26 -5.80 10.13
N ILE C 195 10.59 -4.54 10.43
CA ILE C 195 11.98 -4.10 10.53
C ILE C 195 12.37 -4.04 12.00
N LEU C 196 13.50 -4.65 12.37
CA LEU C 196 13.96 -4.55 13.76
C LEU C 196 14.37 -3.11 14.05
N VAL C 197 13.65 -2.45 14.96
CA VAL C 197 13.94 -1.06 15.28
C VAL C 197 14.37 -0.84 16.73
N ASP C 198 14.08 -1.77 17.65
CA ASP C 198 14.49 -1.63 19.04
C ASP C 198 14.95 -2.98 19.55
N LYS C 199 16.24 -3.09 19.83
CA LYS C 199 16.87 -4.36 20.20
C LYS C 199 17.00 -4.50 21.71
N ASP C 200 16.76 -5.71 22.21
CA ASP C 200 16.96 -6.04 23.63
C ASP C 200 16.39 -4.95 24.53
N VAL C 201 15.08 -4.78 24.46
CA VAL C 201 14.42 -3.66 25.13
C VAL C 201 14.33 -3.93 26.62
N LYS C 202 14.57 -2.89 27.41
CA LYS C 202 14.38 -2.94 28.86
C LYS C 202 13.48 -1.78 29.27
N ILE C 203 12.68 -2.03 30.26
CA ILE C 203 11.71 -1.04 30.73
C ILE C 203 12.41 -0.19 31.79
N LYS C 204 11.98 1.06 31.88
CA LYS C 204 12.52 1.95 32.91
C LYS C 204 12.33 1.34 34.29
N LYS C 205 13.32 1.55 35.15
CA LYS C 205 13.24 0.99 36.49
C LYS C 205 12.07 1.59 37.27
N LYS C 206 11.80 2.87 37.05
CA LYS C 206 10.66 3.54 37.64
C LYS C 206 10.12 4.54 36.62
N GLY C 207 8.79 4.59 36.48
CA GLY C 207 8.13 5.49 35.57
C GLY C 207 7.40 6.62 36.28
N LYS C 208 6.64 7.39 35.49
CA LYS C 208 5.89 8.55 35.94
C LYS C 208 4.44 8.53 35.45
N ILE C 209 3.93 7.37 35.04
CA ILE C 209 2.58 7.27 34.52
C ILE C 209 1.92 6.04 35.14
N TYR C 210 0.71 6.20 35.64
CA TYR C 210 -0.07 5.05 36.07
C TYR C 210 -1.30 4.95 35.18
N SER C 211 -1.75 3.72 34.97
CA SER C 211 -2.76 3.43 33.96
C SER C 211 -3.79 2.46 34.51
N LEU C 212 -5.02 2.92 34.65
CA LEU C 212 -6.11 2.04 35.02
C LEU C 212 -7.41 2.81 34.84
N ASN C 213 -8.51 2.07 34.78
CA ASN C 213 -9.85 2.65 34.69
C ASN C 213 -10.31 3.05 36.08
N GLU C 214 -10.12 4.31 36.45
CA GLU C 214 -10.57 4.81 37.74
C GLU C 214 -12.09 4.94 37.80
N GLY C 215 -12.79 4.68 36.69
CA GLY C 215 -14.24 4.60 36.75
C GLY C 215 -14.75 3.57 37.74
N TYR C 216 -13.90 2.60 38.11
CA TYR C 216 -14.22 1.60 39.14
C TYR C 216 -13.68 1.98 40.51
N ALA C 217 -13.49 3.27 40.77
CA ALA C 217 -12.92 3.68 42.05
C ALA C 217 -13.79 3.24 43.23
N LYS C 218 -15.12 3.23 43.06
CA LYS C 218 -15.99 2.83 44.16
C LYS C 218 -15.83 1.35 44.52
N ASP C 219 -15.30 0.52 43.62
CA ASP C 219 -15.18 -0.91 43.90
C ASP C 219 -13.77 -1.32 44.31
N PHE C 220 -12.82 -0.41 44.29
CA PHE C 220 -11.43 -0.80 44.51
C PHE C 220 -11.23 -1.35 45.90
N ASP C 221 -10.41 -2.39 46.00
CA ASP C 221 -9.86 -2.80 47.27
C ASP C 221 -9.02 -1.66 47.85
N PRO C 222 -8.94 -1.57 49.17
CA PRO C 222 -8.18 -0.47 49.80
C PRO C 222 -6.74 -0.36 49.33
N ALA C 223 -6.10 -1.46 48.96
CA ALA C 223 -4.71 -1.38 48.52
C ALA C 223 -4.60 -0.56 47.23
N VAL C 224 -5.47 -0.82 46.27
CA VAL C 224 -5.47 -0.04 45.03
C VAL C 224 -5.80 1.42 45.31
N THR C 225 -6.84 1.67 46.12
CA THR C 225 -7.23 3.04 46.45
C THR C 225 -6.05 3.79 47.06
N GLU C 226 -5.36 3.17 48.03
CA GLU C 226 -4.22 3.81 48.68
C GLU C 226 -3.09 4.06 47.71
N TYR C 227 -2.78 3.08 46.86
CA TYR C 227 -1.65 3.24 45.95
C TYR C 227 -1.87 4.39 45.00
N ILE C 228 -3.08 4.48 44.46
CA ILE C 228 -3.43 5.54 43.51
C ILE C 228 -3.39 6.90 44.20
N GLN C 229 -3.80 6.95 45.46
CA GLN C 229 -3.71 8.20 46.22
C GLN C 229 -2.26 8.65 46.31
N ARG C 230 -1.35 7.69 46.45
CA ARG C 230 0.08 8.02 46.56
C ARG C 230 0.64 8.56 45.25
N LYS C 231 0.10 8.11 44.11
CA LYS C 231 0.57 8.63 42.82
C LYS C 231 0.12 10.08 42.62
N LYS C 232 -1.09 10.43 43.06
CA LYS C 232 -1.65 11.76 42.86
C LYS C 232 -1.20 12.74 43.91
N PHE C 233 -1.07 12.26 45.15
CA PHE C 233 -0.67 13.08 46.29
C PHE C 233 0.49 12.37 46.97
N PRO C 234 1.67 12.40 46.37
CA PRO C 234 2.81 11.64 46.93
C PRO C 234 3.17 12.12 48.31
N PRO C 235 3.38 11.19 49.26
CA PRO C 235 3.64 11.58 50.65
C PRO C 235 4.98 12.28 50.83
N ASP C 236 5.89 12.22 49.86
CA ASP C 236 7.17 12.90 49.95
C ASP C 236 7.14 14.21 49.18
N ASN C 237 5.98 14.56 48.63
CA ASN C 237 5.74 15.81 47.91
C ASN C 237 6.55 15.90 46.62
N SER C 238 6.93 14.76 46.06
CA SER C 238 7.53 14.73 44.74
C SER C 238 6.43 14.95 43.70
N ALA C 239 6.83 15.01 42.43
CA ALA C 239 5.86 15.29 41.39
C ALA C 239 4.84 14.16 41.29
N PRO C 240 3.56 14.48 41.16
CA PRO C 240 2.55 13.45 40.94
C PRO C 240 2.73 12.76 39.60
N TYR C 241 2.34 11.48 39.54
CA TYR C 241 2.32 10.78 38.27
C TYR C 241 1.22 11.33 37.37
N GLY C 242 1.49 11.31 36.06
CA GLY C 242 0.43 11.48 35.09
C GLY C 242 -0.36 10.18 34.90
N ALA C 243 -1.60 10.32 34.44
CA ALA C 243 -2.48 9.19 34.19
C ALA C 243 -2.75 9.04 32.70
N ARG C 244 -2.75 7.80 32.21
CA ARG C 244 -3.14 7.49 30.84
C ARG C 244 -3.96 6.21 30.85
N TYR C 245 -5.09 6.19 30.16
CA TYR C 245 -5.82 4.93 30.08
C TYR C 245 -6.55 4.92 28.74
N VAL C 246 -5.95 4.24 27.77
CA VAL C 246 -6.53 4.06 26.46
C VAL C 246 -7.74 3.14 26.52
N GLY C 247 -7.69 2.13 27.40
CA GLY C 247 -8.72 1.12 27.45
C GLY C 247 -8.53 -0.03 26.49
N SER C 248 -7.45 -0.05 25.72
CA SER C 248 -7.08 -1.19 24.90
C SER C 248 -5.77 -1.73 25.48
N MET C 249 -5.82 -2.97 25.96
CA MET C 249 -4.70 -3.47 26.76
C MET C 249 -3.36 -3.39 26.03
N VAL C 250 -3.32 -3.78 24.76
CA VAL C 250 -2.05 -3.76 24.04
C VAL C 250 -1.48 -2.35 24.02
N ALA C 251 -2.33 -1.35 23.79
CA ALA C 251 -1.86 0.03 23.73
C ALA C 251 -1.31 0.49 25.08
N ASP C 252 -2.03 0.21 26.16
CA ASP C 252 -1.60 0.63 27.49
C ASP C 252 -0.33 -0.08 27.91
N VAL C 253 -0.24 -1.39 27.68
CA VAL C 253 0.98 -2.12 28.05
C VAL C 253 2.17 -1.67 27.19
N HIS C 254 1.95 -1.44 25.90
CA HIS C 254 3.07 -0.99 25.06
C HIS C 254 3.61 0.35 25.55
N ARG C 255 2.73 1.30 25.82
CA ARG C 255 3.17 2.57 26.39
C ARG C 255 3.93 2.33 27.68
N THR C 256 3.43 1.42 28.53
CA THR C 256 4.13 1.11 29.77
C THR C 256 5.52 0.55 29.47
N LEU C 257 5.64 -0.32 28.46
CA LEU C 257 6.96 -0.84 28.10
C LEU C 257 7.88 0.29 27.63
N VAL C 258 7.37 1.18 26.77
CA VAL C 258 8.20 2.19 26.12
C VAL C 258 8.54 3.33 27.08
N TYR C 259 7.57 3.81 27.86
CA TYR C 259 7.79 4.98 28.72
C TYR C 259 7.95 4.64 30.20
N GLY C 260 7.75 3.39 30.60
CA GLY C 260 7.82 3.06 32.00
C GLY C 260 6.51 3.42 32.68
N GLY C 261 6.44 3.08 33.96
CA GLY C 261 5.27 3.37 34.76
C GLY C 261 4.57 2.10 35.17
N ILE C 262 3.27 2.17 35.42
CA ILE C 262 2.56 1.01 35.95
C ILE C 262 1.17 0.94 35.33
N PHE C 263 0.73 -0.28 35.02
CA PHE C 263 -0.58 -0.58 34.46
C PHE C 263 -1.30 -1.53 35.38
N LEU C 264 -2.57 -1.23 35.67
CA LEU C 264 -3.37 -1.99 36.61
C LEU C 264 -4.72 -2.31 36.02
N TYR C 265 -5.13 -3.56 36.13
CA TYR C 265 -6.53 -3.93 35.99
C TYR C 265 -6.93 -4.87 37.13
N PRO C 266 -7.29 -4.31 38.27
CA PRO C 266 -7.61 -5.16 39.41
C PRO C 266 -9.05 -5.65 39.32
N ALA C 267 -9.37 -6.59 40.22
CA ALA C 267 -10.74 -7.07 40.31
C ALA C 267 -11.67 -5.95 40.77
N ASN C 268 -12.92 -6.05 40.36
CA ASN C 268 -13.96 -5.14 40.82
C ASN C 268 -15.25 -5.94 40.98
N LYS C 269 -16.36 -5.24 41.26
CA LYS C 269 -17.61 -5.95 41.49
C LYS C 269 -18.08 -6.65 40.24
N LYS C 270 -17.93 -6.03 39.07
CA LYS C 270 -18.32 -6.73 37.85
C LYS C 270 -17.37 -7.89 37.55
N SER C 271 -16.15 -7.85 38.07
CA SER C 271 -15.11 -8.81 37.72
C SER C 271 -14.36 -9.24 38.97
N PRO C 272 -14.98 -10.07 39.81
CA PRO C 272 -14.33 -10.45 41.08
C PRO C 272 -13.05 -11.25 40.90
N ASN C 273 -12.80 -11.82 39.71
CA ASN C 273 -11.58 -12.53 39.38
C ASN C 273 -10.70 -11.73 38.43
N GLY C 274 -10.90 -10.42 38.41
CA GLY C 274 -10.27 -9.54 37.44
C GLY C 274 -11.02 -9.63 36.14
N LYS C 275 -10.57 -8.86 35.15
CA LYS C 275 -11.26 -8.82 33.87
C LYS C 275 -10.44 -9.39 32.73
N LEU C 276 -9.13 -9.15 32.74
CA LEU C 276 -8.27 -9.61 31.66
C LEU C 276 -8.09 -11.12 31.73
N ARG C 277 -7.86 -11.72 30.56
CA ARG C 277 -7.79 -13.16 30.43
C ARG C 277 -6.37 -13.65 30.67
N LEU C 278 -6.24 -14.69 31.49
CA LEU C 278 -4.92 -15.14 31.89
C LEU C 278 -4.13 -15.72 30.70
N LEU C 279 -4.76 -16.59 29.92
CA LEU C 279 -3.99 -17.38 28.95
C LEU C 279 -3.46 -16.54 27.80
N TYR C 280 -4.30 -15.68 27.22
CA TYR C 280 -3.91 -14.96 26.02
C TYR C 280 -3.87 -13.44 26.21
N GLU C 281 -4.02 -12.93 27.43
CA GLU C 281 -3.78 -11.51 27.71
C GLU C 281 -2.74 -11.31 28.80
N CYS C 282 -2.95 -11.86 30.00
CA CYS C 282 -2.06 -11.56 31.12
C CYS C 282 -0.70 -12.23 30.95
N ASN C 283 -0.68 -13.54 30.71
CA ASN C 283 0.59 -14.28 30.61
C ASN C 283 1.50 -13.74 29.52
N PRO C 284 1.05 -13.52 28.27
CA PRO C 284 1.98 -12.97 27.26
C PRO C 284 2.57 -11.64 27.68
N MET C 285 1.74 -10.70 28.15
CA MET C 285 2.24 -9.39 28.59
C MET C 285 3.13 -9.55 29.80
N ALA C 286 2.79 -10.47 30.70
CA ALA C 286 3.65 -10.74 31.85
C ALA C 286 5.03 -11.22 31.40
N TYR C 287 5.05 -12.11 30.41
CA TYR C 287 6.30 -12.63 29.87
C TYR C 287 7.13 -11.53 29.22
N VAL C 288 6.49 -10.67 28.43
CA VAL C 288 7.22 -9.54 27.84
C VAL C 288 7.77 -8.64 28.93
N MET C 289 6.94 -8.29 29.91
CA MET C 289 7.40 -7.45 31.02
C MET C 289 8.61 -8.09 31.70
N GLU C 290 8.50 -9.37 32.03
CA GLU C 290 9.58 -10.01 32.77
C GLU C 290 10.85 -10.05 31.94
N LYS C 291 10.76 -10.40 30.65
CA LYS C 291 11.95 -10.38 29.79
C LYS C 291 12.49 -8.97 29.61
N ALA C 292 11.67 -7.94 29.85
CA ALA C 292 12.17 -6.57 29.73
C ALA C 292 12.67 -6.02 31.06
N GLY C 293 12.80 -6.86 32.09
CA GLY C 293 13.20 -6.41 33.39
C GLY C 293 12.13 -5.78 34.24
N GLY C 294 10.85 -5.92 33.87
CA GLY C 294 9.76 -5.42 34.65
C GLY C 294 9.13 -6.51 35.51
N MET C 295 7.95 -6.21 36.05
CA MET C 295 7.24 -7.14 36.92
C MET C 295 5.78 -7.25 36.50
N ALA C 296 5.14 -8.36 36.88
CA ALA C 296 3.72 -8.56 36.60
C ALA C 296 3.13 -9.42 37.70
N THR C 297 2.19 -8.87 38.45
CA THR C 297 1.67 -9.56 39.63
C THR C 297 0.16 -9.51 39.65
N THR C 298 -0.44 -10.52 40.30
CA THR C 298 -1.88 -10.46 40.57
C THR C 298 -2.18 -9.70 41.85
N GLY C 299 -1.15 -9.32 42.60
CA GLY C 299 -1.28 -8.91 43.99
C GLY C 299 -0.79 -10.01 44.91
N LYS C 300 -1.27 -11.23 44.66
CA LYS C 300 -0.94 -12.38 45.50
C LYS C 300 0.33 -13.08 45.05
N GLU C 301 0.63 -13.05 43.76
CA GLU C 301 1.72 -13.83 43.20
C GLU C 301 2.03 -13.31 41.81
N ALA C 302 3.16 -13.76 41.26
CA ALA C 302 3.51 -13.42 39.89
C ALA C 302 2.49 -14.01 38.93
N VAL C 303 2.09 -13.23 37.93
CA VAL C 303 1.16 -13.73 36.92
C VAL C 303 1.63 -15.05 36.35
N LEU C 304 2.91 -15.13 35.99
CA LEU C 304 3.45 -16.30 35.34
C LEU C 304 3.45 -17.53 36.24
N ASP C 305 3.22 -17.35 37.54
CA ASP C 305 3.18 -18.51 38.40
C ASP C 305 1.77 -19.06 38.58
N VAL C 306 0.73 -18.34 38.13
CA VAL C 306 -0.64 -18.84 38.24
C VAL C 306 -0.80 -20.11 37.41
N ILE C 307 -1.37 -21.14 38.04
CA ILE C 307 -1.63 -22.41 37.36
C ILE C 307 -3.08 -22.38 36.90
N PRO C 308 -3.34 -22.27 35.58
CA PRO C 308 -4.72 -22.15 35.12
C PRO C 308 -5.47 -23.46 35.18
N THR C 309 -6.80 -23.33 35.28
CA THR C 309 -7.71 -24.46 35.25
C THR C 309 -8.73 -24.36 34.14
N ASP C 310 -8.89 -23.20 33.52
CA ASP C 310 -9.89 -22.96 32.48
C ASP C 310 -9.28 -22.03 31.46
N ILE C 311 -9.40 -22.36 30.17
CA ILE C 311 -8.68 -21.60 29.16
C ILE C 311 -9.13 -20.14 29.08
N HIS C 312 -10.36 -19.83 29.51
CA HIS C 312 -10.80 -18.43 29.45
C HIS C 312 -10.85 -17.75 30.81
N GLN C 313 -10.15 -18.28 31.80
CA GLN C 313 -10.23 -17.73 33.14
C GLN C 313 -9.53 -16.38 33.21
N ARG C 314 -10.05 -15.52 34.09
CA ARG C 314 -9.58 -14.16 34.26
C ARG C 314 -8.60 -14.05 35.42
N ALA C 315 -7.79 -12.98 35.41
CA ALA C 315 -6.85 -12.70 36.48
C ALA C 315 -6.75 -11.20 36.71
N PRO C 316 -6.58 -10.77 37.96
CA PRO C 316 -6.16 -9.37 38.20
C PRO C 316 -4.71 -9.23 37.77
N VAL C 317 -4.35 -8.02 37.33
CA VAL C 317 -3.00 -7.82 36.80
C VAL C 317 -2.52 -6.42 37.16
N ILE C 318 -1.30 -6.35 37.72
CA ILE C 318 -0.58 -5.12 37.96
C ILE C 318 0.80 -5.33 37.36
N LEU C 319 1.21 -4.49 36.41
CA LEU C 319 2.46 -4.76 35.71
C LEU C 319 3.17 -3.47 35.33
N GLY C 320 4.47 -3.58 35.08
CA GLY C 320 5.22 -2.42 34.63
C GLY C 320 6.60 -2.30 35.22
N SER C 321 7.00 -1.06 35.50
CA SER C 321 8.33 -0.78 36.01
C SER C 321 8.54 -1.46 37.36
N PRO C 322 9.74 -2.01 37.61
CA PRO C 322 9.92 -2.81 38.84
C PRO C 322 9.77 -2.00 40.11
N ASP C 323 10.28 -0.78 40.13
CA ASP C 323 10.07 0.07 41.30
C ASP C 323 8.58 0.32 41.53
N ASP C 324 7.81 0.54 40.46
CA ASP C 324 6.40 0.87 40.66
C ASP C 324 5.60 -0.33 41.13
N VAL C 325 5.86 -1.52 40.60
CA VAL C 325 5.12 -2.69 41.06
C VAL C 325 5.54 -3.06 42.48
N LEU C 326 6.84 -2.96 42.79
CA LEU C 326 7.28 -3.23 44.15
C LEU C 326 6.60 -2.26 45.11
N GLU C 327 6.45 -1.01 44.70
CA GLU C 327 5.74 -0.03 45.50
C GLU C 327 4.28 -0.44 45.70
N PHE C 328 3.63 -0.94 44.64
CA PHE C 328 2.28 -1.43 44.84
C PHE C 328 2.26 -2.59 45.83
N LEU C 329 3.23 -3.48 45.76
CA LEU C 329 3.20 -4.67 46.61
C LEU C 329 3.43 -4.34 48.08
N LYS C 330 4.23 -3.31 48.38
CA LYS C 330 4.37 -2.87 49.76
C LYS C 330 3.01 -2.44 50.32
N VAL C 331 2.28 -1.63 49.56
CA VAL C 331 0.94 -1.22 49.99
C VAL C 331 0.04 -2.44 50.10
N TYR C 332 0.15 -3.37 49.16
CA TYR C 332 -0.68 -4.57 49.20
C TYR C 332 -0.42 -5.34 50.49
N GLU C 333 0.86 -5.54 50.83
CA GLU C 333 1.20 -6.27 52.04
C GLU C 333 0.76 -5.50 53.28
N LYS C 334 0.84 -4.16 53.22
CA LYS C 334 0.38 -3.33 54.32
C LYS C 334 -1.08 -3.58 54.62
N HIS C 335 -1.90 -3.75 53.60
CA HIS C 335 -3.30 -4.09 53.79
C HIS C 335 -3.52 -5.59 53.94
N SER C 336 -2.45 -6.35 54.24
CA SER C 336 -2.51 -7.80 54.40
C SER C 336 -2.67 -8.51 53.07
N ASP D 10 -25.35 4.25 -2.89
CA ASP D 10 -24.29 4.62 -3.84
C ASP D 10 -23.05 5.13 -3.11
N VAL D 11 -21.87 4.69 -3.57
CA VAL D 11 -20.62 5.11 -2.94
C VAL D 11 -20.42 6.62 -3.05
N ASN D 12 -19.80 7.19 -2.03
CA ASN D 12 -19.51 8.62 -2.03
C ASN D 12 -18.15 8.83 -1.38
N THR D 13 -17.35 9.68 -2.00
CA THR D 13 -16.03 10.00 -1.53
C THR D 13 -16.01 11.44 -1.07
N LEU D 14 -14.92 11.79 -0.41
CA LEU D 14 -14.80 13.13 0.18
C LEU D 14 -14.84 14.22 -0.90
N THR D 15 -14.02 14.12 -1.94
CA THR D 15 -14.00 15.17 -2.96
C THR D 15 -15.33 15.26 -3.70
N ARG D 16 -15.94 14.11 -4.01
CA ARG D 16 -17.26 14.13 -4.64
C ARG D 16 -18.30 14.76 -3.72
N PHE D 17 -18.29 14.39 -2.44
CA PHE D 17 -19.21 15.00 -1.47
C PHE D 17 -19.03 16.50 -1.44
N VAL D 18 -17.80 16.97 -1.35
CA VAL D 18 -17.55 18.41 -1.24
C VAL D 18 -17.96 19.13 -2.51
N MET D 19 -17.70 18.54 -3.68
CA MET D 19 -18.06 19.14 -4.96
C MET D 19 -19.57 19.33 -5.08
N GLU D 20 -20.33 18.29 -4.75
CA GLU D 20 -21.78 18.40 -4.82
C GLU D 20 -22.30 19.47 -3.87
N GLU D 21 -21.74 19.53 -2.66
CA GLU D 21 -22.11 20.58 -1.72
C GLU D 21 -21.74 21.96 -2.26
N GLY D 22 -20.59 22.05 -2.93
CA GLY D 22 -20.19 23.31 -3.53
C GLY D 22 -21.08 23.73 -4.67
N ARG D 23 -21.49 22.76 -5.51
CA ARG D 23 -22.41 23.06 -6.60
C ARG D 23 -23.77 23.48 -6.08
N LYS D 24 -24.22 22.90 -4.96
CA LYS D 24 -25.45 23.39 -4.34
C LYS D 24 -25.29 24.84 -3.91
N ALA D 25 -24.18 25.16 -3.21
CA ALA D 25 -23.97 26.52 -2.75
C ALA D 25 -23.59 27.48 -3.88
N ARG D 26 -23.27 26.97 -5.06
CA ARG D 26 -22.91 27.79 -6.21
C ARG D 26 -21.73 28.72 -5.91
N GLY D 27 -20.75 28.22 -5.16
CA GLY D 27 -19.54 28.96 -4.90
C GLY D 27 -18.58 28.89 -6.06
N THR D 28 -17.46 29.59 -5.91
CA THR D 28 -16.42 29.68 -6.93
C THR D 28 -15.55 28.43 -7.05
N GLY D 29 -15.60 27.50 -6.09
CA GLY D 29 -14.75 26.33 -6.11
C GLY D 29 -13.48 26.43 -5.30
N GLU D 30 -13.17 27.59 -4.74
CA GLU D 30 -11.93 27.74 -3.98
C GLU D 30 -11.94 26.84 -2.74
N LEU D 31 -13.08 26.74 -2.06
CA LEU D 31 -13.16 25.91 -0.86
C LEU D 31 -12.99 24.44 -1.21
N THR D 32 -13.59 24.01 -2.31
CA THR D 32 -13.42 22.65 -2.79
C THR D 32 -11.96 22.37 -3.10
N GLN D 33 -11.26 23.29 -3.76
CA GLN D 33 -9.84 23.08 -4.02
C GLN D 33 -9.05 23.03 -2.73
N LEU D 34 -9.39 23.90 -1.78
CA LEU D 34 -8.72 23.88 -0.46
C LEU D 34 -8.86 22.50 0.19
N LEU D 35 -10.09 21.99 0.27
CA LEU D 35 -10.36 20.74 0.95
C LEU D 35 -9.72 19.55 0.23
N ASN D 36 -9.72 19.58 -1.10
CA ASN D 36 -9.04 18.52 -1.85
C ASN D 36 -7.54 18.55 -1.60
N SER D 37 -6.95 19.74 -1.58
CA SER D 37 -5.54 19.88 -1.25
C SER D 37 -5.25 19.37 0.17
N LEU D 38 -6.11 19.73 1.12
CA LEU D 38 -5.93 19.27 2.50
C LEU D 38 -6.03 17.75 2.58
N CYS D 39 -7.00 17.18 1.85
CA CYS D 39 -7.15 15.73 1.81
C CYS D 39 -5.89 15.07 1.30
N THR D 40 -5.26 15.64 0.28
CA THR D 40 -4.02 15.06 -0.24
C THR D 40 -2.94 15.04 0.83
N ALA D 41 -2.82 16.13 1.60
CA ALA D 41 -1.83 16.20 2.67
C ALA D 41 -2.09 15.15 3.74
N VAL D 42 -3.37 14.94 4.08
CA VAL D 42 -3.71 13.97 5.11
C VAL D 42 -3.33 12.56 4.67
N LYS D 43 -3.56 12.21 3.41
CA LYS D 43 -3.13 10.90 2.95
C LYS D 43 -1.62 10.73 3.04
N ALA D 44 -0.89 11.80 2.72
CA ALA D 44 0.56 11.75 2.84
C ALA D 44 1.00 11.69 4.30
N ILE D 45 0.36 12.45 5.18
CA ILE D 45 0.68 12.35 6.59
C ILE D 45 0.38 10.94 7.09
N SER D 46 -0.78 10.39 6.71
CA SER D 46 -1.12 9.04 7.14
C SER D 46 -0.06 8.02 6.72
N SER D 47 0.35 8.06 5.45
CA SER D 47 1.38 7.13 4.97
C SER D 47 2.66 7.24 5.79
N ALA D 48 3.08 8.46 6.08
CA ALA D 48 4.31 8.62 6.85
C ALA D 48 4.11 8.15 8.29
N VAL D 49 2.94 8.42 8.87
CA VAL D 49 2.66 8.04 10.25
C VAL D 49 2.66 6.53 10.41
N ARG D 50 2.06 5.83 9.46
CA ARG D 50 2.13 4.37 9.40
C ARG D 50 3.53 3.88 9.03
N LYS D 51 4.51 4.78 8.85
CA LYS D 51 5.93 4.42 8.67
C LYS D 51 6.22 3.76 7.32
N ALA D 52 5.47 4.09 6.27
CA ALA D 52 5.87 3.66 4.93
C ALA D 52 7.29 4.12 4.64
N GLY D 53 8.12 3.18 4.19
CA GLY D 53 9.50 3.51 3.86
C GLY D 53 10.47 3.53 5.01
N ILE D 54 10.05 3.15 6.22
CA ILE D 54 10.98 3.16 7.36
C ILE D 54 12.17 2.24 7.13
N ALA D 55 12.01 1.18 6.32
CA ALA D 55 13.12 0.26 6.05
C ALA D 55 14.32 0.99 5.48
N HIS D 56 14.10 2.04 4.70
CA HIS D 56 15.20 2.85 4.18
C HIS D 56 15.93 3.60 5.28
N LEU D 57 15.21 4.03 6.31
CA LEU D 57 15.86 4.71 7.43
C LEU D 57 16.79 3.77 8.18
N TYR D 58 16.49 2.48 8.19
CA TYR D 58 17.25 1.49 8.93
C TYR D 58 18.20 0.68 8.04
N GLY D 59 18.46 1.16 6.83
CA GLY D 59 19.55 0.66 6.02
C GLY D 59 19.25 -0.42 5.00
N ILE D 60 18.01 -0.55 4.54
CA ILE D 60 17.70 -1.62 3.59
C ILE D 60 18.50 -1.47 2.29
N ALA D 61 18.84 -0.24 1.91
CA ALA D 61 19.64 -0.01 0.71
C ALA D 61 21.07 0.41 1.04
N GLY D 62 21.53 0.17 2.27
CA GLY D 62 22.88 0.52 2.66
C GLY D 62 23.09 1.92 3.21
N LYS D 73 10.89 15.09 13.69
CA LYS D 73 10.91 14.92 12.25
C LYS D 73 9.52 14.72 11.66
N LEU D 74 8.74 13.81 12.26
CA LEU D 74 7.43 13.49 11.69
C LEU D 74 6.51 14.70 11.75
N ASP D 75 6.56 15.47 12.82
CA ASP D 75 5.66 16.62 12.92
C ASP D 75 6.15 17.79 12.05
N VAL D 76 7.46 17.86 11.79
CA VAL D 76 7.98 18.81 10.82
C VAL D 76 7.55 18.42 9.41
N LEU D 77 7.70 17.15 9.05
CA LEU D 77 7.24 16.69 7.75
C LEU D 77 5.75 16.97 7.56
N SER D 78 4.95 16.61 8.58
CA SER D 78 3.50 16.87 8.55
C SER D 78 3.21 18.35 8.33
N ASN D 79 3.89 19.21 9.09
CA ASN D 79 3.70 20.65 8.88
C ASN D 79 4.05 21.05 7.45
N ASP D 80 5.21 20.59 6.96
CA ASP D 80 5.61 20.91 5.58
C ASP D 80 4.58 20.38 4.57
N LEU D 81 4.00 19.21 4.84
CA LEU D 81 3.00 18.66 3.93
C LEU D 81 1.76 19.56 3.87
N VAL D 82 1.21 19.92 5.03
CA VAL D 82 0.02 20.76 5.02
C VAL D 82 0.34 22.13 4.42
N MET D 83 1.46 22.72 4.82
CA MET D 83 1.83 24.05 4.32
C MET D 83 1.92 24.05 2.80
N ASN D 84 2.65 23.10 2.23
CA ASN D 84 2.88 23.13 0.79
C ASN D 84 1.59 22.82 0.02
N MET D 85 0.77 21.91 0.52
CA MET D 85 -0.49 21.64 -0.18
C MET D 85 -1.43 22.84 -0.09
N LEU D 86 -1.49 23.51 1.06
CA LEU D 86 -2.40 24.65 1.20
C LEU D 86 -1.91 25.84 0.39
N LYS D 87 -0.61 26.13 0.43
CA LYS D 87 -0.08 27.20 -0.41
C LYS D 87 -0.36 26.93 -1.88
N SER D 88 -0.10 25.71 -2.34
CA SER D 88 -0.26 25.41 -3.75
C SER D 88 -1.72 25.25 -4.18
N SER D 89 -2.68 25.35 -3.25
CA SER D 89 -4.10 25.28 -3.63
C SER D 89 -4.63 26.57 -4.27
N PHE D 90 -3.91 27.68 -4.16
CA PHE D 90 -4.39 28.99 -4.58
C PHE D 90 -5.66 29.38 -3.82
N ALA D 91 -5.89 28.80 -2.63
CA ALA D 91 -7.09 29.10 -1.87
C ALA D 91 -6.85 29.77 -0.52
N THR D 92 -5.60 29.95 -0.09
CA THR D 92 -5.33 30.46 1.24
C THR D 92 -4.51 31.74 1.14
N CYS D 93 -4.53 32.53 2.21
CA CYS D 93 -3.71 33.74 2.27
C CYS D 93 -2.94 33.82 3.58
N VAL D 94 -3.48 33.26 4.65
CA VAL D 94 -2.84 33.25 5.96
C VAL D 94 -2.93 31.82 6.50
N LEU D 95 -1.80 31.31 7.03
CA LEU D 95 -1.74 29.97 7.58
C LEU D 95 -1.17 30.07 8.99
N VAL D 96 -1.90 29.53 9.96
CA VAL D 96 -1.44 29.47 11.34
C VAL D 96 -1.23 27.99 11.70
N SER D 97 -0.02 27.65 12.14
CA SER D 97 0.32 26.28 12.47
C SER D 97 0.84 26.19 13.90
N GLU D 98 0.45 25.12 14.61
CA GLU D 98 1.01 24.84 15.92
C GLU D 98 2.54 24.86 15.88
N GLU D 99 3.13 24.51 14.72
CA GLU D 99 4.58 24.35 14.59
C GLU D 99 5.35 25.65 14.34
N ASP D 100 4.69 26.77 14.08
CA ASP D 100 5.36 27.97 13.62
C ASP D 100 5.07 29.15 14.54
N LYS D 101 6.13 29.89 14.91
CA LYS D 101 5.95 30.96 15.89
C LYS D 101 5.00 32.04 15.38
N HIS D 102 5.15 32.42 14.11
CA HIS D 102 4.34 33.47 13.48
C HIS D 102 3.44 32.88 12.42
N ALA D 103 2.38 33.63 12.14
CA ALA D 103 1.52 33.31 11.02
C ALA D 103 2.33 33.33 9.72
N ILE D 104 2.02 32.38 8.85
CA ILE D 104 2.63 32.30 7.53
C ILE D 104 1.71 33.04 6.57
N ILE D 105 2.28 33.98 5.82
CA ILE D 105 1.56 34.77 4.84
C ILE D 105 1.84 34.17 3.47
N VAL D 106 0.78 33.77 2.75
CA VAL D 106 0.98 33.16 1.45
C VAL D 106 1.46 34.24 0.48
N GLU D 107 2.41 33.87 -0.38
CA GLU D 107 2.94 34.86 -1.32
C GLU D 107 1.83 35.32 -2.25
N PRO D 108 1.90 36.58 -2.74
CA PRO D 108 0.76 37.16 -3.46
C PRO D 108 0.27 36.34 -4.64
N GLU D 109 1.18 35.72 -5.38
CA GLU D 109 0.78 34.98 -6.57
C GLU D 109 -0.14 33.82 -6.21
N LYS D 110 -0.03 33.30 -4.99
CA LYS D 110 -0.76 32.10 -4.58
C LYS D 110 -1.88 32.40 -3.59
N ARG D 111 -2.19 33.67 -3.36
CA ARG D 111 -3.15 34.01 -2.32
C ARG D 111 -4.58 33.71 -2.76
N GLY D 112 -5.31 33.07 -1.88
CA GLY D 112 -6.75 32.92 -2.02
C GLY D 112 -7.46 33.58 -0.86
N LYS D 113 -8.72 33.25 -0.62
CA LYS D 113 -9.50 34.03 0.32
C LYS D 113 -9.61 33.40 1.72
N TYR D 114 -9.07 32.20 1.94
CA TYR D 114 -9.29 31.51 3.20
C TYR D 114 -8.07 31.62 4.12
N VAL D 115 -8.35 31.60 5.42
CA VAL D 115 -7.35 31.49 6.49
C VAL D 115 -7.49 30.11 7.10
N VAL D 116 -6.36 29.41 7.30
CA VAL D 116 -6.39 28.06 7.86
C VAL D 116 -5.52 28.00 9.10
N CYS D 117 -6.10 27.52 10.20
CA CYS D 117 -5.38 27.24 11.43
C CYS D 117 -5.30 25.74 11.61
N PHE D 118 -4.12 25.22 11.88
CA PHE D 118 -4.05 23.76 11.96
C PHE D 118 -2.97 23.34 12.92
N ASP D 119 -3.18 22.16 13.50
CA ASP D 119 -2.16 21.43 14.25
C ASP D 119 -1.81 20.25 13.36
N PRO D 120 -0.63 20.25 12.71
CA PRO D 120 -0.39 19.24 11.68
C PRO D 120 -0.24 17.83 12.21
N LEU D 121 0.32 17.65 13.40
CA LEU D 121 0.43 16.32 13.99
C LEU D 121 0.23 16.46 15.50
N ASP D 122 -1.03 16.45 15.92
CA ASP D 122 -1.36 16.55 17.33
C ASP D 122 -1.17 15.21 18.01
N GLY D 123 -0.64 15.25 19.23
CA GLY D 123 -0.32 14.05 19.98
C GLY D 123 1.03 13.45 19.62
N SER D 124 1.79 14.11 18.74
CA SER D 124 3.05 13.54 18.26
C SER D 124 4.11 13.43 19.35
N SER D 125 3.97 14.18 20.46
CA SER D 125 4.97 14.09 21.51
C SER D 125 5.06 12.68 22.09
N ASN D 126 3.96 11.92 22.02
CA ASN D 126 3.94 10.55 22.51
C ASN D 126 3.93 9.53 21.38
N ILE D 127 4.29 9.93 20.16
CA ILE D 127 4.24 9.00 19.04
C ILE D 127 5.23 7.85 19.23
N ASP D 128 6.19 7.99 20.15
CA ASP D 128 7.13 6.92 20.44
C ASP D 128 6.43 5.64 20.90
N CYS D 129 5.23 5.74 21.46
CA CYS D 129 4.49 4.55 21.84
C CYS D 129 3.40 4.18 20.85
N LEU D 130 3.39 4.79 19.66
CA LEU D 130 2.43 4.49 18.58
C LEU D 130 1.01 4.81 19.01
N VAL D 131 0.86 5.68 20.02
CA VAL D 131 -0.44 6.21 20.39
C VAL D 131 -1.06 6.85 19.14
N SER D 132 -2.40 6.81 19.05
CA SER D 132 -3.09 7.51 17.99
C SER D 132 -2.67 8.98 17.92
N VAL D 133 -2.51 9.49 16.70
CA VAL D 133 -2.20 10.90 16.47
C VAL D 133 -3.20 11.46 15.46
N GLY D 134 -3.15 12.78 15.24
CA GLY D 134 -4.15 13.37 14.38
C GLY D 134 -3.76 14.74 13.85
N THR D 135 -4.52 15.18 12.85
CA THR D 135 -4.40 16.51 12.23
C THR D 135 -5.69 17.27 12.48
N ILE D 136 -5.59 18.48 13.04
CA ILE D 136 -6.75 19.31 13.36
C ILE D 136 -6.67 20.58 12.52
N PHE D 137 -7.80 21.05 11.98
CA PHE D 137 -7.78 22.25 11.15
C PHE D 137 -9.07 23.04 11.29
N GLY D 138 -8.97 24.35 11.09
CA GLY D 138 -10.13 25.23 11.06
C GLY D 138 -9.97 26.19 9.89
N ILE D 139 -11.04 26.47 9.16
CA ILE D 139 -10.96 27.27 7.95
C ILE D 139 -11.86 28.48 8.15
N TYR D 140 -11.29 29.66 7.97
CA TYR D 140 -12.02 30.93 8.06
C TYR D 140 -11.93 31.64 6.71
N ARG D 141 -12.96 32.43 6.43
CA ARG D 141 -12.91 33.38 5.34
C ARG D 141 -12.18 34.62 5.80
N LYS D 142 -11.22 35.10 5.01
CA LYS D 142 -10.58 36.37 5.33
C LYS D 142 -11.63 37.48 5.32
N LYS D 143 -11.70 38.25 6.40
CA LYS D 143 -12.80 39.19 6.57
C LYS D 143 -12.51 40.59 6.02
N SER D 144 -11.27 41.08 6.05
CA SER D 144 -10.97 42.43 5.58
C SER D 144 -10.19 42.39 4.28
N THR D 145 -10.20 43.53 3.58
CA THR D 145 -9.42 43.69 2.38
C THR D 145 -8.00 44.17 2.66
N ASP D 146 -7.62 44.30 3.93
CA ASP D 146 -6.26 44.71 4.25
C ASP D 146 -5.26 43.66 3.78
N GLU D 147 -3.98 44.06 3.75
CA GLU D 147 -2.94 43.10 3.43
C GLU D 147 -2.99 41.94 4.43
N PRO D 148 -2.84 40.71 3.96
CA PRO D 148 -2.97 39.56 4.86
C PRO D 148 -1.93 39.63 5.97
N SER D 149 -2.37 39.27 7.17
CA SER D 149 -1.51 39.39 8.33
C SER D 149 -1.99 38.42 9.40
N GLU D 150 -1.23 38.37 10.48
CA GLU D 150 -1.57 37.55 11.62
C GLU D 150 -2.97 37.89 12.15
N LYS D 151 -3.40 39.14 12.02
CA LYS D 151 -4.69 39.53 12.58
C LYS D 151 -5.89 38.88 11.87
N ASP D 152 -5.76 38.45 10.61
CA ASP D 152 -6.86 37.77 9.92
C ASP D 152 -7.19 36.42 10.55
N ALA D 153 -6.28 35.88 11.35
CA ALA D 153 -6.53 34.61 12.04
C ALA D 153 -7.13 34.81 13.43
N LEU D 154 -7.28 36.06 13.87
CA LEU D 154 -7.88 36.36 15.17
C LEU D 154 -9.39 36.50 15.02
N GLN D 155 -10.04 35.40 14.63
CA GLN D 155 -11.49 35.37 14.51
C GLN D 155 -12.04 34.38 15.54
N PRO D 156 -13.22 34.65 16.11
CA PRO D 156 -13.85 33.65 16.98
C PRO D 156 -14.26 32.43 16.17
N GLY D 157 -14.25 31.27 16.82
CA GLY D 157 -14.64 30.05 16.15
C GLY D 157 -16.02 30.09 15.54
N ARG D 158 -16.91 30.96 16.06
CA ARG D 158 -18.22 31.15 15.44
C ARG D 158 -18.12 31.45 13.94
N ASN D 159 -17.02 32.08 13.50
CA ASN D 159 -16.83 32.47 12.10
C ASN D 159 -16.28 31.35 11.24
N LEU D 160 -16.00 30.18 11.81
CA LEU D 160 -15.45 29.09 11.03
C LEU D 160 -16.36 28.77 9.86
N VAL D 161 -15.75 28.55 8.69
CA VAL D 161 -16.45 28.07 7.49
C VAL D 161 -16.51 26.54 7.46
N ALA D 162 -15.42 25.92 7.88
CA ALA D 162 -15.31 24.47 7.92
C ALA D 162 -14.25 24.14 8.95
N ALA D 163 -14.35 22.96 9.55
CA ALA D 163 -13.38 22.48 10.52
C ALA D 163 -13.47 20.98 10.59
N GLY D 164 -12.44 20.37 11.15
CA GLY D 164 -12.50 18.95 11.37
C GLY D 164 -11.14 18.44 11.75
N TYR D 165 -10.97 17.12 11.58
CA TYR D 165 -9.72 16.51 11.98
C TYR D 165 -9.54 15.21 11.22
N ALA D 166 -8.28 14.79 11.13
CA ALA D 166 -7.91 13.48 10.65
C ALA D 166 -7.36 12.70 11.83
N LEU D 167 -7.89 11.50 12.05
CA LEU D 167 -7.44 10.66 13.14
C LEU D 167 -6.61 9.52 12.55
N TYR D 168 -5.35 9.42 12.95
CA TYR D 168 -4.48 8.31 12.53
C TYR D 168 -4.49 7.27 13.65
N GLY D 169 -5.57 6.49 13.69
CA GLY D 169 -5.76 5.46 14.71
C GLY D 169 -5.60 4.05 14.18
N SER D 170 -6.50 3.14 14.60
CA SER D 170 -6.48 1.79 14.02
C SER D 170 -6.66 1.88 12.51
N ALA D 171 -7.52 2.78 12.06
CA ALA D 171 -7.64 3.20 10.67
C ALA D 171 -7.54 4.72 10.63
N THR D 172 -7.46 5.27 9.42
CA THR D 172 -7.42 6.73 9.26
C THR D 172 -8.79 7.23 8.85
N MET D 173 -9.30 8.21 9.58
CA MET D 173 -10.61 8.78 9.34
C MET D 173 -10.51 10.29 9.30
N LEU D 174 -11.23 10.90 8.38
CA LEU D 174 -11.35 12.35 8.29
C LEU D 174 -12.76 12.75 8.75
N VAL D 175 -12.83 13.60 9.77
CA VAL D 175 -14.09 14.13 10.25
C VAL D 175 -14.19 15.56 9.76
N LEU D 176 -15.22 15.85 8.98
CA LEU D 176 -15.37 17.15 8.35
C LEU D 176 -16.69 17.77 8.77
N ALA D 177 -16.61 18.95 9.39
CA ALA D 177 -17.76 19.67 9.89
C ALA D 177 -17.96 20.92 9.03
N MET D 178 -19.18 21.09 8.54
CA MET D 178 -19.60 22.29 7.83
C MET D 178 -21.04 22.62 8.24
N ASP D 179 -21.62 23.61 7.55
CA ASP D 179 -23.00 24.00 7.83
C ASP D 179 -23.95 22.82 7.72
N CYS D 180 -23.72 21.94 6.76
CA CYS D 180 -24.60 20.78 6.57
C CYS D 180 -24.46 19.72 7.68
N GLY D 181 -23.58 19.91 8.65
CA GLY D 181 -23.42 18.94 9.73
C GLY D 181 -22.03 18.32 9.74
N VAL D 182 -21.89 17.17 10.41
CA VAL D 182 -20.61 16.48 10.55
C VAL D 182 -20.67 15.20 9.73
N ASN D 183 -19.63 14.95 8.93
CA ASN D 183 -19.54 13.72 8.14
C ASN D 183 -18.18 13.07 8.32
N CYS D 184 -18.15 11.74 8.33
CA CYS D 184 -16.95 10.97 8.62
C CYS D 184 -16.55 10.13 7.41
N PHE D 185 -15.29 10.23 7.02
CA PHE D 185 -14.78 9.57 5.83
C PHE D 185 -13.63 8.64 6.23
N MET D 186 -13.72 7.38 5.83
CA MET D 186 -12.66 6.40 6.11
C MET D 186 -11.69 6.35 4.93
N LEU D 187 -10.40 6.46 5.23
CA LEU D 187 -9.40 6.34 4.19
C LEU D 187 -9.25 4.88 3.80
N ASP D 188 -9.48 4.56 2.52
CA ASP D 188 -9.16 3.24 2.00
C ASP D 188 -7.73 3.32 1.48
N PRO D 189 -6.75 2.82 2.23
CA PRO D 189 -5.36 2.95 1.78
C PRO D 189 -5.05 2.12 0.55
N ALA D 190 -5.88 1.14 0.19
CA ALA D 190 -5.64 0.42 -1.05
C ALA D 190 -5.73 1.34 -2.26
N ILE D 191 -6.66 2.30 -2.24
CA ILE D 191 -6.88 3.18 -3.39
C ILE D 191 -6.73 4.65 -3.06
N GLY D 192 -6.40 5.00 -1.82
CA GLY D 192 -6.24 6.42 -1.50
C GLY D 192 -7.49 7.26 -1.73
N GLU D 193 -8.63 6.82 -1.23
CA GLU D 193 -9.86 7.59 -1.31
C GLU D 193 -10.51 7.61 0.05
N PHE D 194 -10.96 8.79 0.50
CA PHE D 194 -11.75 8.90 1.71
C PHE D 194 -13.19 8.55 1.41
N ILE D 195 -13.67 7.44 1.99
CA ILE D 195 -15.01 6.92 1.73
C ILE D 195 -15.94 7.41 2.84
N LEU D 196 -17.09 7.96 2.43
CA LEU D 196 -18.10 8.40 3.38
C LEU D 196 -18.72 7.19 4.05
N VAL D 197 -18.52 7.07 5.36
CA VAL D 197 -19.03 5.91 6.09
C VAL D 197 -20.06 6.30 7.15
N ASP D 198 -20.09 7.55 7.60
CA ASP D 198 -21.09 7.98 8.57
C ASP D 198 -21.56 9.38 8.19
N LYS D 199 -22.84 9.50 7.85
CA LYS D 199 -23.40 10.77 7.38
C LYS D 199 -24.13 11.49 8.50
N ASP D 200 -23.97 12.81 8.54
CA ASP D 200 -24.70 13.70 9.46
C ASP D 200 -24.73 13.16 10.89
N VAL D 201 -23.54 12.97 11.47
CA VAL D 201 -23.43 12.31 12.77
C VAL D 201 -23.82 13.28 13.87
N LYS D 202 -24.52 12.76 14.88
CA LYS D 202 -24.88 13.50 16.07
C LYS D 202 -24.37 12.75 17.29
N ILE D 203 -23.99 13.51 18.29
CA ILE D 203 -23.47 12.94 19.53
C ILE D 203 -24.64 12.57 20.43
N LYS D 204 -24.44 11.55 21.26
CA LYS D 204 -25.43 11.18 22.26
C LYS D 204 -25.75 12.36 23.16
N LYS D 205 -27.02 12.46 23.58
CA LYS D 205 -27.42 13.54 24.47
C LYS D 205 -26.67 13.47 25.80
N LYS D 206 -26.43 12.25 26.29
CA LYS D 206 -25.68 12.04 27.51
C LYS D 206 -24.88 10.76 27.36
N GLY D 207 -23.62 10.79 27.80
CA GLY D 207 -22.72 9.66 27.70
C GLY D 207 -22.45 9.00 29.04
N LYS D 208 -21.49 8.07 29.02
CA LYS D 208 -21.11 7.29 30.19
C LYS D 208 -19.59 7.26 30.39
N ILE D 209 -18.87 8.19 29.79
CA ILE D 209 -17.42 8.18 29.83
C ILE D 209 -16.93 9.60 30.11
N TYR D 210 -15.98 9.74 31.05
CA TYR D 210 -15.32 11.01 31.28
C TYR D 210 -13.84 10.86 30.97
N SER D 211 -13.23 11.94 30.51
CA SER D 211 -11.90 11.89 29.93
C SER D 211 -11.11 13.10 30.38
N LEU D 212 -10.09 12.89 31.20
CA LEU D 212 -9.17 13.94 31.62
C LEU D 212 -8.01 13.24 32.31
N ASN D 213 -6.94 13.99 32.52
CA ASN D 213 -5.74 13.49 33.21
C ASN D 213 -5.92 13.60 34.72
N GLU D 214 -6.36 12.51 35.37
CA GLU D 214 -6.56 12.56 36.82
C GLU D 214 -5.27 12.52 37.62
N GLY D 215 -4.13 12.27 36.97
CA GLY D 215 -2.88 12.32 37.71
C GLY D 215 -2.59 13.68 38.31
N TYR D 216 -3.18 14.74 37.76
CA TYR D 216 -2.97 16.09 38.25
C TYR D 216 -4.08 16.57 39.18
N ALA D 217 -4.74 15.64 39.87
CA ALA D 217 -5.87 16.00 40.72
C ALA D 217 -5.48 17.01 41.79
N LYS D 218 -4.21 16.99 42.24
CA LYS D 218 -3.78 17.90 43.31
C LYS D 218 -3.89 19.35 42.89
N ASP D 219 -3.87 19.64 41.60
CA ASP D 219 -3.98 21.01 41.11
C ASP D 219 -5.36 21.31 40.55
N PHE D 220 -6.32 20.38 40.63
CA PHE D 220 -7.64 20.61 40.04
C PHE D 220 -8.30 21.84 40.63
N ASP D 221 -9.03 22.56 39.80
CA ASP D 221 -9.99 23.50 40.32
C ASP D 221 -11.03 22.72 41.14
N PRO D 222 -11.48 23.26 42.28
CA PRO D 222 -12.44 22.52 43.12
C PRO D 222 -13.70 22.06 42.39
N ALA D 223 -14.17 22.79 41.38
CA ALA D 223 -15.33 22.31 40.62
C ALA D 223 -14.99 21.04 39.86
N VAL D 224 -13.81 20.98 39.26
CA VAL D 224 -13.39 19.76 38.57
C VAL D 224 -13.32 18.61 39.56
N THR D 225 -12.75 18.87 40.74
CA THR D 225 -12.71 17.83 41.77
C THR D 225 -14.11 17.32 42.09
N GLU D 226 -15.07 18.24 42.30
CA GLU D 226 -16.43 17.81 42.62
C GLU D 226 -17.09 17.06 41.48
N TYR D 227 -16.96 17.56 40.25
CA TYR D 227 -17.63 16.92 39.13
C TYR D 227 -17.10 15.50 38.93
N ILE D 228 -15.78 15.33 38.97
CA ILE D 228 -15.19 14.02 38.73
C ILE D 228 -15.62 13.03 39.82
N GLN D 229 -15.69 13.50 41.07
CA GLN D 229 -16.17 12.66 42.17
C GLN D 229 -17.61 12.20 41.92
N ARG D 230 -18.43 13.08 41.35
CA ARG D 230 -19.81 12.68 41.04
C ARG D 230 -19.87 11.68 39.90
N LYS D 231 -18.89 11.70 39.00
CA LYS D 231 -18.85 10.68 37.96
C LYS D 231 -18.47 9.33 38.56
N LYS D 232 -17.58 9.32 39.57
CA LYS D 232 -17.10 8.08 40.20
C LYS D 232 -17.99 7.60 41.33
N PHE D 233 -18.55 8.52 42.12
CA PHE D 233 -19.41 8.21 43.26
C PHE D 233 -20.72 8.96 43.07
N PRO D 234 -21.59 8.46 42.19
CA PRO D 234 -22.83 9.17 41.87
C PRO D 234 -23.73 9.27 43.08
N PRO D 235 -24.37 10.43 43.30
CA PRO D 235 -25.18 10.59 44.51
C PRO D 235 -26.40 9.70 44.53
N ASP D 236 -26.83 9.20 43.38
CA ASP D 236 -28.04 8.41 43.28
C ASP D 236 -27.76 6.91 43.13
N ASN D 237 -28.61 6.25 42.33
CA ASN D 237 -28.52 4.83 42.05
C ASN D 237 -28.00 4.53 40.64
N SER D 238 -27.34 5.49 39.99
CA SER D 238 -26.82 5.26 38.65
C SER D 238 -25.46 4.56 38.65
N ALA D 239 -25.09 4.07 37.49
CA ALA D 239 -23.79 3.46 37.30
C ALA D 239 -22.71 4.54 37.22
N PRO D 240 -21.57 4.35 37.85
CA PRO D 240 -20.45 5.26 37.64
C PRO D 240 -20.02 5.23 36.18
N TYR D 241 -19.54 6.38 35.70
CA TYR D 241 -18.98 6.50 34.37
C TYR D 241 -17.65 5.75 34.30
N GLY D 242 -17.35 5.20 33.11
CA GLY D 242 -16.00 4.72 32.86
C GLY D 242 -15.05 5.88 32.57
N ALA D 243 -13.74 5.63 32.77
CA ALA D 243 -12.69 6.63 32.53
C ALA D 243 -11.82 6.21 31.35
N ARG D 244 -11.52 7.17 30.47
CA ARG D 244 -10.62 6.96 29.34
C ARG D 244 -9.82 8.24 29.15
N TYR D 245 -8.52 8.11 29.00
CA TYR D 245 -7.69 9.27 28.69
C TYR D 245 -6.49 8.80 27.87
N VAL D 246 -6.59 8.95 26.55
CA VAL D 246 -5.51 8.60 25.64
C VAL D 246 -4.33 9.56 25.80
N GLY D 247 -4.59 10.84 26.07
CA GLY D 247 -3.57 11.86 26.09
C GLY D 247 -3.28 12.47 24.73
N SER D 248 -3.99 12.05 23.70
CA SER D 248 -3.97 12.65 22.37
C SER D 248 -5.34 13.25 22.14
N MET D 249 -5.39 14.58 21.99
CA MET D 249 -6.68 15.27 21.96
C MET D 249 -7.58 14.71 20.84
N VAL D 250 -7.02 14.47 19.65
CA VAL D 250 -7.85 13.99 18.55
C VAL D 250 -8.49 12.65 18.89
N ALA D 251 -7.73 11.72 19.47
CA ALA D 251 -8.29 10.42 19.81
C ALA D 251 -9.39 10.54 20.86
N ASP D 252 -9.13 11.31 21.93
CA ASP D 252 -10.13 11.42 23.00
C ASP D 252 -11.39 12.14 22.53
N VAL D 253 -11.22 13.17 21.69
CA VAL D 253 -12.39 13.88 21.19
C VAL D 253 -13.19 12.98 20.24
N HIS D 254 -12.53 12.20 19.38
CA HIS D 254 -13.27 11.33 18.47
C HIS D 254 -14.06 10.28 19.23
N ARG D 255 -13.46 9.65 20.24
CA ARG D 255 -14.22 8.72 21.07
C ARG D 255 -15.42 9.42 21.71
N THR D 256 -15.25 10.66 22.16
CA THR D 256 -16.36 11.40 22.73
C THR D 256 -17.46 11.60 21.69
N LEU D 257 -17.08 11.92 20.47
CA LEU D 257 -18.06 12.07 19.39
C LEU D 257 -18.79 10.75 19.15
N VAL D 258 -18.05 9.64 19.14
CA VAL D 258 -18.59 8.35 18.74
C VAL D 258 -19.44 7.74 19.84
N TYR D 259 -18.94 7.73 21.09
CA TYR D 259 -19.61 7.05 22.19
C TYR D 259 -20.35 7.99 23.14
N GLY D 260 -20.21 9.29 22.98
CA GLY D 260 -20.81 10.24 23.90
C GLY D 260 -19.96 10.42 25.14
N GLY D 261 -20.37 11.36 25.98
CA GLY D 261 -19.61 11.61 27.20
C GLY D 261 -18.94 12.98 27.23
N ILE D 262 -17.85 13.10 27.97
CA ILE D 262 -17.26 14.40 28.25
C ILE D 262 -15.75 14.31 28.26
N PHE D 263 -15.10 15.32 27.68
CA PHE D 263 -13.66 15.45 27.63
C PHE D 263 -13.29 16.77 28.30
N LEU D 264 -12.31 16.75 29.20
CA LEU D 264 -11.98 17.95 29.94
C LEU D 264 -10.49 18.21 29.86
N TYR D 265 -10.13 19.44 29.51
CA TYR D 265 -8.79 19.98 29.73
C TYR D 265 -9.03 21.36 30.32
N PRO D 266 -9.37 21.42 31.60
CA PRO D 266 -9.86 22.67 32.20
C PRO D 266 -8.75 23.56 32.74
N ALA D 267 -9.14 24.81 33.01
CA ALA D 267 -8.26 25.75 33.69
C ALA D 267 -8.06 25.38 35.15
N ASN D 268 -6.95 25.81 35.73
CA ASN D 268 -6.74 25.74 37.16
C ASN D 268 -5.94 26.97 37.58
N LYS D 269 -5.52 27.00 38.85
CA LYS D 269 -4.80 28.18 39.36
C LYS D 269 -3.45 28.36 38.67
N LYS D 270 -2.70 27.27 38.48
CA LYS D 270 -1.42 27.34 37.81
C LYS D 270 -1.55 27.56 36.30
N SER D 271 -2.68 27.21 35.70
CA SER D 271 -2.91 27.34 34.26
C SER D 271 -4.29 27.96 34.08
N PRO D 272 -4.43 29.25 34.41
CA PRO D 272 -5.76 29.87 34.43
C PRO D 272 -6.41 29.96 33.07
N ASN D 273 -5.66 29.73 31.99
CA ASN D 273 -6.23 29.73 30.65
C ASN D 273 -6.23 28.34 30.01
N GLY D 274 -6.03 27.27 30.78
CA GLY D 274 -5.93 25.96 30.17
C GLY D 274 -4.58 25.71 29.55
N LYS D 275 -4.48 24.58 28.84
CA LYS D 275 -3.25 24.22 28.14
C LYS D 275 -3.42 24.09 26.63
N LEU D 276 -4.57 23.62 26.16
CA LEU D 276 -4.80 23.45 24.73
C LEU D 276 -4.91 24.80 24.04
N ARG D 277 -4.59 24.82 22.75
CA ARG D 277 -4.55 26.07 21.98
C ARG D 277 -5.90 26.33 21.32
N LEU D 278 -6.37 27.58 21.40
CA LEU D 278 -7.70 27.93 20.91
C LEU D 278 -7.83 27.80 19.40
N LEU D 279 -6.87 28.37 18.67
CA LEU D 279 -7.07 28.52 17.23
C LEU D 279 -7.10 27.19 16.51
N TYR D 280 -6.18 26.29 16.85
CA TYR D 280 -6.04 25.06 16.09
C TYR D 280 -6.28 23.79 16.90
N GLU D 281 -6.75 23.89 18.15
CA GLU D 281 -7.20 22.72 18.88
C GLU D 281 -8.65 22.87 19.37
N CYS D 282 -8.93 23.88 20.19
CA CYS D 282 -10.23 23.99 20.83
C CYS D 282 -11.31 24.39 19.82
N ASN D 283 -11.10 25.48 19.08
CA ASN D 283 -12.12 25.93 18.12
C ASN D 283 -12.49 24.88 17.08
N PRO D 284 -11.56 24.22 16.38
CA PRO D 284 -12.00 23.16 15.45
C PRO D 284 -12.81 22.07 16.14
N MET D 285 -12.36 21.56 17.28
CA MET D 285 -13.11 20.52 17.98
C MET D 285 -14.45 21.05 18.50
N ALA D 286 -14.47 22.29 19.02
CA ALA D 286 -15.72 22.89 19.45
C ALA D 286 -16.68 23.00 18.28
N TYR D 287 -16.18 23.41 17.12
CA TYR D 287 -17.05 23.53 15.95
C TYR D 287 -17.63 22.17 15.60
N VAL D 288 -16.78 21.15 15.60
CA VAL D 288 -17.28 19.80 15.29
C VAL D 288 -18.34 19.39 16.28
N MET D 289 -18.05 19.59 17.57
CA MET D 289 -19.02 19.26 18.61
C MET D 289 -20.35 19.99 18.39
N GLU D 290 -20.30 21.30 18.10
CA GLU D 290 -21.56 22.03 17.97
C GLU D 290 -22.36 21.56 16.77
N LYS D 291 -21.69 21.31 15.64
CA LYS D 291 -22.39 20.76 14.48
C LYS D 291 -22.93 19.37 14.74
N ALA D 292 -22.39 18.66 15.75
CA ALA D 292 -22.87 17.33 16.09
C ALA D 292 -23.94 17.35 17.18
N GLY D 293 -24.42 18.53 17.57
CA GLY D 293 -25.36 18.63 18.67
C GLY D 293 -24.72 18.58 20.03
N GLY D 294 -23.39 18.75 20.10
CA GLY D 294 -22.68 18.76 21.35
C GLY D 294 -22.44 20.16 21.88
N MET D 295 -21.58 20.24 22.89
CA MET D 295 -21.26 21.51 23.52
C MET D 295 -19.78 21.59 23.77
N ALA D 296 -19.28 22.82 23.89
CA ALA D 296 -17.87 23.06 24.16
C ALA D 296 -17.74 24.40 24.88
N THR D 297 -17.23 24.39 26.11
CA THR D 297 -17.19 25.56 26.96
C THR D 297 -15.80 25.72 27.55
N THR D 298 -15.44 26.95 27.90
CA THR D 298 -14.25 27.20 28.69
C THR D 298 -14.51 27.07 30.18
N GLY D 299 -15.76 26.89 30.57
CA GLY D 299 -16.20 27.09 31.93
C GLY D 299 -17.00 28.38 32.02
N LYS D 300 -16.45 29.48 31.50
CA LYS D 300 -17.15 30.77 31.55
C LYS D 300 -17.98 31.08 30.31
N GLU D 301 -17.66 30.51 29.14
CA GLU D 301 -18.38 30.82 27.91
C GLU D 301 -18.10 29.73 26.89
N ALA D 302 -18.85 29.78 25.79
CA ALA D 302 -18.59 28.85 24.69
C ALA D 302 -17.22 29.14 24.09
N VAL D 303 -16.49 28.04 23.79
CA VAL D 303 -15.17 28.14 23.16
C VAL D 303 -15.25 29.00 21.90
N LEU D 304 -16.27 28.79 21.09
CA LEU D 304 -16.45 29.46 19.81
C LEU D 304 -16.74 30.95 19.96
N ASP D 305 -17.08 31.42 21.16
CA ASP D 305 -17.34 32.84 21.37
C ASP D 305 -16.11 33.60 21.85
N VAL D 306 -15.05 32.90 22.25
CA VAL D 306 -13.83 33.57 22.66
C VAL D 306 -13.26 34.35 21.48
N ILE D 307 -12.94 35.62 21.71
CA ILE D 307 -12.30 36.46 20.71
C ILE D 307 -10.79 36.42 20.99
N PRO D 308 -9.99 35.78 20.15
CA PRO D 308 -8.57 35.64 20.45
C PRO D 308 -7.80 36.94 20.25
N THR D 309 -6.70 37.07 20.98
CA THR D 309 -5.78 38.18 20.84
C THR D 309 -4.38 37.74 20.42
N ASP D 310 -4.12 36.43 20.41
CA ASP D 310 -2.82 35.82 20.15
C ASP D 310 -3.06 34.51 19.42
N ILE D 311 -2.34 34.28 18.31
CA ILE D 311 -2.61 33.08 17.53
C ILE D 311 -2.26 31.82 18.32
N HIS D 312 -1.39 31.92 19.33
CA HIS D 312 -1.03 30.76 20.15
C HIS D 312 -1.66 30.80 21.53
N GLN D 313 -2.72 31.58 21.73
CA GLN D 313 -3.29 31.68 23.06
C GLN D 313 -3.96 30.37 23.46
N ARG D 314 -3.97 30.11 24.75
CA ARG D 314 -4.57 28.92 25.29
C ARG D 314 -6.01 29.15 25.68
N ALA D 315 -6.75 28.05 25.79
CA ALA D 315 -8.10 28.15 26.27
C ALA D 315 -8.41 26.88 27.07
N PRO D 316 -9.15 26.98 28.17
CA PRO D 316 -9.69 25.78 28.79
C PRO D 316 -10.81 25.23 27.92
N VAL D 317 -11.01 23.91 27.97
CA VAL D 317 -12.05 23.31 27.13
C VAL D 317 -12.70 22.14 27.85
N ILE D 318 -14.03 22.17 27.91
CA ILE D 318 -14.84 21.02 28.32
C ILE D 318 -15.86 20.82 27.21
N LEU D 319 -15.88 19.60 26.65
CA LEU D 319 -16.74 19.36 25.50
C LEU D 319 -17.30 17.95 25.56
N GLY D 320 -18.37 17.76 24.79
CA GLY D 320 -18.96 16.45 24.65
C GLY D 320 -20.47 16.49 24.66
N SER D 321 -21.08 15.47 25.25
CA SER D 321 -22.52 15.35 25.25
C SER D 321 -23.15 16.55 25.98
N PRO D 322 -24.25 17.09 25.47
CA PRO D 322 -24.80 18.32 26.07
C PRO D 322 -25.24 18.15 27.51
N ASP D 323 -25.91 17.04 27.85
CA ASP D 323 -26.30 16.82 29.24
C ASP D 323 -25.08 16.80 30.15
N ASP D 324 -23.98 16.19 29.68
CA ASP D 324 -22.78 16.13 30.52
C ASP D 324 -22.10 17.48 30.66
N VAL D 325 -22.00 18.25 29.57
CA VAL D 325 -21.36 19.55 29.66
C VAL D 325 -22.20 20.51 30.52
N LEU D 326 -23.52 20.43 30.40
CA LEU D 326 -24.38 21.25 31.25
C LEU D 326 -24.26 20.89 32.72
N GLU D 327 -24.17 19.59 33.01
CA GLU D 327 -23.95 19.15 34.40
C GLU D 327 -22.62 19.66 34.93
N PHE D 328 -21.58 19.66 34.09
CA PHE D 328 -20.31 20.21 34.53
C PHE D 328 -20.47 21.69 34.84
N LEU D 329 -21.20 22.42 34.00
CA LEU D 329 -21.37 23.85 34.21
C LEU D 329 -22.18 24.14 35.45
N LYS D 330 -23.12 23.26 35.80
CA LYS D 330 -23.81 23.38 37.09
C LYS D 330 -22.82 23.37 38.24
N VAL D 331 -21.91 22.39 38.26
CA VAL D 331 -20.90 22.32 39.31
C VAL D 331 -19.96 23.51 39.23
N TYR D 332 -19.53 23.89 38.03
CA TYR D 332 -18.62 25.02 37.89
C TYR D 332 -19.23 26.29 38.45
N GLU D 333 -20.50 26.55 38.15
CA GLU D 333 -21.16 27.76 38.66
C GLU D 333 -21.26 27.73 40.18
N LYS D 334 -21.44 26.54 40.76
CA LYS D 334 -21.50 26.41 42.21
C LYS D 334 -20.23 26.90 42.89
N HIS D 335 -19.05 26.61 42.32
CA HIS D 335 -17.79 27.10 42.86
C HIS D 335 -17.34 28.44 42.29
N SER D 336 -18.19 29.16 41.58
CA SER D 336 -17.75 30.44 41.00
C SER D 336 -17.97 31.61 41.95
C5 94G E . 16.25 -25.78 7.47
C6 94G E . 17.85 -25.41 1.71
C9 94G E . 15.49 -24.61 7.59
C3 94G E . 17.43 -25.24 5.32
C15 94G E . 15.59 -26.51 9.54
C14 94G E . 14.75 -24.45 8.75
C13 94G E . 16.79 -24.56 1.42
C12 94G E . 18.12 -26.50 0.91
C16 94G E . 16.23 -25.94 -0.44
C17 94G E . 14.78 -25.40 9.75
C18 94G E . 15.98 -24.83 0.34
C19 94G E . 17.29 -26.77 -0.17
N10 94G E . 16.31 -26.72 8.43
N2 94G E . 18.30 -25.80 4.39
N4 94G E . 17.07 -26.05 6.37
O11 94G E . 17.01 -24.10 5.17
O7 94G E . 18.86 -23.63 3.30
O8 94G E . 20.17 -25.68 2.82
S1 94G E . 18.90 -25.05 3.06
BR20 94G E . 13.68 -22.90 8.94
CL21 94G E . 15.19 -26.28 -1.81
C5 94G F . -15.97 24.25 -11.73
C6 94G F . -14.88 21.52 -16.97
C9 94G F . -15.30 23.39 -10.85
C3 94G F . -16.08 22.78 -13.79
C15 94G F . -16.35 25.78 -10.06
C14 94G F . -15.15 23.82 -9.55
C13 94G F . -13.95 20.64 -16.46
C12 94G F . -14.61 22.30 -18.09
C16 94G F . -12.42 21.36 -18.14
C17 94G F . -15.68 25.02 -9.12
C18 94G F . -12.69 20.56 -17.05
C19 94G F . -13.36 22.22 -18.67
N10 94G F . -16.52 25.41 -11.34
N2 94G F . -16.50 22.82 -15.14
N4 94G F . -16.25 23.94 -13.08
O11 94G F . -15.58 21.75 -13.33
O7 94G F . -16.68 20.37 -15.51
O8 94G F . -17.42 21.96 -17.26
S1 94G F . -16.48 21.59 -16.25
BR20 94G F . -14.20 22.73 -8.30
CL21 94G F . -10.85 21.27 -18.88
C5 94G G . 16.87 -23.59 12.01
C6 94G G . 14.10 -22.00 17.02
C9 94G G . 16.48 -22.50 11.23
C3 94G G . 15.23 -23.37 13.90
C15 94G G . 18.21 -24.40 10.34
C14 94G G . 17.04 -22.40 9.97
C13 94G G . 13.76 -20.74 16.53
C12 94G G . 14.74 -22.13 18.24
C16 94G G . 14.75 -19.76 18.47
C17 94G G . 17.92 -23.35 9.50
C18 94G G . 14.11 -19.61 17.26
C19 94G G . 15.08 -21.01 18.96
N10 94G G . 17.71 -24.55 11.56
N2 94G G . 14.98 -23.86 15.20
N4 94G G . 16.36 -23.84 13.29
O11 94G G . 14.48 -22.56 13.37
O7 94G G . 12.63 -23.10 15.17
O8 94G G . 13.46 -24.51 17.03
S1 94G G . 13.67 -23.44 16.11
BR20 94G G . 16.58 -20.91 8.86
CL21 94G G . 15.19 -18.35 19.40
C5 94G H . -18.97 24.81 -7.50
C6 94G H . -17.96 25.55 -1.64
C9 94G H . -18.32 23.60 -7.76
C3 94G H . -17.92 25.39 -5.29
C15 94G H . -19.85 24.88 -9.61
C14 94G H . -18.50 23.06 -9.01
C13 94G H . -17.56 24.26 -1.29
C12 94G H . -18.98 26.17 -0.95
C16 94G H . -19.24 24.23 0.39
C17 94G H . -19.27 23.69 -9.96
C18 94G H . -18.21 23.60 -0.26
C19 94G H . -19.64 25.50 0.07
N10 94G H . -19.70 25.46 -8.41
N2 94G H . -18.07 26.27 -4.26
N4 94G H . -18.84 25.51 -6.30
O11 94G H . -17.05 24.53 -5.27
O7 94G H . -15.87 25.73 -3.16
O8 94G H . -17.14 27.79 -2.60
S1 94G H . -17.13 26.39 -2.92
BR20 94G H . -17.68 21.40 -9.42
CL21 94G H . -20.05 23.39 1.68
#